data_7BPM
#
_entry.id   7BPM
#
_entity_poly.entity_id   1
_entity_poly.type   'polypeptide(L)'
_entity_poly.pdbx_seq_one_letter_code
;GTEIELESKNGQREHYTATSEDEARKIIEKAVRRGIKRIELRGASEQLIRDMQEIAKQIGLQYRTDGSLEHHHHHH
;
_entity_poly.pdbx_strand_id   A
#
# COMPACT_ATOMS: atom_id res chain seq x y z
N GLY A 1 11.00 1.66 6.58
CA GLY A 1 11.24 0.51 5.71
C GLY A 1 9.97 -0.29 5.50
N THR A 2 9.37 -0.17 4.31
CA THR A 2 8.09 -0.81 3.91
C THR A 2 8.29 -1.64 2.65
N GLU A 3 7.73 -2.85 2.57
CA GLU A 3 7.80 -3.72 1.39
C GLU A 3 6.48 -3.64 0.61
N ILE A 4 6.57 -3.63 -0.72
CA ILE A 4 5.42 -3.41 -1.62
C ILE A 4 5.43 -4.45 -2.74
N GLU A 5 4.28 -5.06 -2.99
CA GLU A 5 4.02 -5.95 -4.14
C GLU A 5 2.89 -5.36 -4.98
N LEU A 6 2.95 -5.49 -6.31
CA LEU A 6 1.86 -5.17 -7.22
C LEU A 6 1.74 -6.16 -8.38
N GLU A 7 0.50 -6.54 -8.74
CA GLU A 7 0.21 -7.46 -9.85
C GLU A 7 -0.85 -6.89 -10.80
N SER A 8 -0.56 -6.97 -12.10
CA SER A 8 -1.37 -6.45 -13.21
C SER A 8 -2.44 -7.44 -13.71
N LYS A 9 -3.47 -6.90 -14.39
CA LYS A 9 -4.46 -7.68 -15.16
C LYS A 9 -3.82 -8.48 -16.30
N ASN A 10 -2.60 -8.11 -16.71
CA ASN A 10 -1.74 -8.83 -17.65
C ASN A 10 -1.12 -10.13 -17.04
N GLY A 11 -1.31 -10.41 -15.75
CA GLY A 11 -0.70 -11.56 -15.06
C GLY A 11 0.79 -11.38 -14.74
N GLN A 12 1.26 -10.14 -14.69
CA GLN A 12 2.66 -9.76 -14.42
C GLN A 12 2.76 -8.99 -13.09
N ARG A 13 3.76 -9.30 -12.26
CA ARG A 13 3.95 -8.72 -10.92
C ARG A 13 5.37 -8.20 -10.65
N GLU A 14 5.47 -7.22 -9.75
CA GLU A 14 6.72 -6.55 -9.39
C GLU A 14 6.81 -6.28 -7.87
N HIS A 15 8.04 -6.28 -7.34
CA HIS A 15 8.35 -6.03 -5.94
C HIS A 15 9.22 -4.78 -5.76
N TYR A 16 8.91 -3.97 -4.74
CA TYR A 16 9.57 -2.70 -4.41
C TYR A 16 9.82 -2.57 -2.90
N THR A 17 10.89 -1.87 -2.50
CA THR A 17 11.15 -1.46 -1.11
C THR A 17 11.14 0.06 -1.01
N ALA A 18 10.39 0.59 -0.04
CA ALA A 18 10.28 2.02 0.27
C ALA A 18 11.00 2.34 1.59
N THR A 19 11.82 3.39 1.60
CA THR A 19 12.57 3.80 2.80
C THR A 19 11.68 4.49 3.83
N SER A 20 10.65 5.22 3.37
CA SER A 20 9.70 5.99 4.19
C SER A 20 8.32 6.05 3.53
N GLU A 21 7.32 6.55 4.26
CA GLU A 21 5.92 6.70 3.81
C GLU A 21 5.78 7.60 2.57
N ASP A 22 6.70 8.55 2.37
CA ASP A 22 6.75 9.41 1.18
C ASP A 22 7.27 8.69 -0.07
N GLU A 23 8.12 7.68 0.07
CA GLU A 23 8.54 6.80 -1.03
C GLU A 23 7.44 5.77 -1.34
N ALA A 24 6.79 5.21 -0.31
CA ALA A 24 5.79 4.17 -0.48
C ALA A 24 4.56 4.63 -1.28
N ARG A 25 4.02 5.81 -0.96
CA ARG A 25 2.90 6.43 -1.72
C ARG A 25 3.21 6.67 -3.18
N LYS A 26 4.48 6.98 -3.50
CA LYS A 26 4.98 7.14 -4.88
C LYS A 26 5.04 5.82 -5.64
N ILE A 27 5.32 4.68 -4.99
CA ILE A 27 5.20 3.36 -5.63
C ILE A 27 3.73 3.02 -5.92
N ILE A 28 2.81 3.38 -5.02
CA ILE A 28 1.38 3.05 -5.15
C ILE A 28 0.76 3.88 -6.27
N GLU A 29 1.01 5.20 -6.30
CA GLU A 29 0.45 6.09 -7.31
C GLU A 29 0.97 5.76 -8.74
N LYS A 30 2.22 5.28 -8.83
CA LYS A 30 2.83 4.75 -10.05
C LYS A 30 2.29 3.39 -10.48
N ALA A 31 1.67 2.65 -9.57
CA ALA A 31 1.01 1.39 -9.86
C ALA A 31 -0.45 1.57 -10.31
N VAL A 32 -1.24 2.36 -9.57
CA VAL A 32 -2.66 2.55 -9.87
C VAL A 32 -2.91 3.21 -11.22
N ARG A 33 -1.98 4.06 -11.70
CA ARG A 33 -2.04 4.65 -13.05
C ARG A 33 -2.07 3.59 -14.16
N ARG A 34 -1.46 2.42 -13.91
CA ARG A 34 -1.30 1.35 -14.90
C ARG A 34 -2.54 0.44 -15.00
N GLY A 35 -3.44 0.52 -14.02
CA GLY A 35 -4.56 -0.42 -13.90
C GLY A 35 -4.19 -1.73 -13.18
N ILE A 36 -3.21 -1.67 -12.28
CA ILE A 36 -2.83 -2.77 -11.36
C ILE A 36 -4.07 -3.32 -10.65
N LYS A 37 -4.14 -4.64 -10.52
CA LYS A 37 -5.30 -5.37 -9.98
C LYS A 37 -5.18 -5.61 -8.47
N ARG A 38 -3.97 -5.98 -8.01
CA ARG A 38 -3.64 -6.29 -6.61
C ARG A 38 -2.42 -5.50 -6.15
N ILE A 39 -2.46 -5.02 -4.91
CA ILE A 39 -1.36 -4.34 -4.21
C ILE A 39 -1.18 -4.96 -2.83
N GLU A 40 0.07 -5.14 -2.38
CA GLU A 40 0.40 -5.53 -1.01
C GLU A 40 1.28 -4.48 -0.34
N LEU A 41 0.98 -4.14 0.91
CA LEU A 41 1.81 -3.29 1.77
C LEU A 41 2.21 -4.06 3.03
N ARG A 42 3.50 -4.05 3.38
CA ARG A 42 4.06 -4.78 4.54
C ARG A 42 5.04 -3.92 5.33
N GLY A 43 4.90 -3.92 6.65
CA GLY A 43 5.62 -2.99 7.53
C GLY A 43 5.18 -1.52 7.42
N ALA A 44 3.99 -1.27 6.85
CA ALA A 44 3.43 0.06 6.65
C ALA A 44 2.93 0.72 7.94
N SER A 45 3.10 2.04 8.06
CA SER A 45 2.58 2.87 9.15
C SER A 45 1.10 3.20 8.97
N GLU A 46 0.38 3.52 10.06
CA GLU A 46 -1.08 3.65 10.03
C GLU A 46 -1.60 4.76 9.09
N GLN A 47 -0.87 5.87 8.94
CA GLN A 47 -1.25 6.93 8.02
C GLN A 47 -1.05 6.50 6.56
N LEU A 48 0.08 5.87 6.23
CA LEU A 48 0.32 5.31 4.90
C LEU A 48 -0.72 4.24 4.54
N ILE A 49 -1.10 3.39 5.49
CA ILE A 49 -2.14 2.38 5.30
C ILE A 49 -3.48 3.05 4.97
N ARG A 50 -3.90 4.08 5.72
CA ARG A 50 -5.14 4.83 5.44
C ARG A 50 -5.09 5.56 4.11
N ASP A 51 -3.94 6.12 3.73
CA ASP A 51 -3.71 6.83 2.48
C ASP A 51 -3.79 5.89 1.26
N MET A 52 -3.17 4.72 1.37
CA MET A 52 -3.25 3.64 0.37
C MET A 52 -4.67 3.07 0.27
N GLN A 53 -5.32 2.83 1.40
CA GLN A 53 -6.70 2.31 1.47
C GLN A 53 -7.73 3.28 0.89
N GLU A 54 -7.56 4.59 1.10
CA GLU A 54 -8.42 5.62 0.51
C GLU A 54 -8.35 5.62 -1.04
N ILE A 55 -7.17 5.35 -1.62
CA ILE A 55 -7.03 5.18 -3.07
C ILE A 55 -7.65 3.85 -3.52
N ALA A 56 -7.28 2.75 -2.85
CA ALA A 56 -7.63 1.40 -3.28
C ALA A 56 -9.15 1.14 -3.21
N LYS A 57 -9.83 1.72 -2.23
CA LYS A 57 -11.29 1.58 -2.05
C LYS A 57 -12.07 2.37 -3.11
N GLN A 58 -11.53 3.50 -3.57
CA GLN A 58 -12.13 4.30 -4.64
C GLN A 58 -11.92 3.71 -6.04
N ILE A 59 -10.80 3.00 -6.27
CA ILE A 59 -10.51 2.31 -7.53
C ILE A 59 -11.12 0.90 -7.59
N GLY A 60 -11.41 0.32 -6.42
CA GLY A 60 -11.85 -1.08 -6.25
C GLY A 60 -10.71 -2.10 -6.35
N LEU A 61 -9.46 -1.64 -6.22
CA LEU A 61 -8.25 -2.45 -6.31
C LEU A 61 -8.15 -3.41 -5.12
N GLN A 62 -7.78 -4.66 -5.39
CA GLN A 62 -7.66 -5.71 -4.39
C GLN A 62 -6.38 -5.55 -3.54
N TYR A 63 -6.36 -4.59 -2.63
CA TYR A 63 -5.25 -4.35 -1.72
C TYR A 63 -5.19 -5.39 -0.58
N ARG A 64 -3.99 -5.61 -0.03
CA ARG A 64 -3.73 -6.38 1.20
C ARG A 64 -2.75 -5.65 2.12
N THR A 65 -3.03 -5.66 3.42
CA THR A 65 -2.22 -4.99 4.45
C THR A 65 -1.62 -6.01 5.42
N ASP A 66 -0.29 -6.05 5.49
CA ASP A 66 0.51 -6.80 6.49
C ASP A 66 1.47 -5.87 7.27
N GLY A 67 1.07 -4.60 7.44
CA GLY A 67 1.74 -3.59 8.27
C GLY A 67 1.11 -3.42 9.64
N SER A 68 0.81 -2.17 9.99
CA SER A 68 0.34 -1.64 11.28
C SER A 68 1.39 -1.74 12.39
N LEU A 69 1.65 -0.58 13.03
CA LEU A 69 2.65 -0.41 14.08
C LEU A 69 1.96 0.15 15.34
N GLU A 70 2.08 -0.56 16.46
CA GLU A 70 1.42 -0.24 17.74
C GLU A 70 2.30 0.62 18.67
N HIS A 71 1.66 1.29 19.63
CA HIS A 71 2.30 2.19 20.61
C HIS A 71 3.13 3.31 19.93
N HIS A 72 4.08 3.92 20.64
CA HIS A 72 5.10 4.85 20.14
C HIS A 72 4.60 6.18 19.54
N HIS A 73 3.32 6.51 19.70
CA HIS A 73 2.75 7.83 19.38
C HIS A 73 3.13 8.87 20.46
N HIS A 74 3.12 8.44 21.74
CA HIS A 74 3.31 9.27 22.94
C HIS A 74 2.31 10.45 23.07
N HIS A 75 2.48 11.27 24.09
CA HIS A 75 1.66 12.47 24.37
C HIS A 75 2.53 13.72 24.57
N HIS A 76 1.99 14.88 24.21
CA HIS A 76 2.66 16.20 24.20
C HIS A 76 1.67 17.36 24.40
N GLY A 1 12.11 -0.42 6.88
CA GLY A 1 11.25 0.21 5.87
C GLY A 1 9.99 -0.62 5.58
N THR A 2 9.39 -0.41 4.41
CA THR A 2 8.14 -1.03 3.96
C THR A 2 8.36 -1.78 2.64
N GLU A 3 7.88 -3.03 2.52
CA GLU A 3 7.86 -3.76 1.25
C GLU A 3 6.54 -3.50 0.51
N ILE A 4 6.60 -3.43 -0.82
CA ILE A 4 5.45 -3.16 -1.67
C ILE A 4 5.44 -4.15 -2.85
N GLU A 5 4.30 -4.79 -3.08
CA GLU A 5 4.06 -5.68 -4.22
C GLU A 5 2.94 -5.08 -5.09
N LEU A 6 2.99 -5.28 -6.41
CA LEU A 6 1.88 -4.96 -7.30
C LEU A 6 1.74 -5.99 -8.43
N GLU A 7 0.52 -6.39 -8.74
CA GLU A 7 0.19 -7.39 -9.76
C GLU A 7 -0.84 -6.84 -10.76
N SER A 8 -0.52 -6.98 -12.05
CA SER A 8 -1.32 -6.51 -13.18
C SER A 8 -2.44 -7.49 -13.56
N LYS A 9 -3.48 -6.97 -14.24
CA LYS A 9 -4.56 -7.76 -14.88
C LYS A 9 -4.03 -8.79 -15.89
N ASN A 10 -2.82 -8.56 -16.42
CA ASN A 10 -2.11 -9.47 -17.32
C ASN A 10 -1.50 -10.71 -16.62
N GLY A 11 -1.52 -10.78 -15.28
CA GLY A 11 -1.01 -11.92 -14.50
C GLY A 11 0.48 -11.85 -14.13
N GLN A 12 1.06 -10.65 -14.12
CA GLN A 12 2.49 -10.40 -13.83
C GLN A 12 2.64 -9.44 -12.65
N ARG A 13 3.67 -9.64 -11.80
CA ARG A 13 3.90 -8.86 -10.57
C ARG A 13 5.32 -8.30 -10.43
N GLU A 14 5.44 -7.20 -9.70
CA GLU A 14 6.69 -6.47 -9.43
C GLU A 14 6.80 -6.10 -7.93
N HIS A 15 8.05 -5.95 -7.45
CA HIS A 15 8.39 -5.77 -6.03
C HIS A 15 9.30 -4.56 -5.80
N TYR A 16 9.01 -3.80 -4.74
CA TYR A 16 9.67 -2.53 -4.39
C TYR A 16 9.87 -2.39 -2.87
N THR A 17 10.89 -1.63 -2.47
CA THR A 17 11.14 -1.25 -1.07
C THR A 17 11.04 0.27 -0.91
N ALA A 18 10.30 0.73 0.10
CA ALA A 18 10.14 2.12 0.48
C ALA A 18 10.81 2.41 1.84
N THR A 19 11.55 3.52 1.91
CA THR A 19 12.26 3.97 3.13
C THR A 19 11.36 4.72 4.10
N SER A 20 10.39 5.48 3.56
CA SER A 20 9.45 6.34 4.27
C SER A 20 8.05 6.29 3.64
N GLU A 21 7.04 6.80 4.36
CA GLU A 21 5.65 6.91 3.89
C GLU A 21 5.49 7.77 2.62
N ASP A 22 6.41 8.72 2.40
CA ASP A 22 6.49 9.53 1.19
C ASP A 22 7.06 8.77 -0.02
N GLU A 23 7.95 7.79 0.19
CA GLU A 23 8.44 6.90 -0.86
C GLU A 23 7.39 5.83 -1.21
N ALA A 24 6.67 5.33 -0.18
CA ALA A 24 5.66 4.27 -0.34
C ALA A 24 4.47 4.73 -1.22
N ARG A 25 3.91 5.91 -0.95
CA ARG A 25 2.82 6.49 -1.75
C ARG A 25 3.17 6.70 -3.23
N LYS A 26 4.44 6.99 -3.50
CA LYS A 26 4.99 7.15 -4.87
C LYS A 26 5.04 5.84 -5.65
N ILE A 27 5.24 4.68 -4.99
CA ILE A 27 5.10 3.37 -5.65
C ILE A 27 3.62 3.09 -5.98
N ILE A 28 2.69 3.46 -5.09
CA ILE A 28 1.25 3.18 -5.25
C ILE A 28 0.68 4.03 -6.39
N GLU A 29 0.93 5.35 -6.39
CA GLU A 29 0.40 6.29 -7.39
C GLU A 29 0.92 5.97 -8.80
N LYS A 30 2.17 5.48 -8.90
CA LYS A 30 2.78 5.00 -10.14
C LYS A 30 2.27 3.64 -10.59
N ALA A 31 1.73 2.85 -9.67
CA ALA A 31 1.11 1.57 -9.98
C ALA A 31 -0.34 1.71 -10.47
N VAL A 32 -1.16 2.52 -9.78
CA VAL A 32 -2.60 2.64 -10.11
C VAL A 32 -2.86 3.21 -11.51
N ARG A 33 -1.98 4.08 -12.02
CA ARG A 33 -2.05 4.60 -13.40
C ARG A 33 -1.92 3.52 -14.48
N ARG A 34 -1.18 2.43 -14.15
CA ARG A 34 -0.90 1.29 -15.04
C ARG A 34 -2.08 0.30 -15.09
N GLY A 35 -3.10 0.49 -14.24
CA GLY A 35 -4.28 -0.39 -14.18
C GLY A 35 -4.03 -1.67 -13.37
N ILE A 36 -3.12 -1.60 -12.39
CA ILE A 36 -2.78 -2.67 -11.46
C ILE A 36 -4.04 -3.19 -10.75
N LYS A 37 -4.14 -4.51 -10.59
CA LYS A 37 -5.29 -5.19 -10.01
C LYS A 37 -5.16 -5.39 -8.50
N ARG A 38 -3.98 -5.78 -8.04
CA ARG A 38 -3.64 -6.09 -6.63
C ARG A 38 -2.41 -5.30 -6.19
N ILE A 39 -2.43 -4.79 -4.96
CA ILE A 39 -1.31 -4.11 -4.29
C ILE A 39 -1.11 -4.76 -2.91
N GLU A 40 0.14 -4.99 -2.53
CA GLU A 40 0.51 -5.40 -1.17
C GLU A 40 1.38 -4.35 -0.52
N LEU A 41 1.20 -4.12 0.78
CA LEU A 41 2.10 -3.31 1.60
C LEU A 41 2.40 -4.00 2.92
N ARG A 42 3.69 -4.22 3.23
CA ARG A 42 4.18 -5.02 4.36
C ARG A 42 5.13 -4.22 5.24
N GLY A 43 4.93 -4.26 6.56
CA GLY A 43 5.63 -3.37 7.50
C GLY A 43 5.28 -1.88 7.34
N ALA A 44 4.08 -1.59 6.81
CA ALA A 44 3.61 -0.24 6.55
C ALA A 44 3.20 0.51 7.84
N SER A 45 3.38 1.84 7.85
CA SER A 45 2.92 2.72 8.94
C SER A 45 1.42 3.03 8.81
N GLU A 46 0.75 3.32 9.93
CA GLU A 46 -0.71 3.41 9.99
C GLU A 46 -1.29 4.50 9.08
N GLN A 47 -0.62 5.65 8.91
CA GLN A 47 -1.13 6.70 8.02
C GLN A 47 -0.97 6.32 6.55
N LEU A 48 0.15 5.72 6.15
CA LEU A 48 0.34 5.19 4.79
C LEU A 48 -0.71 4.12 4.45
N ILE A 49 -1.07 3.28 5.43
CA ILE A 49 -2.15 2.30 5.27
C ILE A 49 -3.50 3.00 5.01
N ARG A 50 -3.86 4.07 5.74
CA ARG A 50 -5.09 4.85 5.46
C ARG A 50 -5.05 5.53 4.10
N ASP A 51 -3.90 6.08 3.70
CA ASP A 51 -3.69 6.68 2.38
C ASP A 51 -3.92 5.66 1.25
N MET A 52 -3.35 4.46 1.37
CA MET A 52 -3.50 3.39 0.39
C MET A 52 -4.93 2.84 0.38
N GLN A 53 -5.56 2.65 1.55
CA GLN A 53 -6.96 2.25 1.68
C GLN A 53 -7.94 3.21 0.99
N GLU A 54 -7.72 4.52 1.11
CA GLU A 54 -8.57 5.53 0.46
C GLU A 54 -8.46 5.46 -1.07
N ILE A 55 -7.27 5.21 -1.61
CA ILE A 55 -7.05 5.00 -3.05
C ILE A 55 -7.71 3.68 -3.49
N ALA A 56 -7.53 2.62 -2.72
CA ALA A 56 -8.01 1.27 -3.03
C ALA A 56 -9.54 1.20 -3.08
N LYS A 57 -10.21 1.98 -2.21
CA LYS A 57 -11.67 2.07 -2.14
C LYS A 57 -12.27 2.83 -3.33
N GLN A 58 -11.58 3.89 -3.78
CA GLN A 58 -11.99 4.69 -4.94
C GLN A 58 -11.83 3.95 -6.28
N ILE A 59 -10.79 3.13 -6.41
CA ILE A 59 -10.47 2.39 -7.65
C ILE A 59 -11.11 0.98 -7.66
N GLY A 60 -11.43 0.45 -6.48
CA GLY A 60 -11.84 -0.95 -6.29
C GLY A 60 -10.68 -1.94 -6.41
N LEU A 61 -9.45 -1.48 -6.17
CA LEU A 61 -8.21 -2.26 -6.29
C LEU A 61 -8.09 -3.25 -5.13
N GLN A 62 -7.67 -4.48 -5.44
CA GLN A 62 -7.55 -5.62 -4.51
C GLN A 62 -6.33 -5.49 -3.59
N TYR A 63 -6.30 -4.48 -2.71
CA TYR A 63 -5.21 -4.25 -1.77
C TYR A 63 -5.14 -5.29 -0.64
N ARG A 64 -3.94 -5.49 -0.09
CA ARG A 64 -3.64 -6.27 1.12
C ARG A 64 -2.61 -5.57 1.99
N THR A 65 -2.86 -5.50 3.29
CA THR A 65 -1.92 -4.94 4.27
C THR A 65 -1.39 -6.02 5.23
N ASP A 66 -0.07 -6.09 5.36
CA ASP A 66 0.68 -6.91 6.34
C ASP A 66 1.63 -6.02 7.18
N GLY A 67 1.09 -4.97 7.80
CA GLY A 67 1.85 -3.94 8.53
C GLY A 67 1.20 -3.50 9.84
N SER A 68 1.15 -2.18 10.02
CA SER A 68 0.81 -1.42 11.24
C SER A 68 1.87 -1.57 12.35
N LEU A 69 2.04 -0.51 13.15
CA LEU A 69 3.05 -0.40 14.21
C LEU A 69 2.53 0.51 15.35
N GLU A 70 1.84 -0.09 16.31
CA GLU A 70 1.24 0.63 17.45
C GLU A 70 2.33 1.22 18.37
N HIS A 71 2.20 2.50 18.72
CA HIS A 71 3.17 3.23 19.55
C HIS A 71 2.50 4.36 20.36
N HIS A 72 2.99 4.56 21.59
CA HIS A 72 2.51 5.53 22.60
C HIS A 72 1.01 5.39 23.01
N HIS A 73 0.62 6.07 24.09
CA HIS A 73 -0.76 6.08 24.62
C HIS A 73 -1.08 7.39 25.35
N HIS A 74 -1.30 8.48 24.59
CA HIS A 74 -1.79 9.75 25.13
C HIS A 74 -3.33 9.75 25.19
N HIS A 75 -3.89 9.66 26.40
CA HIS A 75 -5.32 9.71 26.66
C HIS A 75 -5.62 10.27 28.07
N HIS A 76 -6.66 11.10 28.20
CA HIS A 76 -7.15 11.69 29.46
C HIS A 76 -8.67 11.53 29.60
N GLY A 1 11.84 0.06 6.68
CA GLY A 1 10.93 0.69 5.69
C GLY A 1 9.70 -0.17 5.42
N THR A 2 9.09 0.00 4.25
CA THR A 2 7.91 -0.75 3.77
C THR A 2 8.28 -1.58 2.54
N GLU A 3 7.89 -2.86 2.49
CA GLU A 3 8.03 -3.70 1.30
C GLU A 3 6.71 -3.71 0.52
N ILE A 4 6.77 -3.65 -0.80
CA ILE A 4 5.61 -3.40 -1.67
C ILE A 4 5.59 -4.39 -2.83
N GLU A 5 4.41 -4.92 -3.15
CA GLU A 5 4.17 -5.71 -4.36
C GLU A 5 2.98 -5.14 -5.12
N LEU A 6 3.01 -5.24 -6.45
CA LEU A 6 1.89 -4.95 -7.35
C LEU A 6 1.72 -6.05 -8.40
N GLU A 7 0.48 -6.38 -8.74
CA GLU A 7 0.13 -7.35 -9.79
C GLU A 7 -0.85 -6.74 -10.81
N SER A 8 -0.54 -6.90 -12.10
CA SER A 8 -1.27 -6.35 -13.23
C SER A 8 -2.41 -7.26 -13.70
N LYS A 9 -3.40 -6.69 -14.39
CA LYS A 9 -4.52 -7.40 -15.04
C LYS A 9 -4.05 -8.46 -16.06
N ASN A 10 -2.83 -8.31 -16.59
CA ASN A 10 -2.18 -9.27 -17.49
C ASN A 10 -1.62 -10.54 -16.78
N GLY A 11 -1.65 -10.60 -15.45
CA GLY A 11 -1.21 -11.77 -14.67
C GLY A 11 0.26 -11.75 -14.24
N GLN A 12 0.90 -10.58 -14.19
CA GLN A 12 2.33 -10.40 -13.91
C GLN A 12 2.54 -9.46 -12.71
N ARG A 13 3.57 -9.73 -11.90
CA ARG A 13 3.85 -9.03 -10.63
C ARG A 13 5.24 -8.38 -10.56
N GLU A 14 5.37 -7.37 -9.70
CA GLU A 14 6.60 -6.62 -9.46
C GLU A 14 6.76 -6.26 -7.97
N HIS A 15 7.99 -6.33 -7.44
CA HIS A 15 8.31 -6.04 -6.03
C HIS A 15 9.26 -4.83 -5.87
N TYR A 16 9.01 -4.00 -4.85
CA TYR A 16 9.70 -2.76 -4.52
C TYR A 16 9.93 -2.60 -3.01
N THR A 17 10.94 -1.81 -2.62
CA THR A 17 11.17 -1.38 -1.22
C THR A 17 11.10 0.15 -1.11
N ALA A 18 10.39 0.66 -0.10
CA ALA A 18 10.24 2.08 0.23
C ALA A 18 10.90 2.41 1.57
N THR A 19 11.69 3.50 1.62
CA THR A 19 12.41 3.93 2.85
C THR A 19 11.49 4.58 3.89
N SER A 20 10.37 5.13 3.45
CA SER A 20 9.42 5.92 4.25
C SER A 20 8.06 6.00 3.55
N GLU A 21 7.03 6.46 4.25
CA GLU A 21 5.65 6.63 3.72
C GLU A 21 5.61 7.50 2.46
N ASP A 22 6.46 8.53 2.39
CA ASP A 22 6.58 9.40 1.21
C ASP A 22 7.11 8.67 -0.03
N GLU A 23 7.97 7.65 0.14
CA GLU A 23 8.41 6.82 -0.98
C GLU A 23 7.37 5.71 -1.29
N ALA A 24 6.69 5.19 -0.27
CA ALA A 24 5.67 4.15 -0.44
C ALA A 24 4.45 4.64 -1.23
N ARG A 25 3.95 5.85 -0.94
CA ARG A 25 2.83 6.47 -1.68
C ARG A 25 3.14 6.65 -3.17
N LYS A 26 4.40 6.93 -3.50
CA LYS A 26 4.87 7.02 -4.90
C LYS A 26 4.79 5.66 -5.60
N ILE A 27 5.16 4.56 -4.95
CA ILE A 27 5.06 3.23 -5.60
C ILE A 27 3.60 2.87 -5.88
N ILE A 28 2.66 3.31 -5.03
CA ILE A 28 1.22 3.08 -5.20
C ILE A 28 0.68 3.96 -6.34
N GLU A 29 0.99 5.26 -6.35
CA GLU A 29 0.49 6.19 -7.37
C GLU A 29 1.09 5.88 -8.77
N LYS A 30 2.34 5.38 -8.79
CA LYS A 30 3.03 4.86 -9.99
C LYS A 30 2.45 3.53 -10.46
N ALA A 31 1.77 2.79 -9.58
CA ALA A 31 1.09 1.55 -9.92
C ALA A 31 -0.32 1.77 -10.46
N VAL A 32 -1.14 2.60 -9.81
CA VAL A 32 -2.54 2.82 -10.22
C VAL A 32 -2.68 3.46 -11.60
N ARG A 33 -1.70 4.28 -12.04
CA ARG A 33 -1.68 4.84 -13.41
C ARG A 33 -1.59 3.76 -14.50
N ARG A 34 -0.96 2.62 -14.17
CA ARG A 34 -0.71 1.47 -15.06
C ARG A 34 -1.91 0.52 -15.15
N GLY A 35 -2.94 0.71 -14.30
CA GLY A 35 -4.09 -0.19 -14.22
C GLY A 35 -3.82 -1.46 -13.41
N ILE A 36 -2.89 -1.40 -12.44
CA ILE A 36 -2.61 -2.48 -11.48
C ILE A 36 -3.89 -2.92 -10.76
N LYS A 37 -4.06 -4.24 -10.58
CA LYS A 37 -5.28 -4.85 -10.04
C LYS A 37 -5.19 -5.11 -8.53
N ARG A 38 -4.00 -5.50 -8.05
CA ARG A 38 -3.72 -5.88 -6.67
C ARG A 38 -2.41 -5.26 -6.18
N ILE A 39 -2.37 -4.85 -4.91
CA ILE A 39 -1.22 -4.28 -4.20
C ILE A 39 -1.02 -4.99 -2.86
N GLU A 40 0.23 -5.21 -2.46
CA GLU A 40 0.62 -5.66 -1.12
C GLU A 40 1.51 -4.61 -0.45
N LEU A 41 1.36 -4.45 0.86
CA LEU A 41 2.19 -3.58 1.69
C LEU A 41 2.58 -4.30 2.99
N ARG A 42 3.88 -4.40 3.29
CA ARG A 42 4.43 -5.07 4.48
C ARG A 42 5.29 -4.10 5.31
N GLY A 43 5.08 -4.07 6.62
CA GLY A 43 5.70 -3.10 7.53
C GLY A 43 5.18 -1.65 7.39
N ALA A 44 3.97 -1.47 6.85
CA ALA A 44 3.40 -0.16 6.56
C ALA A 44 3.00 0.63 7.82
N SER A 45 3.14 1.96 7.77
CA SER A 45 2.71 2.88 8.82
C SER A 45 1.20 3.16 8.76
N GLU A 46 0.58 3.48 9.90
CA GLU A 46 -0.88 3.63 10.00
C GLU A 46 -1.48 4.64 8.99
N GLN A 47 -0.82 5.79 8.75
CA GLN A 47 -1.33 6.78 7.81
C GLN A 47 -1.19 6.34 6.35
N LEU A 48 -0.08 5.67 6.00
CA LEU A 48 0.13 5.11 4.66
C LEU A 48 -0.92 4.03 4.36
N ILE A 49 -1.32 3.24 5.37
CA ILE A 49 -2.40 2.26 5.25
C ILE A 49 -3.75 2.94 4.99
N ARG A 50 -4.12 4.03 5.72
CA ARG A 50 -5.33 4.81 5.45
C ARG A 50 -5.35 5.44 4.07
N ASP A 51 -4.20 5.93 3.59
CA ASP A 51 -4.06 6.47 2.25
C ASP A 51 -4.22 5.40 1.17
N MET A 52 -3.61 4.21 1.35
CA MET A 52 -3.81 3.05 0.48
C MET A 52 -5.27 2.60 0.48
N GLN A 53 -5.91 2.51 1.65
CA GLN A 53 -7.33 2.15 1.78
C GLN A 53 -8.24 3.11 1.02
N GLU A 54 -7.99 4.41 1.10
CA GLU A 54 -8.78 5.43 0.39
C GLU A 54 -8.59 5.34 -1.14
N ILE A 55 -7.38 5.05 -1.63
CA ILE A 55 -7.13 4.80 -3.06
C ILE A 55 -7.79 3.49 -3.51
N ALA A 56 -7.69 2.43 -2.70
CA ALA A 56 -8.24 1.11 -2.98
C ALA A 56 -9.77 1.14 -3.05
N LYS A 57 -10.42 1.97 -2.24
CA LYS A 57 -11.87 2.18 -2.23
C LYS A 57 -12.35 2.91 -3.49
N GLN A 58 -11.61 3.93 -3.94
CA GLN A 58 -11.94 4.71 -5.12
C GLN A 58 -11.81 3.92 -6.44
N ILE A 59 -10.85 2.99 -6.51
CA ILE A 59 -10.53 2.22 -7.72
C ILE A 59 -11.19 0.82 -7.72
N GLY A 60 -11.52 0.30 -6.53
CA GLY A 60 -11.91 -1.10 -6.34
C GLY A 60 -10.72 -2.07 -6.42
N LEU A 61 -9.49 -1.54 -6.36
CA LEU A 61 -8.22 -2.28 -6.33
C LEU A 61 -8.09 -3.09 -5.03
N GLN A 62 -7.49 -4.28 -5.11
CA GLN A 62 -7.27 -5.13 -3.95
C GLN A 62 -5.94 -4.79 -3.25
N TYR A 63 -5.97 -3.99 -2.20
CA TYR A 63 -4.81 -3.78 -1.33
C TYR A 63 -4.71 -4.91 -0.28
N ARG A 64 -3.55 -5.06 0.34
CA ARG A 64 -3.30 -5.90 1.53
C ARG A 64 -2.29 -5.23 2.45
N THR A 65 -2.52 -5.28 3.77
CA THR A 65 -1.59 -4.80 4.80
C THR A 65 -1.05 -5.95 5.65
N ASP A 66 0.26 -5.94 5.86
CA ASP A 66 1.03 -6.88 6.69
C ASP A 66 1.99 -6.08 7.61
N GLY A 67 1.42 -5.23 8.47
CA GLY A 67 2.15 -4.24 9.27
C GLY A 67 1.27 -3.51 10.29
N SER A 68 1.14 -2.18 10.12
CA SER A 68 0.54 -1.22 11.07
C SER A 68 1.33 -1.02 12.37
N LEU A 69 0.91 -0.02 13.15
CA LEU A 69 1.51 0.41 14.41
C LEU A 69 0.45 0.47 15.52
N GLU A 70 0.69 -0.27 16.60
CA GLU A 70 -0.23 -0.43 17.75
C GLU A 70 0.20 0.32 19.03
N HIS A 71 1.12 1.28 18.93
CA HIS A 71 1.71 2.00 20.07
C HIS A 71 0.62 2.73 20.91
N HIS A 72 0.49 2.33 22.17
CA HIS A 72 -0.48 2.91 23.11
C HIS A 72 0.02 4.25 23.70
N HIS A 73 -0.91 5.10 24.14
CA HIS A 73 -0.68 6.41 24.75
C HIS A 73 -1.64 6.65 25.93
N HIS A 74 -1.25 7.53 26.86
CA HIS A 74 -1.97 7.80 28.11
C HIS A 74 -1.94 9.29 28.51
N HIS A 75 -2.83 9.69 29.42
CA HIS A 75 -2.88 11.01 30.05
C HIS A 75 -1.70 11.25 31.02
N HIS A 76 -1.38 12.52 31.29
CA HIS A 76 -0.31 12.97 32.19
C HIS A 76 -0.78 14.09 33.14
N GLY A 1 12.45 -0.76 6.56
CA GLY A 1 11.71 -0.10 5.44
C GLY A 1 10.35 -0.74 5.21
N THR A 2 9.57 -0.16 4.28
CA THR A 2 8.26 -0.68 3.84
C THR A 2 8.43 -1.53 2.58
N GLU A 3 7.79 -2.69 2.53
CA GLU A 3 7.83 -3.61 1.37
C GLU A 3 6.50 -3.56 0.60
N ILE A 4 6.56 -3.63 -0.73
CA ILE A 4 5.42 -3.42 -1.64
C ILE A 4 5.49 -4.43 -2.79
N GLU A 5 4.36 -5.03 -3.13
CA GLU A 5 4.19 -5.88 -4.30
C GLU A 5 2.95 -5.43 -5.09
N LEU A 6 3.00 -5.52 -6.42
CA LEU A 6 1.87 -5.19 -7.30
C LEU A 6 1.75 -6.17 -8.47
N GLU A 7 0.51 -6.50 -8.86
CA GLU A 7 0.20 -7.41 -9.97
C GLU A 7 -0.85 -6.83 -10.91
N SER A 8 -0.55 -6.88 -12.22
CA SER A 8 -1.39 -6.38 -13.30
C SER A 8 -2.42 -7.40 -13.79
N LYS A 9 -3.45 -6.94 -14.51
CA LYS A 9 -4.61 -7.73 -14.98
C LYS A 9 -4.23 -8.94 -15.85
N ASN A 10 -3.09 -8.89 -16.52
CA ASN A 10 -2.56 -9.97 -17.37
C ASN A 10 -1.62 -10.96 -16.65
N GLY A 11 -1.39 -10.81 -15.34
CA GLY A 11 -0.60 -11.75 -14.53
C GLY A 11 0.88 -11.42 -14.36
N GLN A 12 1.31 -10.19 -14.70
CA GLN A 12 2.68 -9.73 -14.43
C GLN A 12 2.76 -9.05 -13.06
N ARG A 13 3.79 -9.39 -12.27
CA ARG A 13 3.99 -8.89 -10.89
C ARG A 13 5.38 -8.30 -10.64
N GLU A 14 5.47 -7.27 -9.82
CA GLU A 14 6.71 -6.53 -9.50
C GLU A 14 6.79 -6.21 -8.00
N HIS A 15 8.02 -6.17 -7.45
CA HIS A 15 8.30 -5.90 -6.04
C HIS A 15 9.19 -4.64 -5.86
N TYR A 16 8.90 -3.85 -4.82
CA TYR A 16 9.55 -2.58 -4.50
C TYR A 16 9.75 -2.41 -2.99
N THR A 17 10.85 -1.76 -2.59
CA THR A 17 11.13 -1.38 -1.19
C THR A 17 11.21 0.15 -1.06
N ALA A 18 10.52 0.70 -0.06
CA ALA A 18 10.45 2.13 0.26
C ALA A 18 11.17 2.44 1.58
N THR A 19 12.00 3.49 1.57
CA THR A 19 12.77 3.96 2.73
C THR A 19 11.93 4.78 3.72
N SER A 20 10.91 5.46 3.21
CA SER A 20 9.97 6.29 3.96
C SER A 20 8.55 6.12 3.43
N GLU A 21 7.53 6.45 4.23
CA GLU A 21 6.12 6.39 3.82
C GLU A 21 5.81 7.28 2.60
N ASP A 22 6.52 8.40 2.48
CA ASP A 22 6.48 9.29 1.30
C ASP A 22 6.96 8.60 0.01
N GLU A 23 7.92 7.66 0.09
CA GLU A 23 8.36 6.86 -1.06
C GLU A 23 7.37 5.73 -1.32
N ALA A 24 6.81 5.12 -0.27
CA ALA A 24 5.85 4.02 -0.39
C ALA A 24 4.57 4.45 -1.11
N ARG A 25 3.97 5.58 -0.70
CA ARG A 25 2.78 6.15 -1.34
C ARG A 25 3.01 6.58 -2.79
N LYS A 26 4.25 6.96 -3.13
CA LYS A 26 4.70 7.24 -4.51
C LYS A 26 4.82 5.98 -5.36
N ILE A 27 5.25 4.85 -4.81
CA ILE A 27 5.20 3.55 -5.51
C ILE A 27 3.74 3.14 -5.79
N ILE A 28 2.82 3.40 -4.87
CA ILE A 28 1.40 3.02 -4.99
C ILE A 28 0.71 3.88 -6.05
N GLU A 29 0.88 5.20 -5.99
CA GLU A 29 0.25 6.13 -6.94
C GLU A 29 0.78 5.93 -8.37
N LYS A 30 2.05 5.54 -8.51
CA LYS A 30 2.68 5.11 -9.77
C LYS A 30 2.21 3.75 -10.25
N ALA A 31 1.72 2.90 -9.36
CA ALA A 31 1.14 1.60 -9.72
C ALA A 31 -0.31 1.71 -10.19
N VAL A 32 -1.17 2.42 -9.46
CA VAL A 32 -2.60 2.50 -9.76
C VAL A 32 -2.90 3.15 -11.12
N ARG A 33 -2.05 4.09 -11.58
CA ARG A 33 -2.16 4.71 -12.92
C ARG A 33 -2.01 3.69 -14.06
N ARG A 34 -1.23 2.61 -13.83
CA ARG A 34 -0.92 1.55 -14.80
C ARG A 34 -2.08 0.55 -14.93
N GLY A 35 -3.09 0.64 -14.06
CA GLY A 35 -4.25 -0.26 -14.06
C GLY A 35 -3.99 -1.57 -13.31
N ILE A 36 -3.08 -1.52 -12.33
CA ILE A 36 -2.77 -2.64 -11.42
C ILE A 36 -4.04 -3.14 -10.73
N LYS A 37 -4.17 -4.47 -10.58
CA LYS A 37 -5.35 -5.12 -10.01
C LYS A 37 -5.19 -5.49 -8.53
N ARG A 38 -3.99 -5.93 -8.13
CA ARG A 38 -3.65 -6.31 -6.74
C ARG A 38 -2.43 -5.53 -6.24
N ILE A 39 -2.49 -5.07 -5.00
CA ILE A 39 -1.39 -4.41 -4.27
C ILE A 39 -1.21 -5.06 -2.91
N GLU A 40 0.04 -5.30 -2.52
CA GLU A 40 0.42 -5.75 -1.19
C GLU A 40 1.32 -4.69 -0.55
N LEU A 41 1.19 -4.53 0.77
CA LEU A 41 1.94 -3.55 1.55
C LEU A 41 2.32 -4.14 2.92
N ARG A 42 3.58 -3.98 3.31
CA ARG A 42 4.19 -4.62 4.49
C ARG A 42 5.06 -3.65 5.29
N GLY A 43 4.97 -3.73 6.62
CA GLY A 43 5.68 -2.84 7.55
C GLY A 43 5.18 -1.39 7.61
N ALA A 44 4.00 -1.10 7.04
CA ALA A 44 3.46 0.24 6.92
C ALA A 44 2.94 0.85 8.23
N SER A 45 3.11 2.16 8.35
CA SER A 45 2.51 3.01 9.41
C SER A 45 1.03 3.26 9.15
N GLU A 46 0.22 3.49 10.19
CA GLU A 46 -1.23 3.58 10.06
C GLU A 46 -1.71 4.66 9.07
N GLN A 47 -1.03 5.82 8.98
CA GLN A 47 -1.40 6.86 8.02
C GLN A 47 -1.14 6.43 6.57
N LEU A 48 -0.02 5.75 6.30
CA LEU A 48 0.27 5.19 4.97
C LEU A 48 -0.78 4.14 4.56
N ILE A 49 -1.23 3.33 5.52
CA ILE A 49 -2.28 2.33 5.28
C ILE A 49 -3.61 3.03 4.91
N ARG A 50 -4.04 4.07 5.64
CA ARG A 50 -5.24 4.85 5.29
C ARG A 50 -5.11 5.58 3.94
N ASP A 51 -3.92 6.11 3.63
CA ASP A 51 -3.62 6.76 2.35
C ASP A 51 -3.82 5.78 1.17
N MET A 52 -3.32 4.56 1.30
CA MET A 52 -3.46 3.51 0.29
C MET A 52 -4.89 2.95 0.23
N GLN A 53 -5.55 2.76 1.38
CA GLN A 53 -6.94 2.30 1.48
C GLN A 53 -7.92 3.24 0.79
N GLU A 54 -7.75 4.56 0.92
CA GLU A 54 -8.60 5.55 0.24
C GLU A 54 -8.53 5.40 -1.28
N ILE A 55 -7.32 5.28 -1.83
CA ILE A 55 -7.10 5.08 -3.27
C ILE A 55 -7.70 3.73 -3.73
N ALA A 56 -7.44 2.66 -2.97
CA ALA A 56 -7.90 1.31 -3.30
C ALA A 56 -9.43 1.19 -3.26
N LYS A 57 -10.09 1.94 -2.37
CA LYS A 57 -11.56 1.99 -2.24
C LYS A 57 -12.19 2.76 -3.39
N GLN A 58 -11.55 3.84 -3.87
CA GLN A 58 -12.00 4.61 -5.02
C GLN A 58 -11.86 3.86 -6.35
N ILE A 59 -10.81 3.04 -6.50
CA ILE A 59 -10.49 2.31 -7.74
C ILE A 59 -11.12 0.91 -7.78
N GLY A 60 -11.42 0.35 -6.61
CA GLY A 60 -11.89 -1.04 -6.45
C GLY A 60 -10.75 -2.09 -6.56
N LEU A 61 -9.52 -1.69 -6.24
CA LEU A 61 -8.31 -2.50 -6.33
C LEU A 61 -8.20 -3.50 -5.16
N GLN A 62 -7.75 -4.72 -5.44
CA GLN A 62 -7.58 -5.80 -4.46
C GLN A 62 -6.31 -5.57 -3.61
N TYR A 63 -6.37 -4.64 -2.66
CA TYR A 63 -5.29 -4.34 -1.73
C TYR A 63 -5.20 -5.34 -0.56
N ARG A 64 -4.00 -5.45 0.03
CA ARG A 64 -3.73 -6.17 1.29
C ARG A 64 -2.69 -5.41 2.11
N THR A 65 -2.92 -5.31 3.42
CA THR A 65 -1.95 -4.77 4.38
C THR A 65 -1.46 -5.83 5.39
N ASP A 66 -0.16 -5.87 5.58
CA ASP A 66 0.59 -6.61 6.61
C ASP A 66 1.63 -5.66 7.27
N GLY A 67 1.20 -4.42 7.54
CA GLY A 67 1.92 -3.41 8.32
C GLY A 67 1.53 -3.41 9.81
N SER A 68 1.06 -2.26 10.30
CA SER A 68 0.54 -2.08 11.68
C SER A 68 -0.49 -3.17 12.04
N LEU A 69 -0.34 -3.76 13.23
CA LEU A 69 -1.05 -4.97 13.67
C LEU A 69 -1.43 -5.04 15.17
N GLU A 70 -1.33 -3.91 15.87
CA GLU A 70 -1.46 -3.82 17.33
C GLU A 70 -2.90 -4.09 17.86
N HIS A 71 -3.92 -4.01 16.99
CA HIS A 71 -5.34 -4.17 17.32
C HIS A 71 -5.88 -3.16 18.37
N HIS A 72 -7.17 -3.25 18.73
CA HIS A 72 -7.81 -2.33 19.67
C HIS A 72 -7.35 -2.55 21.13
N HIS A 73 -7.49 -1.52 21.97
CA HIS A 73 -7.13 -1.55 23.40
C HIS A 73 -8.33 -1.19 24.32
N HIS A 74 -9.55 -1.39 23.82
CA HIS A 74 -10.84 -1.08 24.48
C HIS A 74 -11.06 0.42 24.81
N HIS A 75 -12.26 0.74 25.31
CA HIS A 75 -12.70 2.11 25.59
C HIS A 75 -12.16 2.69 26.91
N HIS A 76 -12.28 4.01 27.08
CA HIS A 76 -11.88 4.80 28.26
C HIS A 76 -10.40 4.57 28.68
N GLY A 1 12.46 -1.32 6.99
CA GLY A 1 11.98 -0.83 5.68
C GLY A 1 10.62 -1.39 5.33
N THR A 2 9.88 -0.70 4.46
CA THR A 2 8.53 -1.07 4.00
C THR A 2 8.61 -1.80 2.66
N GLU A 3 7.89 -2.91 2.50
CA GLU A 3 7.93 -3.76 1.29
C GLU A 3 6.62 -3.66 0.50
N ILE A 4 6.71 -3.66 -0.83
CA ILE A 4 5.59 -3.39 -1.74
C ILE A 4 5.59 -4.36 -2.91
N GLU A 5 4.43 -4.90 -3.25
CA GLU A 5 4.20 -5.79 -4.40
C GLU A 5 3.01 -5.27 -5.21
N LEU A 6 3.06 -5.38 -6.54
CA LEU A 6 1.93 -5.09 -7.42
C LEU A 6 1.84 -6.09 -8.58
N GLU A 7 0.62 -6.51 -8.93
CA GLU A 7 0.34 -7.46 -10.02
C GLU A 7 -0.73 -6.92 -10.99
N SER A 8 -0.43 -7.02 -12.29
CA SER A 8 -1.26 -6.53 -13.40
C SER A 8 -2.31 -7.55 -13.84
N LYS A 9 -3.30 -7.10 -14.62
CA LYS A 9 -4.48 -7.87 -15.07
C LYS A 9 -4.13 -9.14 -15.84
N ASN A 10 -2.97 -9.19 -16.50
CA ASN A 10 -2.46 -10.33 -17.26
C ASN A 10 -1.54 -11.28 -16.47
N GLY A 11 -1.31 -11.04 -15.17
CA GLY A 11 -0.54 -11.93 -14.28
C GLY A 11 0.94 -11.59 -14.11
N GLN A 12 1.40 -10.41 -14.57
CA GLN A 12 2.79 -9.96 -14.36
C GLN A 12 2.91 -9.09 -13.11
N ARG A 13 3.91 -9.36 -12.27
CA ARG A 13 4.11 -8.70 -10.96
C ARG A 13 5.52 -8.15 -10.75
N GLU A 14 5.59 -7.11 -9.92
CA GLU A 14 6.80 -6.31 -9.66
C GLU A 14 6.93 -5.96 -8.17
N HIS A 15 8.16 -5.97 -7.64
CA HIS A 15 8.48 -5.77 -6.23
C HIS A 15 9.33 -4.51 -5.98
N TYR A 16 9.03 -3.76 -4.91
CA TYR A 16 9.66 -2.49 -4.55
C TYR A 16 9.89 -2.37 -3.03
N THR A 17 10.91 -1.61 -2.62
CA THR A 17 11.19 -1.27 -1.22
C THR A 17 11.09 0.25 -1.00
N ALA A 18 10.41 0.67 0.07
CA ALA A 18 10.22 2.07 0.47
C ALA A 18 10.90 2.36 1.81
N THR A 19 11.62 3.49 1.88
CA THR A 19 12.32 3.97 3.10
C THR A 19 11.43 4.85 4.00
N SER A 20 10.36 5.39 3.43
CA SER A 20 9.39 6.31 4.05
C SER A 20 7.98 6.08 3.50
N GLU A 21 6.96 6.45 4.26
CA GLU A 21 5.56 6.51 3.81
C GLU A 21 5.38 7.37 2.55
N ASP A 22 6.18 8.43 2.41
CA ASP A 22 6.21 9.27 1.22
C ASP A 22 6.83 8.57 -0.01
N GLU A 23 7.75 7.62 0.19
CA GLU A 23 8.25 6.78 -0.90
C GLU A 23 7.24 5.67 -1.25
N ALA A 24 6.54 5.13 -0.25
CA ALA A 24 5.55 4.06 -0.43
C ALA A 24 4.31 4.52 -1.21
N ARG A 25 3.76 5.70 -0.87
CA ARG A 25 2.59 6.30 -1.56
C ARG A 25 2.84 6.55 -3.05
N LYS A 26 4.09 6.80 -3.44
CA LYS A 26 4.51 6.95 -4.84
C LYS A 26 4.44 5.62 -5.60
N ILE A 27 4.84 4.50 -5.00
CA ILE A 27 4.76 3.19 -5.68
C ILE A 27 3.30 2.80 -5.94
N ILE A 28 2.37 3.17 -5.05
CA ILE A 28 0.94 2.90 -5.23
C ILE A 28 0.38 3.75 -6.37
N GLU A 29 0.63 5.07 -6.38
CA GLU A 29 0.11 5.95 -7.43
C GLU A 29 0.71 5.59 -8.81
N LYS A 30 1.98 5.17 -8.81
CA LYS A 30 2.70 4.71 -10.00
C LYS A 30 2.19 3.38 -10.51
N ALA A 31 1.56 2.58 -9.65
CA ALA A 31 0.94 1.33 -10.03
C ALA A 31 -0.49 1.52 -10.56
N VAL A 32 -1.35 2.27 -9.87
CA VAL A 32 -2.75 2.44 -10.27
C VAL A 32 -2.91 3.09 -11.65
N ARG A 33 -1.99 3.98 -12.05
CA ARG A 33 -1.97 4.58 -13.40
C ARG A 33 -1.74 3.56 -14.52
N ARG A 34 -1.07 2.44 -14.21
CA ARG A 34 -0.76 1.34 -15.14
C ARG A 34 -1.91 0.33 -15.27
N GLY A 35 -2.98 0.49 -14.48
CA GLY A 35 -4.13 -0.42 -14.48
C GLY A 35 -3.87 -1.71 -13.69
N ILE A 36 -2.98 -1.65 -12.69
CA ILE A 36 -2.66 -2.74 -11.76
C ILE A 36 -3.93 -3.25 -11.08
N LYS A 37 -4.01 -4.57 -10.88
CA LYS A 37 -5.21 -5.25 -10.36
C LYS A 37 -5.10 -5.59 -8.88
N ARG A 38 -3.90 -5.93 -8.40
CA ARG A 38 -3.62 -6.25 -6.99
C ARG A 38 -2.37 -5.53 -6.48
N ILE A 39 -2.42 -5.08 -5.23
CA ILE A 39 -1.36 -4.39 -4.48
C ILE A 39 -1.14 -5.07 -3.12
N GLU A 40 0.10 -5.07 -2.63
CA GLU A 40 0.47 -5.50 -1.28
C GLU A 40 1.39 -4.47 -0.62
N LEU A 41 1.20 -4.22 0.67
CA LEU A 41 2.09 -3.44 1.53
C LEU A 41 2.46 -4.25 2.78
N ARG A 42 3.74 -4.24 3.19
CA ARG A 42 4.22 -4.89 4.42
C ARG A 42 5.12 -3.95 5.22
N GLY A 43 4.96 -3.91 6.54
CA GLY A 43 5.63 -2.91 7.39
C GLY A 43 5.10 -1.47 7.23
N ALA A 44 3.82 -1.32 6.86
CA ALA A 44 3.14 -0.03 6.71
C ALA A 44 2.80 0.62 8.06
N SER A 45 2.98 1.95 8.15
CA SER A 45 2.55 2.78 9.29
C SER A 45 1.06 3.10 9.21
N GLU A 46 0.40 3.36 10.36
CA GLU A 46 -1.07 3.56 10.39
C GLU A 46 -1.57 4.67 9.45
N GLN A 47 -0.83 5.76 9.30
CA GLN A 47 -1.20 6.85 8.39
C GLN A 47 -1.10 6.43 6.92
N LEU A 48 -0.03 5.70 6.55
CA LEU A 48 0.13 5.14 5.20
C LEU A 48 -1.00 4.16 4.87
N ILE A 49 -1.44 3.34 5.84
CA ILE A 49 -2.54 2.38 5.63
C ILE A 49 -3.84 3.12 5.32
N ARG A 50 -4.19 4.21 6.03
CA ARG A 50 -5.38 5.02 5.73
C ARG A 50 -5.28 5.76 4.40
N ASP A 51 -4.10 6.28 4.04
CA ASP A 51 -3.86 6.94 2.76
C ASP A 51 -3.92 5.97 1.57
N MET A 52 -3.37 4.77 1.73
CA MET A 52 -3.45 3.66 0.76
C MET A 52 -4.90 3.17 0.60
N GLN A 53 -5.63 2.99 1.71
CA GLN A 53 -7.04 2.63 1.71
C GLN A 53 -7.90 3.66 0.96
N GLU A 54 -7.64 4.96 1.14
CA GLU A 54 -8.38 6.02 0.46
C GLU A 54 -8.23 5.96 -1.07
N ILE A 55 -7.07 5.55 -1.58
CA ILE A 55 -6.87 5.31 -3.01
C ILE A 55 -7.58 4.01 -3.43
N ALA A 56 -7.31 2.92 -2.73
CA ALA A 56 -7.73 1.58 -3.13
C ALA A 56 -9.25 1.40 -3.11
N LYS A 57 -9.93 2.03 -2.13
CA LYS A 57 -11.40 1.95 -1.99
C LYS A 57 -12.14 2.80 -3.02
N GLN A 58 -11.52 3.90 -3.50
CA GLN A 58 -12.09 4.75 -4.55
C GLN A 58 -11.96 4.14 -5.96
N ILE A 59 -10.86 3.44 -6.25
CA ILE A 59 -10.64 2.79 -7.56
C ILE A 59 -11.26 1.37 -7.61
N GLY A 60 -11.41 0.74 -6.45
CA GLY A 60 -11.86 -0.65 -6.31
C GLY A 60 -10.76 -1.70 -6.56
N LEU A 61 -9.49 -1.33 -6.37
CA LEU A 61 -8.35 -2.24 -6.47
C LEU A 61 -8.34 -3.29 -5.33
N GLN A 62 -7.71 -4.43 -5.59
CA GLN A 62 -7.39 -5.42 -4.56
C GLN A 62 -6.13 -4.94 -3.82
N TYR A 63 -6.18 -4.86 -2.49
CA TYR A 63 -5.10 -4.37 -1.64
C TYR A 63 -4.96 -5.22 -0.37
N ARG A 64 -3.75 -5.25 0.21
CA ARG A 64 -3.44 -5.93 1.48
C ARG A 64 -2.42 -5.14 2.30
N THR A 65 -2.58 -5.12 3.62
CA THR A 65 -1.58 -4.60 4.56
C THR A 65 -1.08 -5.68 5.53
N ASP A 66 0.24 -5.74 5.70
CA ASP A 66 0.96 -6.49 6.74
C ASP A 66 1.87 -5.53 7.54
N GLY A 67 1.37 -4.32 7.81
CA GLY A 67 1.97 -3.35 8.72
C GLY A 67 1.30 -3.36 10.10
N SER A 68 0.98 -2.17 10.60
CA SER A 68 0.28 -1.96 11.88
C SER A 68 -0.70 -0.77 11.81
N LEU A 69 -1.97 -1.04 12.06
CA LEU A 69 -3.06 -0.05 12.17
C LEU A 69 -3.56 -0.06 13.62
N GLU A 70 -3.35 1.05 14.33
CA GLU A 70 -3.73 1.21 15.74
C GLU A 70 -4.90 2.19 15.90
N HIS A 71 -5.82 1.89 16.82
CA HIS A 71 -7.08 2.64 17.00
C HIS A 71 -6.91 3.88 17.90
N HIS A 72 -5.89 4.70 17.62
CA HIS A 72 -5.60 5.93 18.37
C HIS A 72 -6.70 6.98 18.16
N HIS A 73 -7.33 7.42 19.27
CA HIS A 73 -8.40 8.43 19.30
C HIS A 73 -8.44 9.18 20.63
N HIS A 74 -8.89 10.45 20.61
CA HIS A 74 -9.12 11.26 21.81
C HIS A 74 -10.17 12.37 21.53
N HIS A 75 -11.14 12.53 22.45
CA HIS A 75 -12.11 13.64 22.46
C HIS A 75 -12.68 13.85 23.89
N HIS A 76 -13.39 14.96 24.10
CA HIS A 76 -14.09 15.28 25.35
C HIS A 76 -15.26 14.30 25.63
N GLY A 1 11.34 0.01 7.34
CA GLY A 1 11.00 0.10 5.90
C GLY A 1 9.77 -0.73 5.56
N THR A 2 9.14 -0.42 4.42
CA THR A 2 7.92 -1.09 3.92
C THR A 2 8.24 -1.93 2.67
N GLU A 3 7.78 -3.18 2.62
CA GLU A 3 7.82 -4.01 1.40
C GLU A 3 6.54 -3.79 0.61
N ILE A 4 6.65 -3.58 -0.70
CA ILE A 4 5.53 -3.25 -1.59
C ILE A 4 5.59 -4.15 -2.82
N GLU A 5 4.43 -4.69 -3.19
CA GLU A 5 4.27 -5.55 -4.36
C GLU A 5 3.03 -5.13 -5.14
N LEU A 6 3.06 -5.23 -6.47
CA LEU A 6 1.92 -4.94 -7.32
C LEU A 6 1.79 -5.93 -8.48
N GLU A 7 0.55 -6.29 -8.82
CA GLU A 7 0.22 -7.25 -9.87
C GLU A 7 -0.86 -6.71 -10.82
N SER A 8 -0.59 -6.81 -12.12
CA SER A 8 -1.46 -6.38 -13.21
C SER A 8 -2.51 -7.43 -13.59
N LYS A 9 -3.52 -7.01 -14.36
CA LYS A 9 -4.59 -7.88 -14.93
C LYS A 9 -4.03 -9.00 -15.83
N ASN A 10 -2.81 -8.83 -16.34
CA ASN A 10 -2.05 -9.81 -17.12
C ASN A 10 -1.39 -10.91 -16.25
N GLY A 11 -1.46 -10.83 -14.91
CA GLY A 11 -0.71 -11.70 -13.99
C GLY A 11 0.79 -11.39 -13.91
N GLN A 12 1.19 -10.22 -14.42
CA GLN A 12 2.57 -9.71 -14.37
C GLN A 12 2.74 -8.85 -13.11
N ARG A 13 3.80 -9.10 -12.33
CA ARG A 13 4.01 -8.53 -10.99
C ARG A 13 5.43 -8.03 -10.75
N GLU A 14 5.55 -7.02 -9.89
CA GLU A 14 6.80 -6.34 -9.54
C GLU A 14 6.86 -6.01 -8.03
N HIS A 15 8.05 -6.09 -7.44
CA HIS A 15 8.31 -5.89 -6.01
C HIS A 15 9.33 -4.76 -5.75
N TYR A 16 9.09 -3.97 -4.70
CA TYR A 16 9.77 -2.72 -4.34
C TYR A 16 9.97 -2.61 -2.82
N THR A 17 10.99 -1.87 -2.38
CA THR A 17 11.19 -1.48 -0.96
C THR A 17 11.12 0.03 -0.81
N ALA A 18 10.38 0.52 0.19
CA ALA A 18 10.22 1.93 0.51
C ALA A 18 10.84 2.27 1.88
N THR A 19 11.71 3.28 1.92
CA THR A 19 12.39 3.75 3.15
C THR A 19 11.55 4.73 3.97
N SER A 20 10.57 5.38 3.33
CA SER A 20 9.69 6.40 3.89
C SER A 20 8.26 6.23 3.36
N GLU A 21 7.27 6.69 4.12
CA GLU A 21 5.87 6.78 3.69
C GLU A 21 5.71 7.57 2.37
N ASP A 22 6.56 8.56 2.14
CA ASP A 22 6.58 9.34 0.89
C ASP A 22 7.14 8.54 -0.31
N GLU A 23 8.02 7.57 -0.09
CA GLU A 23 8.43 6.63 -1.13
C GLU A 23 7.32 5.59 -1.38
N ALA A 24 6.64 5.16 -0.32
CA ALA A 24 5.58 4.15 -0.43
C ALA A 24 4.36 4.64 -1.23
N ARG A 25 3.86 5.85 -0.95
CA ARG A 25 2.78 6.50 -1.74
C ARG A 25 3.14 6.69 -3.22
N LYS A 26 4.42 6.89 -3.53
CA LYS A 26 4.93 6.99 -4.90
C LYS A 26 4.93 5.65 -5.64
N ILE A 27 5.15 4.52 -4.97
CA ILE A 27 4.98 3.18 -5.59
C ILE A 27 3.51 2.93 -5.92
N ILE A 28 2.57 3.36 -5.06
CA ILE A 28 1.13 3.14 -5.25
C ILE A 28 0.60 4.01 -6.40
N GLU A 29 0.89 5.32 -6.39
CA GLU A 29 0.42 6.25 -7.43
C GLU A 29 0.99 5.92 -8.82
N LYS A 30 2.20 5.37 -8.86
CA LYS A 30 2.81 4.84 -10.10
C LYS A 30 2.15 3.56 -10.57
N ALA A 31 1.63 2.75 -9.65
CA ALA A 31 0.94 1.50 -9.98
C ALA A 31 -0.49 1.72 -10.51
N VAL A 32 -1.28 2.55 -9.83
CA VAL A 32 -2.70 2.73 -10.17
C VAL A 32 -2.92 3.31 -11.58
N ARG A 33 -1.98 4.11 -12.10
CA ARG A 33 -2.08 4.66 -13.48
C ARG A 33 -1.93 3.59 -14.57
N ARG A 34 -1.23 2.48 -14.25
CA ARG A 34 -0.99 1.32 -15.14
C ARG A 34 -2.22 0.43 -15.23
N GLY A 35 -3.23 0.64 -14.37
CA GLY A 35 -4.41 -0.21 -14.27
C GLY A 35 -4.16 -1.47 -13.43
N ILE A 36 -3.22 -1.39 -12.49
CA ILE A 36 -2.85 -2.47 -11.57
C ILE A 36 -4.09 -3.03 -10.85
N LYS A 37 -4.15 -4.37 -10.75
CA LYS A 37 -5.29 -5.08 -10.19
C LYS A 37 -5.15 -5.31 -8.68
N ARG A 38 -3.93 -5.61 -8.22
CA ARG A 38 -3.58 -5.97 -6.84
C ARG A 38 -2.36 -5.22 -6.33
N ILE A 39 -2.37 -4.83 -5.07
CA ILE A 39 -1.28 -4.16 -4.33
C ILE A 39 -1.08 -4.84 -2.98
N GLU A 40 0.17 -5.04 -2.57
CA GLU A 40 0.54 -5.56 -1.26
C GLU A 40 1.43 -4.55 -0.55
N LEU A 41 1.17 -4.30 0.73
CA LEU A 41 2.00 -3.46 1.61
C LEU A 41 2.28 -4.20 2.92
N ARG A 42 3.56 -4.32 3.30
CA ARG A 42 4.00 -5.07 4.50
C ARG A 42 5.01 -4.27 5.31
N GLY A 43 4.81 -4.20 6.63
CA GLY A 43 5.57 -3.29 7.52
C GLY A 43 5.19 -1.81 7.38
N ALA A 44 4.04 -1.51 6.77
CA ALA A 44 3.57 -0.14 6.54
C ALA A 44 3.08 0.55 7.83
N SER A 45 3.22 1.87 7.90
CA SER A 45 2.72 2.69 9.03
C SER A 45 1.24 3.02 8.87
N GLU A 46 0.52 3.21 9.98
CA GLU A 46 -0.95 3.33 9.99
C GLU A 46 -1.50 4.52 9.19
N GLN A 47 -0.78 5.64 9.12
CA GLN A 47 -1.16 6.80 8.31
C GLN A 47 -1.06 6.48 6.81
N LEU A 48 0.06 5.87 6.40
CA LEU A 48 0.30 5.49 5.00
C LEU A 48 -0.68 4.40 4.56
N ILE A 49 -0.97 3.44 5.45
CA ILE A 49 -2.00 2.42 5.23
C ILE A 49 -3.36 3.06 4.95
N ARG A 50 -3.81 4.04 5.74
CA ARG A 50 -5.11 4.70 5.53
C ARG A 50 -5.15 5.54 4.24
N ASP A 51 -4.03 6.18 3.87
CA ASP A 51 -3.90 6.91 2.61
C ASP A 51 -3.93 5.97 1.40
N MET A 52 -3.27 4.81 1.48
CA MET A 52 -3.31 3.74 0.47
C MET A 52 -4.72 3.13 0.35
N GLN A 53 -5.36 2.85 1.49
CA GLN A 53 -6.72 2.31 1.56
C GLN A 53 -7.75 3.27 0.94
N GLU A 54 -7.63 4.58 1.16
CA GLU A 54 -8.51 5.59 0.57
C GLU A 54 -8.43 5.59 -0.97
N ILE A 55 -7.25 5.33 -1.55
CA ILE A 55 -7.09 5.18 -3.00
C ILE A 55 -7.71 3.85 -3.46
N ALA A 56 -7.37 2.75 -2.77
CA ALA A 56 -7.73 1.40 -3.21
C ALA A 56 -9.25 1.14 -3.15
N LYS A 57 -9.95 1.73 -2.18
CA LYS A 57 -11.41 1.63 -2.04
C LYS A 57 -12.15 2.41 -3.13
N GLN A 58 -11.58 3.53 -3.60
CA GLN A 58 -12.14 4.32 -4.71
C GLN A 58 -11.93 3.66 -6.08
N ILE A 59 -10.85 2.91 -6.27
CA ILE A 59 -10.55 2.18 -7.51
C ILE A 59 -11.20 0.79 -7.55
N GLY A 60 -11.46 0.22 -6.37
CA GLY A 60 -11.87 -1.18 -6.20
C GLY A 60 -10.71 -2.18 -6.35
N LEU A 61 -9.48 -1.72 -6.10
CA LEU A 61 -8.23 -2.47 -6.27
C LEU A 61 -8.05 -3.50 -5.14
N GLN A 62 -7.55 -4.69 -5.48
CA GLN A 62 -7.27 -5.79 -4.53
C GLN A 62 -6.03 -5.48 -3.66
N TYR A 63 -6.16 -4.59 -2.69
CA TYR A 63 -5.09 -4.26 -1.76
C TYR A 63 -4.99 -5.28 -0.60
N ARG A 64 -3.78 -5.44 -0.05
CA ARG A 64 -3.46 -6.23 1.16
C ARG A 64 -2.61 -5.41 2.12
N THR A 65 -2.94 -5.49 3.40
CA THR A 65 -2.24 -4.78 4.49
C THR A 65 -1.64 -5.78 5.48
N ASP A 66 -0.31 -5.75 5.66
CA ASP A 66 0.43 -6.47 6.71
C ASP A 66 1.43 -5.54 7.45
N GLY A 67 1.00 -4.35 7.88
CA GLY A 67 1.78 -3.41 8.69
C GLY A 67 1.23 -3.24 10.11
N SER A 68 1.14 -2.00 10.57
CA SER A 68 0.71 -1.61 11.92
C SER A 68 -0.58 -0.78 11.93
N LEU A 69 -1.46 -1.02 12.91
CA LEU A 69 -2.78 -0.36 13.06
C LEU A 69 -3.33 -0.58 14.49
N GLU A 70 -2.57 -0.15 15.51
CA GLU A 70 -2.85 -0.48 16.91
C GLU A 70 -3.93 0.39 17.60
N HIS A 71 -4.35 1.51 17.00
CA HIS A 71 -5.44 2.33 17.56
C HIS A 71 -6.80 1.61 17.45
N HIS A 72 -7.47 1.44 18.61
CA HIS A 72 -8.75 0.74 18.74
C HIS A 72 -9.95 1.71 18.70
N HIS A 73 -11.10 1.21 18.25
CA HIS A 73 -12.40 1.89 18.27
C HIS A 73 -13.48 0.96 18.85
N HIS A 74 -14.55 1.53 19.41
CA HIS A 74 -15.67 0.77 20.01
C HIS A 74 -17.05 1.47 19.81
N HIS A 75 -17.11 2.78 20.09
CA HIS A 75 -18.34 3.60 20.11
C HIS A 75 -19.41 3.10 21.12
N HIS A 76 -20.54 3.81 21.21
CA HIS A 76 -21.70 3.48 22.06
C HIS A 76 -22.53 2.31 21.50
N GLY A 1 10.91 1.53 6.69
CA GLY A 1 11.14 0.52 5.62
C GLY A 1 9.88 -0.31 5.38
N THR A 2 9.33 -0.24 4.17
CA THR A 2 8.10 -0.92 3.74
C THR A 2 8.37 -1.80 2.52
N GLU A 3 7.91 -3.06 2.53
CA GLU A 3 7.99 -3.97 1.37
C GLU A 3 6.69 -3.89 0.56
N ILE A 4 6.80 -3.87 -0.77
CA ILE A 4 5.65 -3.66 -1.67
C ILE A 4 5.70 -4.65 -2.84
N GLU A 5 4.55 -5.23 -3.14
CA GLU A 5 4.34 -6.16 -4.25
C GLU A 5 3.08 -5.73 -5.02
N LEU A 6 3.11 -5.70 -6.36
CA LEU A 6 1.96 -5.32 -7.18
C LEU A 6 1.80 -6.18 -8.42
N GLU A 7 0.56 -6.55 -8.76
CA GLU A 7 0.22 -7.42 -9.90
C GLU A 7 -0.91 -6.84 -10.76
N SER A 8 -0.70 -6.83 -12.08
CA SER A 8 -1.59 -6.27 -13.10
C SER A 8 -2.64 -7.25 -13.62
N LYS A 9 -3.70 -6.71 -14.23
CA LYS A 9 -4.82 -7.44 -14.86
C LYS A 9 -4.38 -8.42 -15.96
N ASN A 10 -3.23 -8.18 -16.60
CA ASN A 10 -2.66 -9.04 -17.64
C ASN A 10 -1.84 -10.24 -17.11
N GLY A 11 -1.61 -10.34 -15.79
CA GLY A 11 -0.85 -11.42 -15.17
C GLY A 11 0.65 -11.16 -14.99
N GLN A 12 1.07 -9.90 -14.84
CA GLN A 12 2.48 -9.52 -14.55
C GLN A 12 2.62 -8.74 -13.25
N ARG A 13 3.72 -8.98 -12.55
CA ARG A 13 4.01 -8.44 -11.19
C ARG A 13 5.43 -7.95 -10.98
N GLU A 14 5.59 -6.99 -10.06
CA GLU A 14 6.89 -6.42 -9.66
C GLU A 14 6.96 -6.16 -8.13
N HIS A 15 8.17 -6.25 -7.57
CA HIS A 15 8.47 -6.04 -6.16
C HIS A 15 9.36 -4.81 -5.93
N TYR A 16 9.07 -4.04 -4.88
CA TYR A 16 9.74 -2.78 -4.51
C TYR A 16 9.98 -2.66 -3.00
N THR A 17 11.02 -1.92 -2.61
CA THR A 17 11.28 -1.52 -1.22
C THR A 17 11.22 0.00 -1.10
N ALA A 18 10.42 0.50 -0.16
CA ALA A 18 10.27 1.91 0.16
C ALA A 18 10.96 2.24 1.49
N THR A 19 11.75 3.33 1.54
CA THR A 19 12.49 3.71 2.75
C THR A 19 11.59 4.31 3.84
N SER A 20 10.55 5.04 3.43
CA SER A 20 9.57 5.73 4.30
C SER A 20 8.18 5.79 3.65
N GLU A 21 7.19 6.28 4.39
CA GLU A 21 5.79 6.45 3.96
C GLU A 21 5.68 7.26 2.65
N ASP A 22 6.51 8.29 2.48
CA ASP A 22 6.52 9.10 1.26
C ASP A 22 7.04 8.35 0.03
N GLU A 23 7.97 7.41 0.20
CA GLU A 23 8.41 6.52 -0.89
C GLU A 23 7.35 5.44 -1.17
N ALA A 24 6.64 4.96 -0.14
CA ALA A 24 5.61 3.94 -0.30
C ALA A 24 4.44 4.43 -1.15
N ARG A 25 3.89 5.62 -0.85
CA ARG A 25 2.85 6.27 -1.69
C ARG A 25 3.29 6.50 -3.14
N LYS A 26 4.58 6.76 -3.35
CA LYS A 26 5.20 6.96 -4.69
C LYS A 26 5.30 5.67 -5.49
N ILE A 27 5.49 4.51 -4.86
CA ILE A 27 5.38 3.20 -5.54
C ILE A 27 3.92 2.91 -5.91
N ILE A 28 2.98 3.28 -5.05
CA ILE A 28 1.56 2.95 -5.22
C ILE A 28 0.92 3.84 -6.28
N GLU A 29 1.24 5.14 -6.32
CA GLU A 29 0.74 6.06 -7.32
C GLU A 29 1.26 5.70 -8.74
N LYS A 30 2.48 5.15 -8.80
CA LYS A 30 3.09 4.57 -10.01
C LYS A 30 2.49 3.24 -10.42
N ALA A 31 1.82 2.55 -9.49
CA ALA A 31 1.08 1.33 -9.76
C ALA A 31 -0.35 1.57 -10.25
N VAL A 32 -1.12 2.42 -9.57
CA VAL A 32 -2.54 2.69 -9.89
C VAL A 32 -2.70 3.34 -11.27
N ARG A 33 -1.72 4.13 -11.74
CA ARG A 33 -1.72 4.68 -13.10
C ARG A 33 -1.79 3.59 -14.19
N ARG A 34 -1.25 2.40 -13.90
CA ARG A 34 -1.13 1.29 -14.86
C ARG A 34 -2.42 0.46 -14.93
N GLY A 35 -3.33 0.60 -13.96
CA GLY A 35 -4.50 -0.27 -13.81
C GLY A 35 -4.20 -1.57 -13.05
N ILE A 36 -3.24 -1.54 -12.12
CA ILE A 36 -2.87 -2.65 -11.22
C ILE A 36 -4.09 -3.18 -10.49
N LYS A 37 -4.19 -4.51 -10.35
CA LYS A 37 -5.34 -5.19 -9.75
C LYS A 37 -5.12 -5.54 -8.27
N ARG A 38 -3.91 -5.96 -7.90
CA ARG A 38 -3.52 -6.33 -6.53
C ARG A 38 -2.30 -5.53 -6.06
N ILE A 39 -2.33 -5.09 -4.80
CA ILE A 39 -1.21 -4.45 -4.09
C ILE A 39 -1.04 -5.12 -2.71
N GLU A 40 0.20 -5.38 -2.33
CA GLU A 40 0.61 -5.82 -1.01
C GLU A 40 1.57 -4.81 -0.40
N LEU A 41 1.39 -4.50 0.89
CA LEU A 41 2.22 -3.59 1.67
C LEU A 41 2.63 -4.27 2.99
N ARG A 42 3.92 -4.32 3.35
CA ARG A 42 4.41 -4.95 4.59
C ARG A 42 5.26 -3.97 5.39
N GLY A 43 5.04 -3.89 6.70
CA GLY A 43 5.68 -2.90 7.56
C GLY A 43 5.18 -1.44 7.40
N ALA A 44 4.02 -1.24 6.77
CA ALA A 44 3.45 0.08 6.53
C ALA A 44 2.91 0.76 7.80
N SER A 45 3.03 2.09 7.89
CA SER A 45 2.48 2.90 8.99
C SER A 45 0.98 3.16 8.84
N GLU A 46 0.27 3.34 9.95
CA GLU A 46 -1.20 3.41 9.95
C GLU A 46 -1.77 4.56 9.09
N GLN A 47 -1.13 5.73 9.06
CA GLN A 47 -1.62 6.86 8.27
C GLN A 47 -1.41 6.64 6.77
N LEU A 48 -0.26 6.06 6.37
CA LEU A 48 -0.01 5.67 4.98
C LEU A 48 -1.06 4.65 4.52
N ILE A 49 -1.38 3.66 5.37
CA ILE A 49 -2.41 2.66 5.08
C ILE A 49 -3.78 3.34 4.87
N ARG A 50 -4.20 4.30 5.71
CA ARG A 50 -5.47 5.03 5.54
C ARG A 50 -5.50 5.87 4.25
N ASP A 51 -4.40 6.55 3.93
CA ASP A 51 -4.30 7.37 2.73
C ASP A 51 -4.38 6.54 1.45
N MET A 52 -3.73 5.36 1.43
CA MET A 52 -3.74 4.44 0.29
C MET A 52 -5.03 3.61 0.20
N GLN A 53 -5.68 3.29 1.33
CA GLN A 53 -7.02 2.69 1.39
C GLN A 53 -8.07 3.55 0.67
N GLU A 54 -7.99 4.89 0.80
CA GLU A 54 -8.93 5.80 0.15
C GLU A 54 -8.84 5.73 -1.39
N ILE A 55 -7.64 5.50 -1.93
CA ILE A 55 -7.43 5.28 -3.37
C ILE A 55 -7.90 3.87 -3.77
N ALA A 56 -7.52 2.85 -3.00
CA ALA A 56 -7.81 1.45 -3.32
C ALA A 56 -9.32 1.14 -3.30
N LYS A 57 -10.08 1.80 -2.41
CA LYS A 57 -11.54 1.66 -2.30
C LYS A 57 -12.26 2.30 -3.50
N GLN A 58 -11.75 3.42 -4.00
CA GLN A 58 -12.28 4.11 -5.17
C GLN A 58 -11.99 3.39 -6.50
N ILE A 59 -10.85 2.71 -6.60
CA ILE A 59 -10.47 1.90 -7.79
C ILE A 59 -11.10 0.49 -7.74
N GLY A 60 -11.41 0.01 -6.54
CA GLY A 60 -11.80 -1.38 -6.29
C GLY A 60 -10.61 -2.35 -6.30
N LEU A 61 -9.41 -1.85 -6.03
CA LEU A 61 -8.14 -2.56 -6.07
C LEU A 61 -8.00 -3.51 -4.87
N GLN A 62 -7.52 -4.73 -5.11
CA GLN A 62 -7.24 -5.74 -4.09
C GLN A 62 -5.97 -5.40 -3.31
N TYR A 63 -6.05 -4.40 -2.43
CA TYR A 63 -4.98 -4.03 -1.52
C TYR A 63 -4.91 -5.00 -0.31
N ARG A 64 -3.72 -5.12 0.28
CA ARG A 64 -3.41 -5.89 1.49
C ARG A 64 -2.39 -5.15 2.34
N THR A 65 -2.58 -5.19 3.66
CA THR A 65 -1.57 -4.73 4.63
C THR A 65 -1.14 -5.84 5.58
N ASP A 66 0.18 -5.98 5.70
CA ASP A 66 0.92 -6.76 6.70
C ASP A 66 1.83 -5.82 7.52
N GLY A 67 1.44 -4.54 7.65
CA GLY A 67 2.05 -3.54 8.54
C GLY A 67 1.64 -3.62 10.01
N SER A 68 0.76 -4.57 10.37
CA SER A 68 0.28 -4.79 11.73
C SER A 68 1.39 -5.29 12.68
N LEU A 69 1.75 -4.46 13.66
CA LEU A 69 2.75 -4.72 14.70
C LEU A 69 2.28 -4.07 16.02
N GLU A 70 1.09 -4.44 16.46
CA GLU A 70 0.40 -3.87 17.63
C GLU A 70 0.91 -4.41 18.98
N HIS A 71 0.57 -3.70 20.06
CA HIS A 71 0.89 -4.05 21.45
C HIS A 71 -0.38 -4.06 22.33
N HIS A 72 -0.39 -4.87 23.38
CA HIS A 72 -1.52 -4.97 24.31
C HIS A 72 -1.64 -3.72 25.21
N HIS A 73 -2.88 -3.28 25.47
CA HIS A 73 -3.27 -2.09 26.24
C HIS A 73 -2.82 -0.74 25.64
N HIS A 74 -3.66 0.30 25.84
CA HIS A 74 -3.48 1.62 25.21
C HIS A 74 -2.34 2.46 25.84
N HIS A 75 -1.84 2.07 27.02
CA HIS A 75 -0.80 2.78 27.78
C HIS A 75 -1.16 4.26 28.05
N HIS A 76 -2.36 4.48 28.59
CA HIS A 76 -2.99 5.78 28.88
C HIS A 76 -3.08 6.70 27.64
N GLY A 1 12.11 -0.75 7.29
CA GLY A 1 11.66 -0.39 5.93
C GLY A 1 10.33 -1.02 5.57
N THR A 2 9.71 -0.54 4.48
CA THR A 2 8.42 -1.04 3.94
C THR A 2 8.68 -1.86 2.68
N GLU A 3 8.05 -3.03 2.55
CA GLU A 3 8.15 -3.89 1.36
C GLU A 3 6.82 -3.86 0.59
N ILE A 4 6.88 -3.79 -0.74
CA ILE A 4 5.72 -3.52 -1.61
C ILE A 4 5.72 -4.43 -2.82
N GLU A 5 4.54 -4.92 -3.20
CA GLU A 5 4.33 -5.74 -4.39
C GLU A 5 3.08 -5.27 -5.15
N LEU A 6 3.10 -5.34 -6.48
CA LEU A 6 1.95 -5.04 -7.34
C LEU A 6 1.83 -6.02 -8.51
N GLU A 7 0.60 -6.36 -8.90
CA GLU A 7 0.27 -7.29 -10.00
C GLU A 7 -0.77 -6.71 -10.97
N SER A 8 -0.45 -6.77 -12.27
CA SER A 8 -1.27 -6.25 -13.37
C SER A 8 -2.30 -7.26 -13.90
N LYS A 9 -3.30 -6.76 -14.61
CA LYS A 9 -4.45 -7.53 -15.15
C LYS A 9 -4.05 -8.62 -16.15
N ASN A 10 -2.85 -8.54 -16.73
CA ASN A 10 -2.28 -9.54 -17.63
C ASN A 10 -1.59 -10.72 -16.90
N GLY A 11 -1.38 -10.63 -15.57
CA GLY A 11 -0.72 -11.67 -14.77
C GLY A 11 0.75 -11.39 -14.39
N GLN A 12 1.29 -10.20 -14.64
CA GLN A 12 2.67 -9.85 -14.30
C GLN A 12 2.77 -9.05 -13.01
N ARG A 13 3.78 -9.35 -12.19
CA ARG A 13 4.03 -8.76 -10.87
C ARG A 13 5.45 -8.26 -10.66
N GLU A 14 5.61 -7.22 -9.84
CA GLU A 14 6.89 -6.59 -9.51
C GLU A 14 6.96 -6.21 -8.02
N HIS A 15 8.18 -6.24 -7.45
CA HIS A 15 8.47 -5.99 -6.03
C HIS A 15 9.41 -4.80 -5.84
N TYR A 16 9.15 -4.00 -4.81
CA TYR A 16 9.82 -2.73 -4.48
C TYR A 16 10.06 -2.60 -2.97
N THR A 17 11.11 -1.87 -2.58
CA THR A 17 11.39 -1.52 -1.17
C THR A 17 11.34 0.00 -0.99
N ALA A 18 10.62 0.46 0.03
CA ALA A 18 10.44 1.87 0.37
C ALA A 18 11.07 2.20 1.75
N THR A 19 11.89 3.25 1.80
CA THR A 19 12.57 3.70 3.03
C THR A 19 11.70 4.55 3.96
N SER A 20 10.65 5.18 3.39
CA SER A 20 9.72 6.09 4.07
C SER A 20 8.32 6.00 3.47
N GLU A 21 7.31 6.51 4.18
CA GLU A 21 5.92 6.65 3.71
C GLU A 21 5.84 7.48 2.42
N ASP A 22 6.72 8.46 2.23
CA ASP A 22 6.82 9.26 1.01
C ASP A 22 7.26 8.43 -0.21
N GLU A 23 8.13 7.43 -0.02
CA GLU A 23 8.51 6.50 -1.08
C GLU A 23 7.40 5.46 -1.31
N ALA A 24 6.73 4.99 -0.25
CA ALA A 24 5.67 3.99 -0.34
C ALA A 24 4.45 4.51 -1.14
N ARG A 25 3.98 5.74 -0.88
CA ARG A 25 2.89 6.38 -1.64
C ARG A 25 3.20 6.51 -3.13
N LYS A 26 4.48 6.75 -3.46
CA LYS A 26 5.00 6.86 -4.83
C LYS A 26 4.99 5.52 -5.58
N ILE A 27 5.20 4.40 -4.89
CA ILE A 27 5.02 3.07 -5.52
C ILE A 27 3.53 2.78 -5.76
N ILE A 28 2.65 3.19 -4.85
CA ILE A 28 1.20 2.97 -4.98
C ILE A 28 0.62 3.80 -6.13
N GLU A 29 0.94 5.09 -6.20
CA GLU A 29 0.42 5.99 -7.24
C GLU A 29 0.89 5.56 -8.65
N LYS A 30 2.12 5.03 -8.74
CA LYS A 30 2.69 4.45 -9.96
C LYS A 30 1.99 3.18 -10.39
N ALA A 31 1.48 2.42 -9.44
CA ALA A 31 0.71 1.21 -9.72
C ALA A 31 -0.73 1.53 -10.17
N VAL A 32 -1.44 2.42 -9.49
CA VAL A 32 -2.86 2.69 -9.80
C VAL A 32 -3.05 3.39 -11.15
N ARG A 33 -2.10 4.23 -11.57
CA ARG A 33 -2.12 4.87 -12.91
C ARG A 33 -1.89 3.89 -14.06
N ARG A 34 -1.18 2.78 -13.78
CA ARG A 34 -0.87 1.69 -14.72
C ARG A 34 -2.06 0.74 -14.91
N GLY A 35 -3.05 0.80 -14.04
CA GLY A 35 -4.21 -0.09 -14.03
C GLY A 35 -3.95 -1.41 -13.30
N ILE A 36 -3.03 -1.40 -12.32
CA ILE A 36 -2.74 -2.54 -11.44
C ILE A 36 -4.02 -3.08 -10.78
N LYS A 37 -4.10 -4.41 -10.60
CA LYS A 37 -5.27 -5.10 -10.04
C LYS A 37 -5.11 -5.41 -8.55
N ARG A 38 -3.90 -5.78 -8.11
CA ARG A 38 -3.56 -6.15 -6.72
C ARG A 38 -2.33 -5.38 -6.24
N ILE A 39 -2.37 -4.90 -5.00
CA ILE A 39 -1.29 -4.19 -4.31
C ILE A 39 -1.06 -4.83 -2.93
N GLU A 40 0.20 -4.97 -2.53
CA GLU A 40 0.61 -5.51 -1.23
C GLU A 40 1.61 -4.57 -0.58
N LEU A 41 1.47 -4.34 0.73
CA LEU A 41 2.41 -3.58 1.55
C LEU A 41 2.64 -4.22 2.92
N ARG A 42 3.90 -4.44 3.28
CA ARG A 42 4.37 -4.98 4.56
C ARG A 42 5.19 -3.92 5.31
N GLY A 43 4.94 -3.75 6.61
CA GLY A 43 5.61 -2.76 7.45
C GLY A 43 5.10 -1.31 7.31
N ALA A 44 3.92 -1.10 6.70
CA ALA A 44 3.33 0.22 6.50
C ALA A 44 2.85 0.86 7.83
N SER A 45 2.96 2.19 7.93
CA SER A 45 2.42 3.00 9.05
C SER A 45 0.93 3.32 8.85
N GLU A 46 0.18 3.56 9.93
CA GLU A 46 -1.28 3.67 9.84
C GLU A 46 -1.78 4.82 8.95
N GLN A 47 -1.06 5.95 8.87
CA GLN A 47 -1.43 7.04 7.96
C GLN A 47 -1.27 6.61 6.49
N LEU A 48 -0.16 5.94 6.16
CA LEU A 48 0.09 5.40 4.82
C LEU A 48 -0.97 4.34 4.46
N ILE A 49 -1.41 3.55 5.43
CA ILE A 49 -2.50 2.57 5.25
C ILE A 49 -3.86 3.24 5.02
N ARG A 50 -4.20 4.35 5.70
CA ARG A 50 -5.41 5.15 5.37
C ARG A 50 -5.32 5.79 3.98
N ASP A 51 -4.14 6.21 3.54
CA ASP A 51 -3.91 6.69 2.19
C ASP A 51 -4.09 5.57 1.13
N MET A 52 -3.54 4.38 1.37
CA MET A 52 -3.78 3.20 0.51
C MET A 52 -5.28 2.87 0.44
N GLN A 53 -5.96 2.84 1.59
CA GLN A 53 -7.39 2.52 1.70
C GLN A 53 -8.28 3.52 0.95
N GLU A 54 -7.99 4.82 1.06
CA GLU A 54 -8.74 5.86 0.34
C GLU A 54 -8.64 5.72 -1.18
N ILE A 55 -7.48 5.29 -1.70
CA ILE A 55 -7.30 4.99 -3.13
C ILE A 55 -8.03 3.69 -3.49
N ALA A 56 -7.80 2.62 -2.73
CA ALA A 56 -8.26 1.27 -3.05
C ALA A 56 -9.78 1.13 -2.98
N LYS A 57 -10.45 1.91 -2.13
CA LYS A 57 -11.92 1.95 -2.01
C LYS A 57 -12.57 2.66 -3.19
N GLN A 58 -11.91 3.69 -3.74
CA GLN A 58 -12.38 4.43 -4.91
C GLN A 58 -12.17 3.68 -6.23
N ILE A 59 -11.08 2.89 -6.33
CA ILE A 59 -10.74 2.13 -7.55
C ILE A 59 -11.32 0.70 -7.53
N GLY A 60 -11.59 0.16 -6.35
CA GLY A 60 -11.95 -1.24 -6.15
C GLY A 60 -10.77 -2.22 -6.33
N LEU A 61 -9.54 -1.74 -6.13
CA LEU A 61 -8.29 -2.49 -6.28
C LEU A 61 -8.08 -3.42 -5.07
N GLN A 62 -7.58 -4.65 -5.31
CA GLN A 62 -7.31 -5.64 -4.27
C GLN A 62 -6.03 -5.29 -3.49
N TYR A 63 -6.13 -4.33 -2.57
CA TYR A 63 -5.05 -3.99 -1.64
C TYR A 63 -4.95 -5.01 -0.49
N ARG A 64 -3.75 -5.16 0.09
CA ARG A 64 -3.47 -5.99 1.26
C ARG A 64 -2.46 -5.31 2.18
N THR A 65 -2.73 -5.34 3.48
CA THR A 65 -1.92 -4.69 4.52
C THR A 65 -1.32 -5.72 5.49
N ASP A 66 0.01 -5.67 5.62
CA ASP A 66 0.82 -6.38 6.62
C ASP A 66 1.76 -5.41 7.37
N GLY A 67 1.27 -4.20 7.68
CA GLY A 67 1.94 -3.18 8.47
C GLY A 67 1.46 -3.15 9.92
N SER A 68 1.22 -1.93 10.43
CA SER A 68 0.90 -1.65 11.84
C SER A 68 -0.30 -0.72 11.99
N LEU A 69 -1.20 -1.08 12.92
CA LEU A 69 -2.35 -0.29 13.34
C LEU A 69 -2.67 -0.61 14.82
N GLU A 70 -2.89 0.42 15.64
CA GLU A 70 -3.25 0.31 17.06
C GLU A 70 -4.62 0.93 17.36
N HIS A 71 -5.33 0.37 18.36
CA HIS A 71 -6.73 0.71 18.66
C HIS A 71 -6.89 1.64 19.88
N HIS A 72 -6.18 1.36 20.98
CA HIS A 72 -6.26 2.07 22.27
C HIS A 72 -7.71 2.17 22.83
N HIS A 73 -7.92 2.97 23.88
CA HIS A 73 -9.23 3.32 24.45
C HIS A 73 -9.35 4.81 24.82
N HIS A 74 -8.25 5.42 25.28
CA HIS A 74 -8.14 6.80 25.75
C HIS A 74 -9.08 7.17 26.92
N HIS A 75 -9.06 8.44 27.33
CA HIS A 75 -9.96 9.06 28.31
C HIS A 75 -10.95 10.01 27.61
N HIS A 76 -11.53 9.56 26.50
CA HIS A 76 -12.46 10.31 25.64
C HIS A 76 -13.87 10.42 26.26
N GLY A 1 10.88 1.50 6.91
CA GLY A 1 11.13 0.55 5.80
C GLY A 1 9.91 -0.32 5.55
N THR A 2 9.39 -0.28 4.31
CA THR A 2 8.19 -0.99 3.85
C THR A 2 8.52 -1.86 2.64
N GLU A 3 8.09 -3.12 2.63
CA GLU A 3 8.22 -4.02 1.45
C GLU A 3 6.91 -4.04 0.67
N ILE A 4 6.99 -4.00 -0.67
CA ILE A 4 5.83 -3.78 -1.55
C ILE A 4 5.84 -4.72 -2.74
N GLU A 5 4.65 -5.19 -3.13
CA GLU A 5 4.39 -6.00 -4.31
C GLU A 5 3.15 -5.49 -5.05
N LEU A 6 3.12 -5.55 -6.38
CA LEU A 6 1.95 -5.22 -7.20
C LEU A 6 1.79 -6.17 -8.40
N GLU A 7 0.55 -6.46 -8.78
CA GLU A 7 0.19 -7.33 -9.91
C GLU A 7 -0.89 -6.70 -10.80
N SER A 8 -0.66 -6.76 -12.11
CA SER A 8 -1.54 -6.26 -13.17
C SER A 8 -2.64 -7.26 -13.57
N LYS A 9 -3.70 -6.73 -14.21
CA LYS A 9 -4.80 -7.51 -14.81
C LYS A 9 -4.32 -8.56 -15.83
N ASN A 10 -3.15 -8.34 -16.44
CA ASN A 10 -2.52 -9.25 -17.40
C ASN A 10 -1.68 -10.38 -16.77
N GLY A 11 -1.52 -10.43 -15.44
CA GLY A 11 -0.72 -11.45 -14.74
C GLY A 11 0.75 -11.11 -14.52
N GLN A 12 1.16 -9.87 -14.80
CA GLN A 12 2.52 -9.38 -14.62
C GLN A 12 2.66 -8.69 -13.25
N ARG A 13 3.70 -9.06 -12.49
CA ARG A 13 3.95 -8.60 -11.12
C ARG A 13 5.36 -8.08 -10.90
N GLU A 14 5.50 -7.11 -10.01
CA GLU A 14 6.76 -6.43 -9.70
C GLU A 14 6.88 -6.15 -8.18
N HIS A 15 8.11 -6.24 -7.65
CA HIS A 15 8.45 -6.06 -6.23
C HIS A 15 9.39 -4.87 -5.99
N TYR A 16 9.18 -4.17 -4.88
CA TYR A 16 9.82 -2.89 -4.51
C TYR A 16 10.08 -2.78 -2.99
N THR A 17 11.06 -1.97 -2.61
CA THR A 17 11.31 -1.56 -1.22
C THR A 17 11.21 -0.03 -1.10
N ALA A 18 10.50 0.46 -0.08
CA ALA A 18 10.35 1.88 0.26
C ALA A 18 11.02 2.19 1.61
N THR A 19 11.79 3.27 1.69
CA THR A 19 12.48 3.67 2.94
C THR A 19 11.51 4.26 3.97
N SER A 20 10.51 5.00 3.48
CA SER A 20 9.59 5.83 4.27
C SER A 20 8.22 5.92 3.59
N GLU A 21 7.21 6.45 4.30
CA GLU A 21 5.84 6.63 3.83
C GLU A 21 5.72 7.50 2.57
N ASP A 22 6.64 8.44 2.39
CA ASP A 22 6.76 9.27 1.18
C ASP A 22 7.27 8.47 -0.03
N GLU A 23 8.11 7.46 0.17
CA GLU A 23 8.55 6.57 -0.91
C GLU A 23 7.50 5.48 -1.21
N ALA A 24 6.78 5.00 -0.18
CA ALA A 24 5.75 3.98 -0.34
C ALA A 24 4.55 4.47 -1.17
N ARG A 25 4.06 5.71 -0.92
CA ARG A 25 2.97 6.32 -1.70
C ARG A 25 3.30 6.51 -3.18
N LYS A 26 4.57 6.75 -3.50
CA LYS A 26 5.06 6.81 -4.89
C LYS A 26 4.93 5.46 -5.59
N ILE A 27 5.25 4.34 -4.93
CA ILE A 27 5.08 2.99 -5.52
C ILE A 27 3.60 2.70 -5.78
N ILE A 28 2.70 3.17 -4.92
CA ILE A 28 1.25 2.98 -5.07
C ILE A 28 0.71 3.85 -6.21
N GLU A 29 1.02 5.16 -6.25
CA GLU A 29 0.52 6.06 -7.29
C GLU A 29 1.02 5.65 -8.69
N LYS A 30 2.27 5.15 -8.74
CA LYS A 30 2.90 4.62 -9.96
C LYS A 30 2.29 3.32 -10.42
N ALA A 31 1.65 2.58 -9.53
CA ALA A 31 0.92 1.37 -9.86
C ALA A 31 -0.52 1.65 -10.31
N VAL A 32 -1.27 2.48 -9.58
CA VAL A 32 -2.70 2.72 -9.90
C VAL A 32 -2.90 3.40 -11.26
N ARG A 33 -1.95 4.22 -11.71
CA ARG A 33 -1.98 4.85 -13.06
C ARG A 33 -1.90 3.82 -14.21
N ARG A 34 -1.26 2.67 -13.94
CA ARG A 34 -1.06 1.55 -14.88
C ARG A 34 -2.27 0.61 -14.96
N GLY A 35 -3.26 0.78 -14.08
CA GLY A 35 -4.44 -0.10 -14.00
C GLY A 35 -4.18 -1.39 -13.22
N ILE A 36 -3.25 -1.35 -12.26
CA ILE A 36 -2.87 -2.47 -11.39
C ILE A 36 -4.10 -3.02 -10.65
N LYS A 37 -4.14 -4.35 -10.51
CA LYS A 37 -5.29 -5.09 -9.96
C LYS A 37 -5.13 -5.37 -8.47
N ARG A 38 -3.91 -5.68 -8.03
CA ARG A 38 -3.55 -6.09 -6.65
C ARG A 38 -2.28 -5.37 -6.17
N ILE A 39 -2.29 -4.94 -4.91
CA ILE A 39 -1.18 -4.28 -4.20
C ILE A 39 -0.99 -4.96 -2.84
N GLU A 40 0.26 -5.15 -2.43
CA GLU A 40 0.65 -5.70 -1.14
C GLU A 40 1.71 -4.84 -0.49
N LEU A 41 1.56 -4.55 0.80
CA LEU A 41 2.51 -3.82 1.64
C LEU A 41 2.80 -4.59 2.93
N ARG A 42 4.06 -4.57 3.40
CA ARG A 42 4.50 -5.10 4.70
C ARG A 42 5.25 -4.03 5.50
N GLY A 43 4.92 -3.91 6.79
CA GLY A 43 5.55 -2.95 7.70
C GLY A 43 5.10 -1.48 7.52
N ALA A 44 3.91 -1.26 6.97
CA ALA A 44 3.40 0.08 6.68
C ALA A 44 2.96 0.86 7.95
N SER A 45 3.08 2.19 7.92
CA SER A 45 2.58 3.09 8.98
C SER A 45 1.08 3.36 8.82
N GLU A 46 0.38 3.63 9.92
CA GLU A 46 -1.09 3.75 9.94
C GLU A 46 -1.63 4.78 8.94
N GLN A 47 -0.99 5.95 8.78
CA GLN A 47 -1.50 6.98 7.86
C GLN A 47 -1.29 6.60 6.40
N LEU A 48 -0.16 5.96 6.06
CA LEU A 48 0.09 5.46 4.71
C LEU A 48 -0.94 4.37 4.33
N ILE A 49 -1.33 3.53 5.30
CA ILE A 49 -2.40 2.55 5.12
C ILE A 49 -3.75 3.24 4.84
N ARG A 50 -4.15 4.28 5.59
CA ARG A 50 -5.40 5.04 5.33
C ARG A 50 -5.37 5.75 3.97
N ASP A 51 -4.22 6.32 3.61
CA ASP A 51 -4.01 7.02 2.34
C ASP A 51 -4.17 6.06 1.15
N MET A 52 -3.61 4.84 1.25
CA MET A 52 -3.80 3.77 0.27
C MET A 52 -5.24 3.23 0.25
N GLN A 53 -5.84 2.98 1.43
CA GLN A 53 -7.21 2.47 1.55
C GLN A 53 -8.23 3.35 0.82
N GLU A 54 -8.10 4.67 0.91
CA GLU A 54 -9.00 5.61 0.22
C GLU A 54 -8.88 5.52 -1.31
N ILE A 55 -7.67 5.35 -1.84
CA ILE A 55 -7.44 5.15 -3.29
C ILE A 55 -7.98 3.77 -3.71
N ALA A 56 -7.71 2.73 -2.92
CA ALA A 56 -8.08 1.35 -3.24
C ALA A 56 -9.60 1.14 -3.20
N LYS A 57 -10.30 1.89 -2.36
CA LYS A 57 -11.77 1.93 -2.28
C LYS A 57 -12.40 2.54 -3.54
N GLN A 58 -11.82 3.63 -4.03
CA GLN A 58 -12.27 4.33 -5.24
C GLN A 58 -12.03 3.54 -6.53
N ILE A 59 -10.95 2.77 -6.58
CA ILE A 59 -10.58 1.95 -7.77
C ILE A 59 -11.18 0.52 -7.70
N GLY A 60 -11.49 0.06 -6.50
CA GLY A 60 -11.86 -1.34 -6.22
C GLY A 60 -10.66 -2.31 -6.28
N LEU A 61 -9.44 -1.79 -6.04
CA LEU A 61 -8.17 -2.51 -6.14
C LEU A 61 -7.99 -3.46 -4.96
N GLN A 62 -7.48 -4.68 -5.22
CA GLN A 62 -7.18 -5.70 -4.22
C GLN A 62 -5.92 -5.34 -3.42
N TYR A 63 -6.02 -4.35 -2.53
CA TYR A 63 -4.95 -3.96 -1.61
C TYR A 63 -4.86 -4.94 -0.42
N ARG A 64 -3.66 -5.05 0.17
CA ARG A 64 -3.40 -5.75 1.45
C ARG A 64 -2.31 -5.05 2.24
N THR A 65 -2.45 -5.01 3.56
CA THR A 65 -1.40 -4.58 4.51
C THR A 65 -1.04 -5.69 5.50
N ASP A 66 0.26 -5.87 5.73
CA ASP A 66 0.86 -6.78 6.71
C ASP A 66 1.80 -5.99 7.64
N GLY A 67 1.22 -5.11 8.46
CA GLY A 67 1.93 -4.27 9.42
C GLY A 67 0.99 -3.55 10.39
N SER A 68 1.05 -3.95 11.67
CA SER A 68 0.35 -3.29 12.78
C SER A 68 1.20 -2.17 13.40
N LEU A 69 0.54 -1.13 13.95
CA LEU A 69 1.19 -0.02 14.63
C LEU A 69 0.26 0.49 15.74
N GLU A 70 0.75 0.49 16.99
CA GLU A 70 0.07 1.05 18.16
C GLU A 70 1.06 1.81 19.06
N HIS A 71 0.57 2.73 19.90
CA HIS A 71 1.38 3.51 20.84
C HIS A 71 0.63 3.80 22.15
N HIS A 72 1.31 3.64 23.29
CA HIS A 72 0.77 3.90 24.62
C HIS A 72 0.54 5.41 24.88
N HIS A 73 -0.60 5.75 25.48
CA HIS A 73 -1.03 7.12 25.75
C HIS A 73 -1.99 7.20 26.95
N HIS A 74 -1.98 8.32 27.66
CA HIS A 74 -2.76 8.58 28.88
C HIS A 74 -3.31 10.02 28.91
N HIS A 75 -4.41 10.22 29.65
CA HIS A 75 -5.11 11.51 29.81
C HIS A 75 -5.51 11.76 31.27
N HIS A 76 -5.75 13.03 31.63
CA HIS A 76 -6.16 13.50 32.97
C HIS A 76 -7.60 14.03 32.98
N GLY A 1 12.16 -0.96 6.90
CA GLY A 1 11.58 -0.41 5.66
C GLY A 1 10.23 -1.03 5.35
N THR A 2 9.51 -0.46 4.37
CA THR A 2 8.20 -0.93 3.88
C THR A 2 8.40 -1.79 2.63
N GLU A 3 7.86 -3.01 2.62
CA GLU A 3 7.89 -3.90 1.44
C GLU A 3 6.60 -3.75 0.62
N ILE A 4 6.71 -3.78 -0.70
CA ILE A 4 5.61 -3.52 -1.63
C ILE A 4 5.62 -4.53 -2.78
N GLU A 5 4.44 -4.97 -3.20
CA GLU A 5 4.22 -5.76 -4.41
C GLU A 5 3.02 -5.21 -5.18
N LEU A 6 3.05 -5.31 -6.51
CA LEU A 6 1.92 -5.00 -7.39
C LEU A 6 1.78 -6.03 -8.51
N GLU A 7 0.55 -6.39 -8.86
CA GLU A 7 0.22 -7.33 -9.93
C GLU A 7 -0.85 -6.77 -10.89
N SER A 8 -0.57 -6.88 -12.19
CA SER A 8 -1.38 -6.35 -13.28
C SER A 8 -2.45 -7.33 -13.77
N LYS A 9 -3.42 -6.83 -14.55
CA LYS A 9 -4.55 -7.59 -15.11
C LYS A 9 -4.14 -8.75 -16.03
N ASN A 10 -2.93 -8.68 -16.60
CA ASN A 10 -2.34 -9.74 -17.43
C ASN A 10 -1.52 -10.80 -16.64
N GLY A 11 -1.49 -10.73 -15.30
CA GLY A 11 -0.79 -11.69 -14.43
C GLY A 11 0.72 -11.45 -14.26
N GLN A 12 1.20 -10.25 -14.60
CA GLN A 12 2.57 -9.82 -14.37
C GLN A 12 2.67 -9.16 -12.98
N ARG A 13 3.66 -9.53 -12.17
CA ARG A 13 3.89 -8.99 -10.82
C ARG A 13 5.30 -8.43 -10.61
N GLU A 14 5.40 -7.38 -9.80
CA GLU A 14 6.62 -6.59 -9.58
C GLU A 14 6.77 -6.24 -8.08
N HIS A 15 8.01 -6.21 -7.57
CA HIS A 15 8.33 -5.98 -6.16
C HIS A 15 9.28 -4.79 -5.95
N TYR A 16 9.02 -4.03 -4.89
CA TYR A 16 9.69 -2.77 -4.54
C TYR A 16 9.88 -2.64 -3.01
N THR A 17 10.90 -1.89 -2.59
CA THR A 17 11.10 -1.48 -1.19
C THR A 17 11.06 0.04 -1.07
N ALA A 18 10.33 0.54 -0.06
CA ALA A 18 10.23 1.97 0.29
C ALA A 18 10.90 2.25 1.65
N THR A 19 11.71 3.30 1.71
CA THR A 19 12.44 3.72 2.93
C THR A 19 11.57 4.50 3.91
N SER A 20 10.60 5.25 3.36
CA SER A 20 9.66 6.12 4.08
C SER A 20 8.24 6.02 3.50
N GLU A 21 7.24 6.47 4.25
CA GLU A 21 5.84 6.56 3.82
C GLU A 21 5.68 7.37 2.52
N ASP A 22 6.47 8.44 2.36
CA ASP A 22 6.50 9.26 1.15
C ASP A 22 7.00 8.49 -0.09
N GLU A 23 7.91 7.53 0.08
CA GLU A 23 8.37 6.64 -1.00
C GLU A 23 7.31 5.55 -1.28
N ALA A 24 6.65 5.04 -0.24
CA ALA A 24 5.63 4.00 -0.38
C ALA A 24 4.43 4.48 -1.21
N ARG A 25 3.88 5.68 -0.91
CA ARG A 25 2.77 6.26 -1.69
C ARG A 25 3.11 6.48 -3.16
N LYS A 26 4.37 6.81 -3.45
CA LYS A 26 4.90 7.03 -4.81
C LYS A 26 5.00 5.75 -5.62
N ILE A 27 5.28 4.60 -5.01
CA ILE A 27 5.23 3.30 -5.71
C ILE A 27 3.78 2.95 -6.08
N ILE A 28 2.83 3.27 -5.20
CA ILE A 28 1.41 2.92 -5.36
C ILE A 28 0.73 3.83 -6.39
N GLU A 29 0.95 5.15 -6.32
CA GLU A 29 0.39 6.11 -7.28
C GLU A 29 0.92 5.87 -8.71
N LYS A 30 2.18 5.40 -8.82
CA LYS A 30 2.79 4.94 -10.08
C LYS A 30 2.24 3.60 -10.55
N ALA A 31 1.69 2.79 -9.66
CA ALA A 31 1.05 1.53 -10.00
C ALA A 31 -0.40 1.70 -10.49
N VAL A 32 -1.21 2.48 -9.78
CA VAL A 32 -2.64 2.64 -10.11
C VAL A 32 -2.88 3.29 -11.48
N ARG A 33 -1.98 4.17 -11.94
CA ARG A 33 -2.05 4.77 -13.29
C ARG A 33 -1.91 3.73 -14.42
N ARG A 34 -1.19 2.63 -14.15
CA ARG A 34 -0.91 1.53 -15.08
C ARG A 34 -2.08 0.53 -15.17
N GLY A 35 -3.09 0.66 -14.29
CA GLY A 35 -4.22 -0.26 -14.21
C GLY A 35 -3.90 -1.55 -13.44
N ILE A 36 -2.95 -1.48 -12.50
CA ILE A 36 -2.62 -2.57 -11.55
C ILE A 36 -3.88 -3.04 -10.82
N LYS A 37 -4.04 -4.36 -10.69
CA LYS A 37 -5.26 -5.00 -10.15
C LYS A 37 -5.12 -5.33 -8.66
N ARG A 38 -3.94 -5.82 -8.24
CA ARG A 38 -3.61 -6.21 -6.86
C ARG A 38 -2.39 -5.45 -6.35
N ILE A 39 -2.40 -5.08 -5.07
CA ILE A 39 -1.29 -4.44 -4.36
C ILE A 39 -1.07 -5.11 -3.01
N GLU A 40 0.18 -5.24 -2.57
CA GLU A 40 0.56 -5.71 -1.24
C GLU A 40 1.47 -4.70 -0.55
N LEU A 41 1.26 -4.51 0.75
CA LEU A 41 2.06 -3.68 1.64
C LEU A 41 2.46 -4.47 2.89
N ARG A 42 3.72 -4.35 3.34
CA ARG A 42 4.19 -4.88 4.65
C ARG A 42 5.03 -3.84 5.39
N GLY A 43 4.88 -3.76 6.71
CA GLY A 43 5.66 -2.86 7.57
C GLY A 43 5.35 -1.35 7.41
N ALA A 44 4.21 -1.01 6.80
CA ALA A 44 3.77 0.36 6.60
C ALA A 44 3.27 1.03 7.90
N SER A 45 3.31 2.36 7.96
CA SER A 45 2.76 3.15 9.09
C SER A 45 1.25 3.29 8.99
N GLU A 46 0.55 3.41 10.12
CA GLU A 46 -0.92 3.39 10.14
C GLU A 46 -1.57 4.52 9.32
N GLN A 47 -0.98 5.72 9.30
CA GLN A 47 -1.52 6.85 8.53
C GLN A 47 -1.39 6.61 7.02
N LEU A 48 -0.24 6.09 6.58
CA LEU A 48 0.00 5.71 5.18
C LEU A 48 -0.99 4.62 4.75
N ILE A 49 -1.23 3.62 5.60
CA ILE A 49 -2.18 2.54 5.33
C ILE A 49 -3.59 3.12 5.10
N ARG A 50 -4.11 4.01 5.97
CA ARG A 50 -5.43 4.64 5.78
C ARG A 50 -5.50 5.52 4.54
N ASP A 51 -4.45 6.30 4.25
CA ASP A 51 -4.42 7.16 3.07
C ASP A 51 -4.48 6.36 1.75
N MET A 52 -3.71 5.28 1.65
CA MET A 52 -3.68 4.44 0.44
C MET A 52 -4.87 3.48 0.35
N GLN A 53 -5.43 3.03 1.49
CA GLN A 53 -6.72 2.31 1.53
C GLN A 53 -7.85 3.13 0.91
N GLU A 54 -7.89 4.44 1.17
CA GLU A 54 -8.92 5.32 0.61
C GLU A 54 -8.85 5.40 -0.92
N ILE A 55 -7.66 5.39 -1.51
CA ILE A 55 -7.46 5.31 -2.96
C ILE A 55 -7.87 3.93 -3.48
N ALA A 56 -7.51 2.86 -2.77
CA ALA A 56 -7.76 1.49 -3.20
C ALA A 56 -9.26 1.16 -3.26
N LYS A 57 -10.05 1.72 -2.33
CA LYS A 57 -11.52 1.53 -2.28
C LYS A 57 -12.24 2.29 -3.40
N GLN A 58 -11.74 3.47 -3.78
CA GLN A 58 -12.31 4.30 -4.85
C GLN A 58 -12.09 3.71 -6.26
N ILE A 59 -10.97 3.01 -6.46
CA ILE A 59 -10.66 2.33 -7.73
C ILE A 59 -11.20 0.89 -7.77
N GLY A 60 -11.33 0.27 -6.60
CA GLY A 60 -11.67 -1.15 -6.43
C GLY A 60 -10.46 -2.10 -6.53
N LEU A 61 -9.25 -1.62 -6.25
CA LEU A 61 -8.03 -2.43 -6.22
C LEU A 61 -8.07 -3.52 -5.12
N GLN A 62 -7.49 -4.68 -5.42
CA GLN A 62 -7.29 -5.78 -4.47
C GLN A 62 -6.01 -5.52 -3.64
N TYR A 63 -6.09 -4.56 -2.71
CA TYR A 63 -4.99 -4.23 -1.79
C TYR A 63 -4.92 -5.24 -0.61
N ARG A 64 -3.74 -5.33 0.02
CA ARG A 64 -3.48 -6.07 1.27
C ARG A 64 -2.48 -5.30 2.13
N THR A 65 -2.63 -5.35 3.45
CA THR A 65 -1.68 -4.75 4.41
C THR A 65 -1.25 -5.72 5.52
N ASP A 66 0.05 -5.73 5.82
CA ASP A 66 0.70 -6.41 6.94
C ASP A 66 1.63 -5.42 7.68
N GLY A 67 1.08 -4.29 8.11
CA GLY A 67 1.76 -3.18 8.79
C GLY A 67 1.11 -2.75 10.11
N SER A 68 0.79 -3.71 10.98
CA SER A 68 0.15 -3.46 12.28
C SER A 68 1.08 -2.69 13.23
N LEU A 69 0.77 -1.40 13.46
CA LEU A 69 1.59 -0.47 14.26
C LEU A 69 0.76 0.42 15.21
N GLU A 70 -0.52 0.11 15.37
CA GLU A 70 -1.49 0.89 16.16
C GLU A 70 -1.29 0.74 17.68
N HIS A 71 -1.34 1.87 18.40
CA HIS A 71 -1.11 1.98 19.85
C HIS A 71 -2.02 3.06 20.48
N HIS A 72 -2.35 2.90 21.77
CA HIS A 72 -3.08 3.89 22.57
C HIS A 72 -2.13 4.90 23.25
N HIS A 73 -2.68 6.03 23.72
CA HIS A 73 -1.96 7.07 24.44
C HIS A 73 -2.86 7.74 25.51
N HIS A 74 -2.25 8.23 26.61
CA HIS A 74 -2.93 8.86 27.75
C HIS A 74 -2.21 10.15 28.19
N HIS A 75 -2.93 11.06 28.84
CA HIS A 75 -2.43 12.37 29.30
C HIS A 75 -2.93 12.72 30.70
N HIS A 76 -2.14 13.48 31.47
CA HIS A 76 -2.43 13.97 32.83
C HIS A 76 -1.84 15.37 33.06
N GLY A 1 11.29 0.75 7.30
CA GLY A 1 11.20 0.37 5.86
C GLY A 1 9.96 -0.46 5.59
N THR A 2 9.38 -0.31 4.39
CA THR A 2 8.14 -0.98 3.94
C THR A 2 8.43 -1.79 2.68
N GLU A 3 8.00 -3.06 2.62
CA GLU A 3 8.03 -3.86 1.39
C GLU A 3 6.75 -3.66 0.57
N ILE A 4 6.83 -3.72 -0.75
CA ILE A 4 5.72 -3.49 -1.67
C ILE A 4 5.75 -4.50 -2.81
N GLU A 5 4.59 -5.06 -3.14
CA GLU A 5 4.40 -5.99 -4.25
C GLU A 5 3.13 -5.61 -5.02
N LEU A 6 3.12 -5.75 -6.35
CA LEU A 6 1.97 -5.46 -7.18
C LEU A 6 1.86 -6.38 -8.39
N GLU A 7 0.63 -6.73 -8.79
CA GLU A 7 0.34 -7.65 -9.89
C GLU A 7 -0.70 -7.07 -10.87
N SER A 8 -0.40 -7.16 -12.16
CA SER A 8 -1.19 -6.62 -13.27
C SER A 8 -2.34 -7.54 -13.70
N LYS A 9 -3.34 -6.96 -14.39
CA LYS A 9 -4.42 -7.71 -15.09
C LYS A 9 -3.86 -8.64 -16.19
N ASN A 10 -2.64 -8.34 -16.68
CA ASN A 10 -1.88 -9.18 -17.61
C ASN A 10 -1.24 -10.43 -16.96
N GLY A 11 -1.29 -10.57 -15.63
CA GLY A 11 -0.75 -11.73 -14.88
C GLY A 11 0.74 -11.64 -14.54
N GLN A 12 1.33 -10.43 -14.55
CA GLN A 12 2.74 -10.17 -14.20
C GLN A 12 2.87 -9.28 -12.97
N ARG A 13 3.92 -9.51 -12.18
CA ARG A 13 4.14 -8.85 -10.88
C ARG A 13 5.52 -8.24 -10.70
N GLU A 14 5.59 -7.21 -9.86
CA GLU A 14 6.79 -6.41 -9.57
C GLU A 14 6.91 -6.16 -8.06
N HIS A 15 8.15 -6.06 -7.56
CA HIS A 15 8.48 -5.90 -6.14
C HIS A 15 9.45 -4.73 -5.88
N TYR A 16 9.22 -4.00 -4.78
CA TYR A 16 9.88 -2.74 -4.42
C TYR A 16 10.07 -2.62 -2.90
N THR A 17 11.04 -1.81 -2.47
CA THR A 17 11.24 -1.39 -1.07
C THR A 17 11.11 0.13 -0.95
N ALA A 18 10.36 0.62 0.04
CA ALA A 18 10.18 2.03 0.36
C ALA A 18 10.84 2.39 1.71
N THR A 19 11.65 3.45 1.74
CA THR A 19 12.33 3.95 2.95
C THR A 19 11.43 4.81 3.84
N SER A 20 10.38 5.38 3.27
CA SER A 20 9.45 6.32 3.90
C SER A 20 8.02 6.16 3.35
N GLU A 21 7.02 6.57 4.13
CA GLU A 21 5.62 6.69 3.70
C GLU A 21 5.45 7.60 2.47
N ASP A 22 6.36 8.56 2.26
CA ASP A 22 6.43 9.39 1.06
C ASP A 22 6.96 8.67 -0.18
N GLU A 23 7.81 7.64 -0.02
CA GLU A 23 8.22 6.76 -1.11
C GLU A 23 7.14 5.70 -1.40
N ALA A 24 6.51 5.16 -0.34
CA ALA A 24 5.52 4.09 -0.46
C ALA A 24 4.28 4.52 -1.27
N ARG A 25 3.73 5.72 -0.98
CA ARG A 25 2.62 6.32 -1.75
C ARG A 25 2.93 6.52 -3.23
N LYS A 26 4.20 6.82 -3.55
CA LYS A 26 4.69 6.99 -4.92
C LYS A 26 4.75 5.66 -5.69
N ILE A 27 5.05 4.54 -5.02
CA ILE A 27 4.98 3.21 -5.67
C ILE A 27 3.52 2.82 -5.93
N ILE A 28 2.58 3.18 -5.04
CA ILE A 28 1.15 2.88 -5.21
C ILE A 28 0.57 3.71 -6.37
N GLU A 29 0.78 5.02 -6.37
CA GLU A 29 0.23 5.93 -7.39
C GLU A 29 0.78 5.65 -8.79
N LYS A 30 2.05 5.20 -8.87
CA LYS A 30 2.71 4.73 -10.10
C LYS A 30 2.22 3.38 -10.57
N ALA A 31 1.62 2.58 -9.70
CA ALA A 31 0.99 1.32 -10.08
C ALA A 31 -0.48 1.47 -10.49
N VAL A 32 -1.30 2.20 -9.72
CA VAL A 32 -2.73 2.33 -10.02
C VAL A 32 -3.00 3.02 -11.35
N ARG A 33 -2.13 3.94 -11.79
CA ARG A 33 -2.22 4.57 -13.11
C ARG A 33 -2.10 3.58 -14.28
N ARG A 34 -1.40 2.45 -14.05
CA ARG A 34 -1.10 1.40 -15.04
C ARG A 34 -2.21 0.36 -15.16
N GLY A 35 -3.24 0.43 -14.30
CA GLY A 35 -4.33 -0.53 -14.29
C GLY A 35 -3.98 -1.84 -13.59
N ILE A 36 -3.03 -1.77 -12.63
CA ILE A 36 -2.66 -2.87 -11.73
C ILE A 36 -3.90 -3.42 -11.01
N LYS A 37 -3.94 -4.74 -10.80
CA LYS A 37 -5.09 -5.45 -10.23
C LYS A 37 -4.96 -5.64 -8.72
N ARG A 38 -3.76 -6.00 -8.26
CA ARG A 38 -3.43 -6.35 -6.87
C ARG A 38 -2.24 -5.55 -6.36
N ILE A 39 -2.31 -5.12 -5.10
CA ILE A 39 -1.26 -4.36 -4.39
C ILE A 39 -1.06 -4.95 -2.99
N GLU A 40 0.18 -5.09 -2.54
CA GLU A 40 0.59 -5.60 -1.23
C GLU A 40 1.60 -4.64 -0.62
N LEU A 41 1.43 -4.31 0.66
CA LEU A 41 2.40 -3.54 1.43
C LEU A 41 2.62 -4.16 2.82
N ARG A 42 3.88 -4.27 3.25
CA ARG A 42 4.30 -5.00 4.47
C ARG A 42 5.16 -4.11 5.37
N GLY A 43 4.85 -4.06 6.66
CA GLY A 43 5.48 -3.14 7.61
C GLY A 43 5.02 -1.67 7.50
N ALA A 44 3.85 -1.44 6.89
CA ALA A 44 3.30 -0.09 6.70
C ALA A 44 2.92 0.59 8.04
N SER A 45 3.08 1.91 8.11
CA SER A 45 2.61 2.74 9.24
C SER A 45 1.13 3.12 9.07
N GLU A 46 0.41 3.36 10.17
CA GLU A 46 -1.05 3.55 10.14
C GLU A 46 -1.54 4.71 9.25
N GLN A 47 -0.75 5.79 9.11
CA GLN A 47 -1.05 6.88 8.18
C GLN A 47 -0.96 6.40 6.72
N LEU A 48 0.10 5.67 6.36
CA LEU A 48 0.29 5.10 5.02
C LEU A 48 -0.80 4.05 4.71
N ILE A 49 -1.25 3.29 5.71
CA ILE A 49 -2.39 2.37 5.55
C ILE A 49 -3.69 3.13 5.25
N ARG A 50 -3.97 4.25 5.94
CA ARG A 50 -5.14 5.11 5.64
C ARG A 50 -5.03 5.76 4.25
N ASP A 51 -3.82 6.10 3.81
CA ASP A 51 -3.56 6.59 2.46
C ASP A 51 -3.81 5.50 1.39
N MET A 52 -3.35 4.26 1.58
CA MET A 52 -3.69 3.14 0.69
C MET A 52 -5.20 2.89 0.65
N GLN A 53 -5.86 2.90 1.81
CA GLN A 53 -7.30 2.66 1.95
C GLN A 53 -8.13 3.72 1.22
N GLU A 54 -7.74 5.00 1.29
CA GLU A 54 -8.38 6.09 0.55
C GLU A 54 -8.25 5.92 -0.98
N ILE A 55 -7.13 5.38 -1.47
CA ILE A 55 -6.95 5.07 -2.91
C ILE A 55 -7.79 3.85 -3.29
N ALA A 56 -7.66 2.77 -2.51
CA ALA A 56 -8.21 1.45 -2.85
C ALA A 56 -9.74 1.42 -2.79
N LYS A 57 -10.37 2.24 -1.94
CA LYS A 57 -11.84 2.38 -1.88
C LYS A 57 -12.41 3.20 -3.04
N GLN A 58 -11.66 4.18 -3.56
CA GLN A 58 -12.08 5.01 -4.67
C GLN A 58 -11.96 4.31 -6.03
N ILE A 59 -10.93 3.48 -6.21
CA ILE A 59 -10.66 2.76 -7.48
C ILE A 59 -11.21 1.32 -7.46
N GLY A 60 -11.42 0.74 -6.27
CA GLY A 60 -11.89 -0.64 -6.08
C GLY A 60 -10.80 -1.72 -6.27
N LEU A 61 -9.52 -1.34 -6.26
CA LEU A 61 -8.36 -2.24 -6.40
C LEU A 61 -8.17 -3.19 -5.21
N GLN A 62 -7.57 -4.36 -5.46
CA GLN A 62 -7.31 -5.38 -4.44
C GLN A 62 -6.01 -5.04 -3.67
N TYR A 63 -6.11 -4.13 -2.69
CA TYR A 63 -5.01 -3.82 -1.77
C TYR A 63 -4.96 -4.82 -0.59
N ARG A 64 -3.77 -5.01 -0.01
CA ARG A 64 -3.53 -5.75 1.23
C ARG A 64 -2.43 -5.09 2.05
N THR A 65 -2.66 -4.97 3.35
CA THR A 65 -1.63 -4.57 4.32
C THR A 65 -1.25 -5.73 5.24
N ASP A 66 0.05 -5.93 5.41
CA ASP A 66 0.67 -6.80 6.42
C ASP A 66 1.41 -5.96 7.49
N GLY A 67 1.15 -4.65 7.53
CA GLY A 67 1.72 -3.68 8.49
C GLY A 67 1.09 -3.75 9.89
N SER A 68 1.07 -4.92 10.52
CA SER A 68 0.66 -5.07 11.92
C SER A 68 1.65 -4.39 12.86
N LEU A 69 1.14 -3.63 13.84
CA LEU A 69 1.93 -2.95 14.86
C LEU A 69 1.13 -2.85 16.15
N GLU A 70 1.54 -3.60 17.17
CA GLU A 70 0.97 -3.54 18.53
C GLU A 70 2.05 -3.42 19.62
N HIS A 71 1.75 -2.66 20.68
CA HIS A 71 2.59 -2.47 21.87
C HIS A 71 1.77 -2.64 23.18
N HIS A 72 0.56 -2.07 23.21
CA HIS A 72 -0.38 -2.02 24.35
C HIS A 72 0.15 -1.25 25.58
N HIS A 73 -0.78 -0.81 26.44
CA HIS A 73 -0.49 -0.11 27.70
C HIS A 73 -1.55 -0.43 28.78
N HIS A 74 -1.24 -0.15 30.05
CA HIS A 74 -2.13 -0.34 31.21
C HIS A 74 -2.11 0.90 32.14
N HIS A 75 -3.22 1.14 32.83
CA HIS A 75 -3.39 2.29 33.75
C HIS A 75 -4.27 1.92 34.96
N HIS A 76 -4.12 2.68 36.06
CA HIS A 76 -5.01 2.64 37.24
C HIS A 76 -6.46 3.06 36.90
N GLY A 1 11.79 0.11 7.21
CA GLY A 1 11.55 -0.02 5.75
C GLY A 1 10.22 -0.72 5.46
N THR A 2 9.65 -0.46 4.29
CA THR A 2 8.31 -0.94 3.86
C THR A 2 8.43 -1.74 2.55
N GLU A 3 7.80 -2.92 2.46
CA GLU A 3 7.77 -3.74 1.24
C GLU A 3 6.44 -3.57 0.48
N ILE A 4 6.50 -3.64 -0.85
CA ILE A 4 5.36 -3.43 -1.74
C ILE A 4 5.37 -4.46 -2.88
N GLU A 5 4.23 -5.07 -3.19
CA GLU A 5 4.03 -5.94 -4.35
C GLU A 5 2.88 -5.38 -5.20
N LEU A 6 2.93 -5.55 -6.53
CA LEU A 6 1.82 -5.27 -7.44
C LEU A 6 1.70 -6.32 -8.54
N GLU A 7 0.46 -6.66 -8.93
CA GLU A 7 0.15 -7.58 -10.04
C GLU A 7 -0.84 -6.95 -11.04
N SER A 8 -0.51 -7.01 -12.33
CA SER A 8 -1.26 -6.44 -13.45
C SER A 8 -2.35 -7.38 -13.98
N LYS A 9 -3.38 -6.80 -14.64
CA LYS A 9 -4.39 -7.55 -15.41
C LYS A 9 -3.78 -8.33 -16.59
N ASN A 10 -2.58 -7.97 -17.02
CA ASN A 10 -1.76 -8.70 -18.00
C ASN A 10 -1.11 -9.98 -17.43
N GLY A 11 -1.17 -10.22 -16.11
CA GLY A 11 -0.62 -11.41 -15.45
C GLY A 11 0.86 -11.31 -15.06
N GLN A 12 1.41 -10.08 -14.98
CA GLN A 12 2.78 -9.81 -14.53
C GLN A 12 2.80 -9.20 -13.14
N ARG A 13 3.84 -9.51 -12.36
CA ARG A 13 4.02 -9.08 -10.96
C ARG A 13 5.40 -8.48 -10.67
N GLU A 14 5.45 -7.46 -9.81
CA GLU A 14 6.69 -6.73 -9.46
C GLU A 14 6.77 -6.40 -7.96
N HIS A 15 7.99 -6.34 -7.43
CA HIS A 15 8.31 -6.06 -6.02
C HIS A 15 9.17 -4.79 -5.87
N TYR A 16 8.85 -3.97 -4.85
CA TYR A 16 9.51 -2.70 -4.53
C TYR A 16 9.76 -2.54 -3.02
N THR A 17 10.80 -1.80 -2.66
CA THR A 17 11.10 -1.39 -1.27
C THR A 17 11.04 0.14 -1.14
N ALA A 18 10.36 0.63 -0.10
CA ALA A 18 10.26 2.05 0.25
C ALA A 18 10.98 2.34 1.58
N THR A 19 11.75 3.44 1.60
CA THR A 19 12.54 3.91 2.76
C THR A 19 11.71 4.75 3.74
N SER A 20 10.64 5.37 3.23
CA SER A 20 9.72 6.25 3.95
C SER A 20 8.28 6.08 3.44
N GLU A 21 7.29 6.49 4.23
CA GLU A 21 5.88 6.56 3.83
C GLU A 21 5.69 7.43 2.58
N ASP A 22 6.48 8.49 2.43
CA ASP A 22 6.50 9.34 1.25
C ASP A 22 6.98 8.61 -0.01
N GLU A 23 7.92 7.66 0.12
CA GLU A 23 8.38 6.85 -1.00
C GLU A 23 7.39 5.72 -1.32
N ALA A 24 6.72 5.16 -0.30
CA ALA A 24 5.74 4.10 -0.47
C ALA A 24 4.50 4.57 -1.25
N ARG A 25 3.94 5.75 -0.91
CA ARG A 25 2.79 6.33 -1.62
C ARG A 25 3.05 6.57 -3.11
N LYS A 26 4.28 6.92 -3.46
CA LYS A 26 4.74 7.07 -4.86
C LYS A 26 4.71 5.73 -5.60
N ILE A 27 5.13 4.63 -4.99
CA ILE A 27 5.06 3.30 -5.63
C ILE A 27 3.60 2.88 -5.89
N ILE A 28 2.68 3.22 -4.96
CA ILE A 28 1.26 2.88 -5.10
C ILE A 28 0.63 3.71 -6.22
N GLU A 29 0.86 5.03 -6.24
CA GLU A 29 0.29 5.91 -7.26
C GLU A 29 0.84 5.60 -8.67
N LYS A 30 2.10 5.16 -8.75
CA LYS A 30 2.78 4.66 -9.95
C LYS A 30 2.30 3.29 -10.41
N ALA A 31 1.67 2.55 -9.52
CA ALA A 31 1.04 1.27 -9.83
C ALA A 31 -0.41 1.44 -10.32
N VAL A 32 -1.23 2.18 -9.59
CA VAL A 32 -2.66 2.35 -9.93
C VAL A 32 -2.88 3.06 -11.26
N ARG A 33 -1.96 3.95 -11.67
CA ARG A 33 -1.98 4.59 -13.00
C ARG A 33 -1.90 3.59 -14.16
N ARG A 34 -1.29 2.41 -13.93
CA ARG A 34 -1.09 1.36 -14.95
C ARG A 34 -2.32 0.48 -15.13
N GLY A 35 -3.24 0.49 -14.16
CA GLY A 35 -4.36 -0.46 -14.08
C GLY A 35 -4.01 -1.77 -13.37
N ILE A 36 -3.01 -1.75 -12.47
CA ILE A 36 -2.69 -2.84 -11.54
C ILE A 36 -3.97 -3.33 -10.84
N LYS A 37 -4.14 -4.65 -10.71
CA LYS A 37 -5.36 -5.26 -10.13
C LYS A 37 -5.24 -5.49 -8.63
N ARG A 38 -4.07 -5.96 -8.19
CA ARG A 38 -3.76 -6.34 -6.80
C ARG A 38 -2.47 -5.67 -6.31
N ILE A 39 -2.51 -5.17 -5.08
CA ILE A 39 -1.41 -4.55 -4.35
C ILE A 39 -1.18 -5.26 -3.00
N GLU A 40 0.08 -5.34 -2.58
CA GLU A 40 0.48 -5.76 -1.23
C GLU A 40 1.31 -4.67 -0.56
N LEU A 41 1.18 -4.54 0.76
CA LEU A 41 1.96 -3.60 1.58
C LEU A 41 2.33 -4.22 2.93
N ARG A 42 3.59 -4.09 3.35
CA ARG A 42 4.12 -4.66 4.60
C ARG A 42 5.07 -3.69 5.32
N GLY A 43 4.98 -3.62 6.64
CA GLY A 43 5.78 -2.71 7.47
C GLY A 43 5.34 -1.24 7.39
N ALA A 44 4.07 -0.99 7.08
CA ALA A 44 3.48 0.34 6.97
C ALA A 44 3.02 0.94 8.31
N SER A 45 3.02 2.27 8.39
CA SER A 45 2.43 3.05 9.49
C SER A 45 0.95 3.39 9.21
N GLU A 46 0.18 3.71 10.26
CA GLU A 46 -1.28 3.86 10.16
C GLU A 46 -1.74 4.94 9.15
N GLN A 47 -0.98 6.03 9.00
CA GLN A 47 -1.28 7.08 8.01
C GLN A 47 -1.09 6.56 6.58
N LEU A 48 0.01 5.85 6.31
CA LEU A 48 0.24 5.24 4.99
C LEU A 48 -0.82 4.18 4.66
N ILE A 49 -1.22 3.37 5.65
CA ILE A 49 -2.26 2.34 5.46
C ILE A 49 -3.59 2.99 5.10
N ARG A 50 -4.00 4.07 5.79
CA ARG A 50 -5.23 4.83 5.49
C ARG A 50 -5.15 5.53 4.13
N ASP A 51 -3.99 6.05 3.74
CA ASP A 51 -3.77 6.62 2.41
C ASP A 51 -3.87 5.58 1.29
N MET A 52 -3.31 4.38 1.48
CA MET A 52 -3.42 3.26 0.53
C MET A 52 -4.87 2.77 0.45
N GLN A 53 -5.56 2.61 1.58
CA GLN A 53 -6.98 2.26 1.67
C GLN A 53 -7.87 3.29 0.96
N GLU A 54 -7.59 4.58 1.09
CA GLU A 54 -8.33 5.65 0.39
C GLU A 54 -8.18 5.56 -1.14
N ILE A 55 -7.02 5.14 -1.65
CA ILE A 55 -6.82 4.88 -3.09
C ILE A 55 -7.57 3.60 -3.51
N ALA A 56 -7.44 2.52 -2.72
CA ALA A 56 -8.00 1.21 -3.04
C ALA A 56 -9.54 1.23 -3.07
N LYS A 57 -10.16 2.03 -2.20
CA LYS A 57 -11.62 2.18 -2.10
C LYS A 57 -12.21 2.96 -3.28
N GLN A 58 -11.48 3.95 -3.79
CA GLN A 58 -11.94 4.82 -4.88
C GLN A 58 -11.88 4.14 -6.26
N ILE A 59 -10.95 3.20 -6.44
CA ILE A 59 -10.74 2.49 -7.71
C ILE A 59 -11.32 1.06 -7.69
N GLY A 60 -11.56 0.51 -6.50
CA GLY A 60 -12.03 -0.88 -6.30
C GLY A 60 -10.94 -1.95 -6.41
N LEU A 61 -9.66 -1.55 -6.37
CA LEU A 61 -8.49 -2.43 -6.39
C LEU A 61 -8.42 -3.37 -5.17
N GLN A 62 -7.78 -4.52 -5.35
CA GLN A 62 -7.42 -5.42 -4.24
C GLN A 62 -6.13 -4.90 -3.57
N TYR A 63 -6.12 -4.86 -2.24
CA TYR A 63 -4.99 -4.46 -1.40
C TYR A 63 -4.81 -5.43 -0.23
N ARG A 64 -3.64 -5.38 0.41
CA ARG A 64 -3.30 -6.07 1.66
C ARG A 64 -2.41 -5.17 2.53
N THR A 65 -2.62 -5.20 3.84
CA THR A 65 -1.71 -4.59 4.81
C THR A 65 -1.18 -5.61 5.82
N ASP A 66 0.14 -5.63 6.00
CA ASP A 66 0.86 -6.37 7.05
C ASP A 66 1.79 -5.40 7.83
N GLY A 67 1.18 -4.49 8.59
CA GLY A 67 1.87 -3.49 9.41
C GLY A 67 0.98 -3.05 10.58
N SER A 68 1.37 -3.44 11.79
CA SER A 68 0.65 -3.15 13.04
C SER A 68 1.60 -2.95 14.24
N LEU A 69 1.14 -2.18 15.24
CA LEU A 69 1.86 -1.88 16.48
C LEU A 69 0.83 -1.62 17.60
N GLU A 70 0.87 -2.42 18.67
CA GLU A 70 -0.07 -2.31 19.80
C GLU A 70 0.38 -1.26 20.82
N HIS A 71 -0.51 -0.33 21.17
CA HIS A 71 -0.20 0.87 21.97
C HIS A 71 -1.34 1.31 22.90
N HIS A 72 -0.98 1.95 24.02
CA HIS A 72 -1.94 2.58 24.96
C HIS A 72 -1.95 4.12 24.88
N HIS A 73 -0.77 4.73 24.69
CA HIS A 73 -0.49 6.17 24.78
C HIS A 73 -0.76 6.80 26.17
N HIS A 74 -0.13 7.95 26.44
CA HIS A 74 -0.26 8.71 27.69
C HIS A 74 -1.45 9.69 27.64
N HIS A 75 -2.12 9.87 28.79
CA HIS A 75 -3.31 10.69 28.96
C HIS A 75 -3.30 11.44 30.31
N HIS A 76 -4.01 12.58 30.39
CA HIS A 76 -4.14 13.41 31.60
C HIS A 76 -5.28 12.90 32.52
N GLY A 1 12.00 -0.03 7.24
CA GLY A 1 11.69 -0.03 5.80
C GLY A 1 10.31 -0.60 5.52
N THR A 2 9.78 -0.34 4.32
CA THR A 2 8.45 -0.77 3.84
C THR A 2 8.61 -1.63 2.60
N GLU A 3 7.93 -2.79 2.53
CA GLU A 3 7.97 -3.70 1.37
C GLU A 3 6.65 -3.65 0.58
N ILE A 4 6.73 -3.74 -0.75
CA ILE A 4 5.61 -3.53 -1.67
C ILE A 4 5.67 -4.57 -2.80
N GLU A 5 4.52 -5.10 -3.17
CA GLU A 5 4.33 -5.97 -4.35
C GLU A 5 3.07 -5.54 -5.11
N LEU A 6 3.08 -5.60 -6.45
CA LEU A 6 1.93 -5.25 -7.29
C LEU A 6 1.78 -6.16 -8.51
N GLU A 7 0.54 -6.46 -8.89
CA GLU A 7 0.18 -7.30 -10.05
C GLU A 7 -0.94 -6.68 -10.91
N SER A 8 -0.72 -6.67 -12.22
CA SER A 8 -1.66 -6.20 -13.24
C SER A 8 -2.67 -7.27 -13.68
N LYS A 9 -3.76 -6.86 -14.35
CA LYS A 9 -4.89 -7.71 -14.74
C LYS A 9 -4.51 -8.92 -15.61
N ASN A 10 -3.41 -8.84 -16.35
CA ASN A 10 -2.89 -9.90 -17.22
C ASN A 10 -1.79 -10.79 -16.58
N GLY A 11 -1.49 -10.63 -15.29
CA GLY A 11 -0.54 -11.47 -14.55
C GLY A 11 0.91 -11.00 -14.52
N GLN A 12 1.18 -9.76 -14.94
CA GLN A 12 2.51 -9.14 -14.80
C GLN A 12 2.65 -8.50 -13.43
N ARG A 13 3.71 -8.84 -12.70
CA ARG A 13 3.96 -8.45 -11.30
C ARG A 13 5.38 -7.98 -11.03
N GLU A 14 5.52 -7.07 -10.07
CA GLU A 14 6.81 -6.50 -9.64
C GLU A 14 6.85 -6.26 -8.11
N HIS A 15 8.05 -6.30 -7.54
CA HIS A 15 8.34 -6.08 -6.12
C HIS A 15 9.34 -4.92 -5.90
N TYR A 16 9.12 -4.15 -4.83
CA TYR A 16 9.82 -2.91 -4.49
C TYR A 16 10.04 -2.77 -2.98
N THR A 17 11.12 -2.07 -2.59
CA THR A 17 11.40 -1.64 -1.21
C THR A 17 11.44 -0.12 -1.12
N ALA A 18 10.78 0.44 -0.10
CA ALA A 18 10.74 1.87 0.21
C ALA A 18 11.42 2.17 1.56
N THR A 19 12.24 3.23 1.61
CA THR A 19 12.96 3.66 2.83
C THR A 19 12.06 4.41 3.83
N SER A 20 10.97 4.98 3.33
CA SER A 20 9.99 5.79 4.08
C SER A 20 8.59 5.62 3.46
N GLU A 21 7.53 5.90 4.22
CA GLU A 21 6.15 5.98 3.73
C GLU A 21 6.00 7.00 2.60
N ASP A 22 6.83 8.05 2.59
CA ASP A 22 6.94 9.01 1.50
C ASP A 22 7.49 8.40 0.21
N GLU A 23 8.37 7.40 0.28
CA GLU A 23 8.84 6.67 -0.89
C GLU A 23 7.86 5.54 -1.29
N ALA A 24 7.17 4.95 -0.31
CA ALA A 24 6.18 3.89 -0.54
C ALA A 24 4.98 4.40 -1.33
N ARG A 25 4.41 5.55 -0.94
CA ARG A 25 3.27 6.17 -1.65
C ARG A 25 3.59 6.51 -3.10
N LYS A 26 4.86 6.84 -3.41
CA LYS A 26 5.33 7.07 -4.80
C LYS A 26 5.34 5.79 -5.64
N ILE A 27 5.70 4.64 -5.07
CA ILE A 27 5.61 3.34 -5.78
C ILE A 27 4.15 3.01 -6.11
N ILE A 28 3.24 3.31 -5.18
CA ILE A 28 1.82 2.94 -5.30
C ILE A 28 1.10 3.88 -6.28
N GLU A 29 1.33 5.18 -6.21
CA GLU A 29 0.73 6.15 -7.13
C GLU A 29 1.19 5.91 -8.59
N LYS A 30 2.43 5.43 -8.77
CA LYS A 30 2.97 4.95 -10.05
C LYS A 30 2.40 3.62 -10.51
N ALA A 31 1.86 2.83 -9.59
CA ALA A 31 1.19 1.58 -9.91
C ALA A 31 -0.28 1.75 -10.29
N VAL A 32 -1.06 2.51 -9.51
CA VAL A 32 -2.50 2.71 -9.75
C VAL A 32 -2.82 3.37 -11.08
N ARG A 33 -1.93 4.25 -11.59
CA ARG A 33 -2.06 4.86 -12.93
C ARG A 33 -2.06 3.81 -14.07
N ARG A 34 -1.38 2.67 -13.85
CA ARG A 34 -1.21 1.58 -14.81
C ARG A 34 -2.42 0.64 -14.85
N GLY A 35 -3.36 0.80 -13.92
CA GLY A 35 -4.56 -0.05 -13.84
C GLY A 35 -4.30 -1.38 -13.11
N ILE A 36 -3.32 -1.39 -12.21
CA ILE A 36 -2.95 -2.52 -11.35
C ILE A 36 -4.16 -3.08 -10.61
N LYS A 37 -4.23 -4.41 -10.48
CA LYS A 37 -5.36 -5.13 -9.93
C LYS A 37 -5.19 -5.48 -8.45
N ARG A 38 -3.96 -5.88 -8.05
CA ARG A 38 -3.59 -6.28 -6.69
C ARG A 38 -2.35 -5.55 -6.21
N ILE A 39 -2.35 -5.14 -4.94
CA ILE A 39 -1.23 -4.47 -4.25
C ILE A 39 -1.04 -5.10 -2.87
N GLU A 40 0.21 -5.34 -2.48
CA GLU A 40 0.61 -5.78 -1.15
C GLU A 40 1.54 -4.73 -0.53
N LEU A 41 1.42 -4.54 0.78
CA LEU A 41 2.18 -3.55 1.55
C LEU A 41 2.51 -4.08 2.94
N ARG A 42 3.76 -3.96 3.38
CA ARG A 42 4.26 -4.42 4.70
C ARG A 42 5.12 -3.34 5.36
N GLY A 43 4.99 -3.19 6.67
CA GLY A 43 5.74 -2.19 7.46
C GLY A 43 5.19 -0.76 7.36
N ALA A 44 3.96 -0.59 6.87
CA ALA A 44 3.29 0.71 6.77
C ALA A 44 2.78 1.23 8.12
N SER A 45 2.84 2.55 8.30
CA SER A 45 2.20 3.27 9.41
C SER A 45 0.71 3.51 9.13
N GLU A 46 -0.07 3.69 10.19
CA GLU A 46 -1.54 3.76 10.12
C GLU A 46 -2.06 4.79 9.09
N GLN A 47 -1.42 5.95 8.95
CA GLN A 47 -1.89 6.96 7.99
C GLN A 47 -1.61 6.57 6.54
N LEU A 48 -0.48 5.92 6.26
CA LEU A 48 -0.21 5.41 4.92
C LEU A 48 -1.25 4.34 4.53
N ILE A 49 -1.65 3.51 5.49
CA ILE A 49 -2.66 2.47 5.29
C ILE A 49 -4.03 3.11 5.00
N ARG A 50 -4.46 4.14 5.76
CA ARG A 50 -5.70 4.90 5.49
C ARG A 50 -5.67 5.62 4.14
N ASP A 51 -4.51 6.19 3.77
CA ASP A 51 -4.33 6.86 2.49
C ASP A 51 -4.53 5.89 1.31
N MET A 52 -3.93 4.69 1.39
CA MET A 52 -4.07 3.67 0.35
C MET A 52 -5.42 2.93 0.38
N GLN A 53 -6.03 2.74 1.55
CA GLN A 53 -7.40 2.22 1.67
C GLN A 53 -8.40 3.07 0.90
N GLU A 54 -8.31 4.40 1.01
CA GLU A 54 -9.20 5.32 0.31
C GLU A 54 -9.01 5.29 -1.21
N ILE A 55 -7.77 5.14 -1.70
CA ILE A 55 -7.48 4.95 -3.13
C ILE A 55 -8.00 3.59 -3.62
N ALA A 56 -7.77 2.53 -2.84
CA ALA A 56 -8.17 1.16 -3.18
C ALA A 56 -9.69 1.00 -3.22
N LYS A 57 -10.41 1.74 -2.37
CA LYS A 57 -11.88 1.77 -2.34
C LYS A 57 -12.46 2.42 -3.60
N GLN A 58 -11.84 3.51 -4.06
CA GLN A 58 -12.25 4.25 -5.26
C GLN A 58 -12.00 3.46 -6.56
N ILE A 59 -10.92 2.69 -6.62
CA ILE A 59 -10.54 1.90 -7.81
C ILE A 59 -11.18 0.48 -7.78
N GLY A 60 -11.53 0.00 -6.60
CA GLY A 60 -11.93 -1.40 -6.37
C GLY A 60 -10.73 -2.37 -6.40
N LEU A 61 -9.53 -1.86 -6.12
CA LEU A 61 -8.25 -2.58 -6.19
C LEU A 61 -8.09 -3.52 -4.99
N GLN A 62 -7.58 -4.73 -5.22
CA GLN A 62 -7.26 -5.72 -4.20
C GLN A 62 -5.97 -5.33 -3.44
N TYR A 63 -6.03 -4.31 -2.59
CA TYR A 63 -4.96 -3.96 -1.66
C TYR A 63 -4.93 -4.92 -0.45
N ARG A 64 -3.77 -5.11 0.16
CA ARG A 64 -3.59 -5.78 1.46
C ARG A 64 -2.48 -5.13 2.27
N THR A 65 -2.68 -4.97 3.58
CA THR A 65 -1.63 -4.57 4.52
C THR A 65 -1.19 -5.74 5.41
N ASP A 66 0.12 -5.85 5.58
CA ASP A 66 0.83 -6.72 6.53
C ASP A 66 1.69 -5.87 7.50
N GLY A 67 1.35 -4.58 7.64
CA GLY A 67 1.95 -3.61 8.57
C GLY A 67 1.06 -3.32 9.77
N SER A 68 0.84 -2.03 10.05
CA SER A 68 0.15 -1.44 11.22
C SER A 68 0.83 -1.68 12.58
N LEU A 69 0.42 -0.90 13.59
CA LEU A 69 0.95 -0.93 14.97
C LEU A 69 -0.19 -0.65 15.96
N GLU A 70 -0.55 -1.64 16.77
CA GLU A 70 -1.54 -1.52 17.86
C GLU A 70 -0.84 -1.25 19.21
N HIS A 71 -1.26 -0.21 19.93
CA HIS A 71 -0.69 0.18 21.22
C HIS A 71 -1.73 0.84 22.15
N HIS A 72 -1.70 0.49 23.44
CA HIS A 72 -2.67 0.93 24.45
C HIS A 72 -2.45 2.37 24.95
N HIS A 73 -1.20 2.86 24.94
CA HIS A 73 -0.79 4.12 25.59
C HIS A 73 -1.20 4.16 27.08
N HIS A 74 -1.44 5.34 27.65
CA HIS A 74 -1.91 5.56 29.03
C HIS A 74 -0.99 5.00 30.14
N HIS A 75 0.30 4.83 29.84
CA HIS A 75 1.34 4.39 30.79
C HIS A 75 1.90 5.57 31.61
N HIS A 76 2.37 5.27 32.84
CA HIS A 76 2.93 6.22 33.83
C HIS A 76 2.01 7.45 34.08
N GLY A 1 12.52 -1.07 6.06
CA GLY A 1 11.41 -0.15 5.70
C GLY A 1 10.14 -0.92 5.37
N THR A 2 9.32 -0.39 4.46
CA THR A 2 8.07 -1.01 3.98
C THR A 2 8.33 -1.80 2.69
N GLU A 3 7.79 -3.02 2.59
CA GLU A 3 7.88 -3.83 1.36
C GLU A 3 6.56 -3.77 0.60
N ILE A 4 6.62 -3.64 -0.73
CA ILE A 4 5.48 -3.34 -1.59
C ILE A 4 5.49 -4.26 -2.81
N GLU A 5 4.34 -4.82 -3.13
CA GLU A 5 4.15 -5.73 -4.27
C GLU A 5 2.92 -5.32 -5.08
N LEU A 6 2.99 -5.43 -6.40
CA LEU A 6 1.87 -5.12 -7.31
C LEU A 6 1.77 -6.11 -8.47
N GLU A 7 0.56 -6.50 -8.85
CA GLU A 7 0.28 -7.44 -9.95
C GLU A 7 -0.73 -6.88 -10.97
N SER A 8 -0.38 -6.99 -12.24
CA SER A 8 -1.13 -6.46 -13.39
C SER A 8 -2.19 -7.43 -13.92
N LYS A 9 -3.20 -6.91 -14.63
CA LYS A 9 -4.22 -7.69 -15.36
C LYS A 9 -3.62 -8.63 -16.43
N ASN A 10 -2.40 -8.33 -16.90
CA ASN A 10 -1.65 -9.18 -17.84
C ASN A 10 -0.99 -10.42 -17.17
N GLY A 11 -1.06 -10.56 -15.84
CA GLY A 11 -0.51 -11.71 -15.11
C GLY A 11 0.95 -11.57 -14.65
N GLN A 12 1.48 -10.34 -14.64
CA GLN A 12 2.87 -10.02 -14.26
C GLN A 12 2.92 -9.20 -12.97
N ARG A 13 3.88 -9.47 -12.09
CA ARG A 13 4.05 -8.79 -10.80
C ARG A 13 5.46 -8.27 -10.55
N GLU A 14 5.56 -7.21 -9.76
CA GLU A 14 6.80 -6.49 -9.43
C GLU A 14 6.86 -6.14 -7.94
N HIS A 15 8.07 -6.12 -7.37
CA HIS A 15 8.33 -5.91 -5.94
C HIS A 15 9.31 -4.75 -5.69
N TYR A 16 9.03 -3.95 -4.65
CA TYR A 16 9.68 -2.68 -4.31
C TYR A 16 9.90 -2.53 -2.79
N THR A 17 10.90 -1.76 -2.39
CA THR A 17 11.14 -1.35 -1.00
C THR A 17 11.04 0.16 -0.86
N ALA A 18 10.33 0.66 0.16
CA ALA A 18 10.20 2.07 0.50
C ALA A 18 10.83 2.39 1.86
N THR A 19 11.63 3.46 1.89
CA THR A 19 12.34 3.98 3.08
C THR A 19 11.50 4.98 3.88
N SER A 20 10.51 5.59 3.24
CA SER A 20 9.58 6.58 3.79
C SER A 20 8.15 6.33 3.31
N GLU A 21 7.17 6.82 4.07
CA GLU A 21 5.75 6.87 3.66
C GLU A 21 5.57 7.65 2.35
N ASP A 22 6.39 8.68 2.13
CA ASP A 22 6.43 9.45 0.88
C ASP A 22 6.94 8.64 -0.31
N GLU A 23 7.85 7.69 -0.10
CA GLU A 23 8.30 6.76 -1.15
C GLU A 23 7.27 5.66 -1.39
N ALA A 24 6.61 5.17 -0.33
CA ALA A 24 5.61 4.11 -0.42
C ALA A 24 4.38 4.54 -1.23
N ARG A 25 3.83 5.74 -0.96
CA ARG A 25 2.70 6.30 -1.73
C ARG A 25 3.03 6.56 -3.20
N LYS A 26 4.29 6.87 -3.51
CA LYS A 26 4.80 6.97 -4.90
C LYS A 26 4.82 5.61 -5.61
N ILE A 27 5.14 4.50 -4.94
CA ILE A 27 5.00 3.16 -5.54
C ILE A 27 3.51 2.85 -5.84
N ILE A 28 2.60 3.25 -4.96
CA ILE A 28 1.16 2.98 -5.11
C ILE A 28 0.57 3.82 -6.27
N GLU A 29 0.85 5.12 -6.31
CA GLU A 29 0.32 6.00 -7.36
C GLU A 29 0.86 5.60 -8.75
N LYS A 30 2.11 5.14 -8.79
CA LYS A 30 2.76 4.62 -10.00
C LYS A 30 2.18 3.30 -10.46
N ALA A 31 1.58 2.54 -9.55
CA ALA A 31 0.90 1.30 -9.87
C ALA A 31 -0.55 1.52 -10.33
N VAL A 32 -1.34 2.34 -9.63
CA VAL A 32 -2.76 2.53 -9.96
C VAL A 32 -2.98 3.18 -11.33
N ARG A 33 -2.06 4.04 -11.79
CA ARG A 33 -2.10 4.65 -13.13
C ARG A 33 -1.95 3.62 -14.27
N ARG A 34 -1.24 2.52 -14.01
CA ARG A 34 -0.98 1.40 -14.93
C ARG A 34 -2.16 0.42 -15.02
N GLY A 35 -3.16 0.57 -14.15
CA GLY A 35 -4.30 -0.36 -14.08
C GLY A 35 -4.00 -1.66 -13.33
N ILE A 36 -3.04 -1.63 -12.40
CA ILE A 36 -2.70 -2.73 -11.49
C ILE A 36 -3.96 -3.26 -10.78
N LYS A 37 -4.06 -4.58 -10.63
CA LYS A 37 -5.26 -5.26 -10.10
C LYS A 37 -5.15 -5.55 -8.60
N ARG A 38 -3.94 -5.95 -8.14
CA ARG A 38 -3.63 -6.25 -6.74
C ARG A 38 -2.41 -5.46 -6.26
N ILE A 39 -2.48 -4.96 -5.03
CA ILE A 39 -1.42 -4.24 -4.31
C ILE A 39 -1.20 -4.88 -2.93
N GLU A 40 0.04 -5.04 -2.51
CA GLU A 40 0.43 -5.51 -1.18
C GLU A 40 1.35 -4.51 -0.52
N LEU A 41 1.16 -4.25 0.77
CA LEU A 41 2.08 -3.48 1.60
C LEU A 41 2.35 -4.20 2.92
N ARG A 42 3.64 -4.40 3.26
CA ARG A 42 4.11 -5.20 4.41
C ARG A 42 5.04 -4.34 5.27
N GLY A 43 4.77 -4.29 6.57
CA GLY A 43 5.48 -3.40 7.53
C GLY A 43 5.11 -1.91 7.41
N ALA A 44 3.96 -1.59 6.83
CA ALA A 44 3.55 -0.20 6.59
C ALA A 44 3.11 0.56 7.85
N SER A 45 3.27 1.89 7.85
CA SER A 45 2.84 2.81 8.91
C SER A 45 1.36 3.17 8.81
N GLU A 46 0.71 3.47 9.93
CA GLU A 46 -0.75 3.64 10.01
C GLU A 46 -1.32 4.76 9.12
N GLN A 47 -0.59 5.88 8.98
CA GLN A 47 -1.05 7.01 8.16
C GLN A 47 -0.93 6.69 6.65
N LEU A 48 0.14 6.01 6.25
CA LEU A 48 0.33 5.54 4.87
C LEU A 48 -0.71 4.47 4.51
N ILE A 49 -1.01 3.55 5.43
CA ILE A 49 -2.06 2.55 5.27
C ILE A 49 -3.42 3.22 5.01
N ARG A 50 -3.81 4.25 5.78
CA ARG A 50 -5.08 4.97 5.56
C ARG A 50 -5.12 5.69 4.21
N ASP A 51 -3.99 6.24 3.76
CA ASP A 51 -3.86 6.93 2.47
C ASP A 51 -4.05 5.97 1.29
N MET A 52 -3.33 4.86 1.35
CA MET A 52 -3.41 3.74 0.40
C MET A 52 -4.80 3.09 0.41
N GLN A 53 -5.41 2.96 1.59
CA GLN A 53 -6.76 2.39 1.74
C GLN A 53 -7.81 3.26 1.05
N GLU A 54 -7.74 4.59 1.21
CA GLU A 54 -8.67 5.52 0.58
C GLU A 54 -8.55 5.51 -0.96
N ILE A 55 -7.34 5.40 -1.50
CA ILE A 55 -7.14 5.24 -2.95
C ILE A 55 -7.72 3.90 -3.43
N ALA A 56 -7.46 2.82 -2.71
CA ALA A 56 -7.90 1.47 -3.08
C ALA A 56 -9.43 1.33 -3.03
N LYS A 57 -10.08 2.01 -2.08
CA LYS A 57 -11.53 2.01 -1.88
C LYS A 57 -12.27 2.79 -2.97
N GLN A 58 -11.66 3.84 -3.51
CA GLN A 58 -12.21 4.63 -4.63
C GLN A 58 -12.15 3.89 -5.97
N ILE A 59 -11.08 3.12 -6.21
CA ILE A 59 -10.86 2.42 -7.49
C ILE A 59 -11.44 0.98 -7.47
N GLY A 60 -11.55 0.39 -6.28
CA GLY A 60 -11.94 -1.02 -6.08
C GLY A 60 -10.80 -2.02 -6.27
N LEU A 61 -9.54 -1.61 -6.10
CA LEU A 61 -8.35 -2.47 -6.18
C LEU A 61 -8.33 -3.53 -5.06
N GLN A 62 -7.69 -4.67 -5.34
CA GLN A 62 -7.39 -5.70 -4.34
C GLN A 62 -6.14 -5.31 -3.52
N TYR A 63 -6.30 -4.45 -2.52
CA TYR A 63 -5.21 -4.12 -1.59
C TYR A 63 -5.10 -5.17 -0.47
N ARG A 64 -3.89 -5.33 0.07
CA ARG A 64 -3.57 -6.10 1.29
C ARG A 64 -2.61 -5.30 2.16
N THR A 65 -2.92 -5.25 3.45
CA THR A 65 -2.07 -4.64 4.48
C THR A 65 -1.55 -5.73 5.41
N ASP A 66 -0.24 -5.74 5.64
CA ASP A 66 0.44 -6.60 6.61
C ASP A 66 1.42 -5.79 7.50
N GLY A 67 0.90 -4.77 8.19
CA GLY A 67 1.64 -3.86 9.06
C GLY A 67 0.79 -3.21 10.15
N SER A 68 0.84 -1.88 10.23
CA SER A 68 0.29 -1.03 11.30
C SER A 68 0.90 -1.25 12.69
N LEU A 69 0.55 -0.37 13.64
CA LEU A 69 0.95 -0.41 15.04
C LEU A 69 -0.22 0.01 15.95
N GLU A 70 -0.47 -0.75 17.01
CA GLU A 70 -1.39 -0.41 18.10
C GLU A 70 -0.85 0.76 18.97
N HIS A 71 -1.75 1.46 19.66
CA HIS A 71 -1.44 2.60 20.55
C HIS A 71 -2.27 2.57 21.84
N HIS A 72 -1.67 3.02 22.95
CA HIS A 72 -2.27 3.08 24.30
C HIS A 72 -1.97 4.43 24.99
N HIS A 73 -2.71 4.74 26.07
CA HIS A 73 -2.52 5.92 26.92
C HIS A 73 -2.63 7.28 26.19
N HIS A 74 -3.55 7.38 25.22
CA HIS A 74 -3.81 8.61 24.47
C HIS A 74 -4.38 9.73 25.35
N HIS A 75 -5.43 9.44 26.13
CA HIS A 75 -6.11 10.35 27.06
C HIS A 75 -6.59 11.70 26.45
N HIS A 76 -6.86 11.72 25.12
CA HIS A 76 -7.36 12.85 24.33
C HIS A 76 -6.58 14.17 24.52
N GLY A 1 11.20 1.03 7.22
CA GLY A 1 11.10 0.66 5.79
C GLY A 1 9.88 -0.20 5.52
N THR A 2 9.32 -0.08 4.31
CA THR A 2 8.08 -0.75 3.87
C THR A 2 8.34 -1.59 2.61
N GLU A 3 7.90 -2.84 2.57
CA GLU A 3 7.91 -3.64 1.33
C GLU A 3 6.61 -3.45 0.56
N ILE A 4 6.69 -3.42 -0.77
CA ILE A 4 5.56 -3.18 -1.67
C ILE A 4 5.62 -4.18 -2.83
N GLU A 5 4.47 -4.78 -3.14
CA GLU A 5 4.32 -5.73 -4.24
C GLU A 5 3.05 -5.40 -5.02
N LEU A 6 3.05 -5.51 -6.35
CA LEU A 6 1.90 -5.20 -7.19
C LEU A 6 1.73 -6.19 -8.34
N GLU A 7 0.48 -6.50 -8.68
CA GLU A 7 0.10 -7.44 -9.76
C GLU A 7 -0.92 -6.80 -10.71
N SER A 8 -0.66 -6.93 -12.00
CA SER A 8 -1.48 -6.41 -13.11
C SER A 8 -2.66 -7.33 -13.47
N LYS A 9 -3.68 -6.77 -14.12
CA LYS A 9 -4.80 -7.51 -14.74
C LYS A 9 -4.33 -8.52 -15.81
N ASN A 10 -3.14 -8.30 -16.38
CA ASN A 10 -2.50 -9.21 -17.34
C ASN A 10 -1.79 -10.42 -16.69
N GLY A 11 -1.68 -10.48 -15.36
CA GLY A 11 -1.05 -11.61 -14.64
C GLY A 11 0.45 -11.46 -14.34
N GLN A 12 1.01 -10.26 -14.52
CA GLN A 12 2.42 -9.95 -14.23
C GLN A 12 2.55 -9.23 -12.90
N ARG A 13 3.59 -9.54 -12.11
CA ARG A 13 3.84 -8.95 -10.77
C ARG A 13 5.26 -8.41 -10.57
N GLU A 14 5.40 -7.32 -9.82
CA GLU A 14 6.68 -6.65 -9.52
C GLU A 14 6.80 -6.26 -8.02
N HIS A 15 8.04 -6.13 -7.53
CA HIS A 15 8.36 -5.90 -6.12
C HIS A 15 9.31 -4.69 -5.92
N TYR A 16 9.05 -3.91 -4.86
CA TYR A 16 9.69 -2.63 -4.53
C TYR A 16 9.90 -2.48 -3.01
N THR A 17 10.92 -1.73 -2.60
CA THR A 17 11.15 -1.35 -1.19
C THR A 17 11.17 0.17 -1.03
N ALA A 18 10.47 0.69 -0.02
CA ALA A 18 10.39 2.12 0.32
C ALA A 18 11.10 2.41 1.65
N THR A 19 11.92 3.46 1.68
CA THR A 19 12.65 3.92 2.88
C THR A 19 11.76 4.71 3.86
N SER A 20 10.74 5.37 3.31
CA SER A 20 9.76 6.21 4.01
C SER A 20 8.38 6.06 3.39
N GLU A 21 7.32 6.36 4.15
CA GLU A 21 5.94 6.48 3.66
C GLU A 21 5.82 7.45 2.48
N ASP A 22 6.67 8.48 2.43
CA ASP A 22 6.79 9.44 1.32
C ASP A 22 7.25 8.78 0.02
N GLU A 23 8.12 7.76 0.10
CA GLU A 23 8.53 6.97 -1.05
C GLU A 23 7.51 5.86 -1.37
N ALA A 24 6.85 5.32 -0.34
CA ALA A 24 5.85 4.25 -0.50
C ALA A 24 4.60 4.73 -1.26
N ARG A 25 4.07 5.91 -0.93
CA ARG A 25 2.93 6.51 -1.64
C ARG A 25 3.19 6.72 -3.13
N LYS A 26 4.43 7.05 -3.49
CA LYS A 26 4.89 7.17 -4.88
C LYS A 26 4.86 5.84 -5.64
N ILE A 27 5.20 4.71 -5.01
CA ILE A 27 5.11 3.39 -5.67
C ILE A 27 3.64 3.04 -5.96
N ILE A 28 2.70 3.43 -5.09
CA ILE A 28 1.27 3.16 -5.26
C ILE A 28 0.71 4.01 -6.40
N GLU A 29 0.99 5.32 -6.43
CA GLU A 29 0.49 6.23 -7.46
C GLU A 29 1.06 5.88 -8.87
N LYS A 30 2.30 5.37 -8.90
CA LYS A 30 2.96 4.81 -10.09
C LYS A 30 2.41 3.45 -10.51
N ALA A 31 1.76 2.75 -9.61
CA ALA A 31 1.09 1.48 -9.90
C ALA A 31 -0.33 1.69 -10.46
N VAL A 32 -1.15 2.54 -9.83
CA VAL A 32 -2.56 2.73 -10.23
C VAL A 32 -2.72 3.31 -11.64
N ARG A 33 -1.75 4.11 -12.12
CA ARG A 33 -1.71 4.61 -13.52
C ARG A 33 -1.64 3.48 -14.55
N ARG A 34 -1.02 2.35 -14.18
CA ARG A 34 -0.78 1.17 -15.02
C ARG A 34 -2.01 0.24 -15.07
N GLY A 35 -3.03 0.50 -14.25
CA GLY A 35 -4.24 -0.34 -14.18
C GLY A 35 -4.06 -1.59 -13.31
N ILE A 36 -3.18 -1.51 -12.31
CA ILE A 36 -2.84 -2.59 -11.38
C ILE A 36 -4.08 -3.11 -10.65
N LYS A 37 -4.13 -4.44 -10.46
CA LYS A 37 -5.28 -5.16 -9.92
C LYS A 37 -5.17 -5.37 -8.40
N ARG A 38 -3.97 -5.69 -7.92
CA ARG A 38 -3.64 -6.03 -6.53
C ARG A 38 -2.37 -5.32 -6.07
N ILE A 39 -2.36 -4.83 -4.84
CA ILE A 39 -1.23 -4.19 -4.16
C ILE A 39 -1.05 -4.83 -2.79
N GLU A 40 0.21 -5.06 -2.40
CA GLU A 40 0.60 -5.52 -1.08
C GLU A 40 1.46 -4.46 -0.41
N LEU A 41 1.27 -4.30 0.90
CA LEU A 41 2.04 -3.43 1.78
C LEU A 41 2.50 -4.23 3.01
N ARG A 42 3.81 -4.29 3.29
CA ARG A 42 4.36 -4.98 4.49
C ARG A 42 5.18 -4.04 5.35
N GLY A 43 4.96 -4.07 6.67
CA GLY A 43 5.59 -3.16 7.63
C GLY A 43 5.09 -1.71 7.56
N ALA A 44 3.93 -1.46 6.94
CA ALA A 44 3.40 -0.12 6.71
C ALA A 44 2.87 0.55 7.98
N SER A 45 3.01 1.88 8.06
CA SER A 45 2.50 2.73 9.14
C SER A 45 1.00 3.00 9.01
N GLU A 46 0.30 3.23 10.11
CA GLU A 46 -1.16 3.39 10.13
C GLU A 46 -1.69 4.46 9.16
N GLN A 47 -1.00 5.61 9.05
CA GLN A 47 -1.43 6.69 8.15
C GLN A 47 -1.22 6.34 6.67
N LEU A 48 -0.11 5.69 6.32
CA LEU A 48 0.13 5.19 4.96
C LEU A 48 -0.96 4.18 4.55
N ILE A 49 -1.39 3.33 5.49
CA ILE A 49 -2.44 2.35 5.25
C ILE A 49 -3.81 3.04 5.06
N ARG A 50 -4.13 4.14 5.78
CA ARG A 50 -5.32 4.96 5.50
C ARG A 50 -5.25 5.64 4.13
N ASP A 51 -4.09 6.18 3.77
CA ASP A 51 -3.87 6.83 2.47
C ASP A 51 -3.98 5.86 1.29
N MET A 52 -3.48 4.62 1.44
CA MET A 52 -3.61 3.58 0.42
C MET A 52 -5.03 3.02 0.37
N GLN A 53 -5.69 2.81 1.51
CA GLN A 53 -7.10 2.41 1.58
C GLN A 53 -8.04 3.40 0.85
N GLU A 54 -7.78 4.71 0.97
CA GLU A 54 -8.56 5.74 0.28
C GLU A 54 -8.49 5.59 -1.26
N ILE A 55 -7.30 5.25 -1.79
CA ILE A 55 -7.09 4.99 -3.22
C ILE A 55 -7.73 3.64 -3.63
N ALA A 56 -7.55 2.61 -2.79
CA ALA A 56 -8.03 1.25 -3.06
C ALA A 56 -9.56 1.17 -3.10
N LYS A 57 -10.24 2.00 -2.31
CA LYS A 57 -11.70 2.12 -2.27
C LYS A 57 -12.26 2.79 -3.53
N GLN A 58 -11.58 3.82 -4.02
CA GLN A 58 -11.98 4.57 -5.22
C GLN A 58 -11.82 3.76 -6.52
N ILE A 59 -10.81 2.88 -6.58
CA ILE A 59 -10.49 2.07 -7.77
C ILE A 59 -11.10 0.65 -7.70
N GLY A 60 -11.42 0.19 -6.48
CA GLY A 60 -11.78 -1.20 -6.21
C GLY A 60 -10.57 -2.16 -6.23
N LEU A 61 -9.35 -1.61 -6.15
CA LEU A 61 -8.09 -2.33 -6.23
C LEU A 61 -7.94 -3.24 -5.00
N GLN A 62 -7.51 -4.48 -5.24
CA GLN A 62 -7.44 -5.56 -4.24
C GLN A 62 -6.19 -5.43 -3.37
N TYR A 63 -6.18 -4.41 -2.52
CA TYR A 63 -5.11 -4.16 -1.56
C TYR A 63 -5.03 -5.24 -0.46
N ARG A 64 -3.82 -5.41 0.09
CA ARG A 64 -3.50 -6.27 1.26
C ARG A 64 -2.47 -5.58 2.16
N THR A 65 -2.66 -5.73 3.46
CA THR A 65 -1.77 -5.17 4.50
C THR A 65 -1.22 -6.28 5.40
N ASP A 66 0.11 -6.41 5.42
CA ASP A 66 0.92 -7.24 6.33
C ASP A 66 1.81 -6.33 7.22
N GLY A 67 1.17 -5.37 7.90
CA GLY A 67 1.83 -4.30 8.65
C GLY A 67 1.01 -3.85 9.86
N SER A 68 0.63 -2.56 9.87
CA SER A 68 -0.01 -1.81 10.96
C SER A 68 0.88 -1.65 12.20
N LEU A 69 1.17 -0.39 12.55
CA LEU A 69 1.90 0.02 13.75
C LEU A 69 1.22 1.25 14.36
N GLU A 70 0.91 1.19 15.65
CA GLU A 70 0.31 2.29 16.41
C GLU A 70 1.36 2.89 17.38
N HIS A 71 1.55 4.21 17.34
CA HIS A 71 2.51 4.93 18.18
C HIS A 71 1.86 5.49 19.46
N HIS A 72 2.64 5.69 20.52
CA HIS A 72 2.21 6.37 21.75
C HIS A 72 1.84 7.85 21.47
N HIS A 73 0.76 8.34 22.09
CA HIS A 73 0.25 9.70 21.95
C HIS A 73 -0.53 10.14 23.21
N HIS A 74 -0.71 11.46 23.38
CA HIS A 74 -1.48 12.06 24.48
C HIS A 74 -2.31 13.27 24.00
N HIS A 75 -3.43 13.53 24.67
CA HIS A 75 -4.44 14.53 24.27
C HIS A 75 -4.78 15.51 25.41
N HIS A 76 -5.22 16.73 25.06
CA HIS A 76 -5.59 17.82 25.97
C HIS A 76 -6.78 18.63 25.41
N GLY A 1 11.71 -0.14 6.87
CA GLY A 1 10.83 0.52 5.87
C GLY A 1 9.62 -0.34 5.53
N THR A 2 8.99 -0.08 4.38
CA THR A 2 7.83 -0.82 3.86
C THR A 2 8.23 -1.67 2.65
N GLU A 3 7.82 -2.94 2.59
CA GLU A 3 7.98 -3.81 1.42
C GLU A 3 6.67 -3.82 0.63
N ILE A 4 6.75 -3.75 -0.71
CA ILE A 4 5.61 -3.52 -1.59
C ILE A 4 5.64 -4.49 -2.76
N GLU A 5 4.48 -5.05 -3.09
CA GLU A 5 4.27 -5.87 -4.29
C GLU A 5 3.04 -5.37 -5.06
N LEU A 6 3.09 -5.44 -6.38
CA LEU A 6 1.95 -5.12 -7.25
C LEU A 6 1.81 -6.11 -8.41
N GLU A 7 0.57 -6.43 -8.77
CA GLU A 7 0.23 -7.38 -9.84
C GLU A 7 -0.81 -6.79 -10.81
N SER A 8 -0.54 -6.92 -12.11
CA SER A 8 -1.33 -6.35 -13.21
C SER A 8 -2.47 -7.26 -13.68
N LYS A 9 -3.45 -6.67 -14.40
CA LYS A 9 -4.55 -7.38 -15.08
C LYS A 9 -4.06 -8.38 -16.14
N ASN A 10 -2.85 -8.19 -16.67
CA ASN A 10 -2.18 -9.12 -17.60
C ASN A 10 -1.38 -10.25 -16.91
N GLY A 11 -1.49 -10.41 -15.58
CA GLY A 11 -0.93 -11.54 -14.83
C GLY A 11 0.56 -11.47 -14.50
N GLN A 12 1.17 -10.27 -14.56
CA GLN A 12 2.58 -10.03 -14.17
C GLN A 12 2.68 -9.25 -12.86
N ARG A 13 3.74 -9.50 -12.09
CA ARG A 13 3.99 -8.87 -10.78
C ARG A 13 5.40 -8.32 -10.62
N GLU A 14 5.55 -7.28 -9.78
CA GLU A 14 6.83 -6.65 -9.43
C GLU A 14 6.90 -6.28 -7.94
N HIS A 15 8.12 -6.25 -7.39
CA HIS A 15 8.41 -5.97 -5.97
C HIS A 15 9.33 -4.75 -5.79
N TYR A 16 9.05 -3.94 -4.77
CA TYR A 16 9.72 -2.67 -4.44
C TYR A 16 9.89 -2.50 -2.92
N THR A 17 10.94 -1.80 -2.49
CA THR A 17 11.16 -1.43 -1.08
C THR A 17 11.15 0.09 -0.91
N ALA A 18 10.42 0.60 0.09
CA ALA A 18 10.25 2.01 0.40
C ALA A 18 10.86 2.36 1.77
N THR A 19 11.70 3.41 1.81
CA THR A 19 12.37 3.89 3.04
C THR A 19 11.46 4.75 3.94
N SER A 20 10.42 5.33 3.35
CA SER A 20 9.47 6.26 3.98
C SER A 20 8.06 6.09 3.37
N GLU A 21 7.03 6.52 4.10
CA GLU A 21 5.66 6.65 3.60
C GLU A 21 5.59 7.50 2.33
N ASP A 22 6.46 8.51 2.20
CA ASP A 22 6.59 9.34 0.99
C ASP A 22 7.10 8.56 -0.23
N GLU A 23 7.98 7.58 -0.02
CA GLU A 23 8.44 6.68 -1.09
C GLU A 23 7.37 5.61 -1.40
N ALA A 24 6.66 5.11 -0.38
CA ALA A 24 5.63 4.09 -0.53
C ALA A 24 4.44 4.61 -1.36
N ARG A 25 3.92 5.81 -1.08
CA ARG A 25 2.83 6.43 -1.86
C ARG A 25 3.17 6.62 -3.33
N LYS A 26 4.44 6.90 -3.64
CA LYS A 26 4.95 7.01 -5.01
C LYS A 26 4.96 5.67 -5.75
N ILE A 27 5.24 4.55 -5.08
CA ILE A 27 5.09 3.21 -5.70
C ILE A 27 3.61 2.90 -5.99
N ILE A 28 2.69 3.30 -5.10
CA ILE A 28 1.25 3.04 -5.25
C ILE A 28 0.68 3.89 -6.39
N GLU A 29 0.97 5.19 -6.43
CA GLU A 29 0.45 6.09 -7.46
C GLU A 29 0.96 5.73 -8.86
N LYS A 30 2.20 5.22 -8.94
CA LYS A 30 2.80 4.70 -10.19
C LYS A 30 2.18 3.39 -10.63
N ALA A 31 1.66 2.62 -9.69
CA ALA A 31 0.96 1.37 -9.97
C ALA A 31 -0.48 1.60 -10.48
N VAL A 32 -1.27 2.43 -9.79
CA VAL A 32 -2.69 2.64 -10.15
C VAL A 32 -2.88 3.26 -11.53
N ARG A 33 -1.95 4.12 -11.97
CA ARG A 33 -1.93 4.71 -13.34
C ARG A 33 -1.70 3.68 -14.45
N ARG A 34 -1.03 2.55 -14.14
CA ARG A 34 -0.77 1.43 -15.05
C ARG A 34 -1.95 0.46 -15.13
N GLY A 35 -2.98 0.64 -14.30
CA GLY A 35 -4.13 -0.25 -14.22
C GLY A 35 -3.87 -1.52 -13.40
N ILE A 36 -2.94 -1.44 -12.44
CA ILE A 36 -2.62 -2.54 -11.50
C ILE A 36 -3.89 -3.02 -10.77
N LYS A 37 -4.02 -4.33 -10.61
CA LYS A 37 -5.22 -5.00 -10.07
C LYS A 37 -5.13 -5.26 -8.58
N ARG A 38 -3.92 -5.60 -8.11
CA ARG A 38 -3.61 -6.01 -6.73
C ARG A 38 -2.36 -5.31 -6.21
N ILE A 39 -2.39 -4.88 -4.95
CA ILE A 39 -1.28 -4.26 -4.22
C ILE A 39 -1.08 -4.94 -2.86
N GLU A 40 0.16 -5.11 -2.45
CA GLU A 40 0.55 -5.61 -1.12
C GLU A 40 1.49 -4.63 -0.45
N LEU A 41 1.33 -4.47 0.87
CA LEU A 41 2.10 -3.56 1.71
C LEU A 41 2.46 -4.24 3.03
N ARG A 42 3.76 -4.37 3.35
CA ARG A 42 4.28 -5.06 4.54
C ARG A 42 5.19 -4.13 5.34
N GLY A 43 5.03 -4.11 6.68
CA GLY A 43 5.70 -3.14 7.55
C GLY A 43 5.21 -1.69 7.41
N ALA A 44 4.04 -1.49 6.81
CA ALA A 44 3.46 -0.17 6.57
C ALA A 44 3.00 0.52 7.87
N SER A 45 3.10 1.85 7.91
CA SER A 45 2.62 2.70 9.02
C SER A 45 1.14 3.07 8.84
N GLU A 46 0.42 3.31 9.93
CA GLU A 46 -1.04 3.52 9.92
C GLU A 46 -1.50 4.67 9.01
N GLN A 47 -0.72 5.75 8.88
CA GLN A 47 -1.02 6.87 7.99
C GLN A 47 -0.94 6.45 6.52
N LEU A 48 0.08 5.69 6.13
CA LEU A 48 0.26 5.17 4.76
C LEU A 48 -0.84 4.14 4.44
N ILE A 49 -1.19 3.29 5.41
CA ILE A 49 -2.28 2.32 5.26
C ILE A 49 -3.62 3.05 5.05
N ARG A 50 -3.92 4.11 5.81
CA ARG A 50 -5.15 4.91 5.67
C ARG A 50 -5.21 5.68 4.35
N ASP A 51 -4.08 6.24 3.90
CA ASP A 51 -3.98 6.92 2.62
C ASP A 51 -4.14 5.94 1.43
N MET A 52 -3.59 4.73 1.53
CA MET A 52 -3.74 3.71 0.48
C MET A 52 -5.13 3.07 0.50
N GLN A 53 -5.73 2.84 1.67
CA GLN A 53 -7.12 2.41 1.81
C GLN A 53 -8.09 3.34 1.07
N GLU A 54 -7.86 4.66 1.14
CA GLU A 54 -8.68 5.66 0.43
C GLU A 54 -8.54 5.54 -1.10
N ILE A 55 -7.34 5.26 -1.61
CA ILE A 55 -7.12 5.00 -3.05
C ILE A 55 -7.78 3.68 -3.46
N ALA A 56 -7.61 2.63 -2.66
CA ALA A 56 -8.09 1.29 -2.95
C ALA A 56 -9.62 1.22 -2.97
N LYS A 57 -10.29 2.01 -2.12
CA LYS A 57 -11.75 2.08 -2.04
C LYS A 57 -12.38 2.81 -3.24
N GLN A 58 -11.70 3.82 -3.78
CA GLN A 58 -12.15 4.59 -4.93
C GLN A 58 -12.06 3.81 -6.25
N ILE A 59 -11.02 2.97 -6.40
CA ILE A 59 -10.75 2.23 -7.64
C ILE A 59 -11.25 0.78 -7.57
N GLY A 60 -11.40 0.23 -6.37
CA GLY A 60 -11.72 -1.18 -6.13
C GLY A 60 -10.51 -2.14 -6.26
N LEU A 61 -9.28 -1.63 -6.10
CA LEU A 61 -8.05 -2.46 -6.11
C LEU A 61 -8.05 -3.51 -4.98
N GLN A 62 -7.46 -4.67 -5.25
CA GLN A 62 -7.20 -5.72 -4.25
C GLN A 62 -5.94 -5.38 -3.43
N TYR A 63 -6.07 -4.46 -2.48
CA TYR A 63 -5.00 -4.13 -1.53
C TYR A 63 -4.97 -5.11 -0.34
N ARG A 64 -3.79 -5.24 0.30
CA ARG A 64 -3.53 -6.03 1.51
C ARG A 64 -2.65 -5.25 2.47
N THR A 65 -2.97 -5.36 3.76
CA THR A 65 -2.15 -4.82 4.86
C THR A 65 -1.40 -5.95 5.56
N ASP A 66 -0.09 -5.81 5.73
CA ASP A 66 0.77 -6.66 6.55
C ASP A 66 1.77 -5.82 7.39
N GLY A 67 1.33 -4.62 7.81
CA GLY A 67 2.08 -3.66 8.62
C GLY A 67 1.48 -3.50 10.03
N SER A 68 1.36 -2.24 10.46
CA SER A 68 0.98 -1.85 11.83
C SER A 68 -0.20 -0.87 11.85
N LEU A 69 -1.33 -1.34 12.39
CA LEU A 69 -2.56 -0.57 12.61
C LEU A 69 -3.18 -1.02 13.95
N GLU A 70 -2.77 -0.38 15.05
CA GLU A 70 -3.07 -0.85 16.42
C GLU A 70 -4.50 -0.55 16.91
N HIS A 71 -5.21 0.39 16.27
CA HIS A 71 -6.56 0.84 16.64
C HIS A 71 -6.66 1.32 18.13
N HIS A 72 -7.86 1.33 18.71
CA HIS A 72 -8.17 1.74 20.09
C HIS A 72 -7.76 3.20 20.44
N HIS A 73 -7.63 4.07 19.44
CA HIS A 73 -7.29 5.49 19.60
C HIS A 73 -8.57 6.32 19.87
N HIS A 74 -9.08 6.24 21.09
CA HIS A 74 -10.35 6.86 21.49
C HIS A 74 -10.29 8.41 21.54
N HIS A 75 -11.41 9.05 21.21
CA HIS A 75 -11.60 10.51 21.27
C HIS A 75 -12.13 10.98 22.63
N HIS A 76 -12.07 12.30 22.88
CA HIS A 76 -12.56 12.98 24.09
C HIS A 76 -13.25 14.32 23.78
N GLY A 1 11.56 1.01 6.94
CA GLY A 1 11.69 -0.01 5.87
C GLY A 1 10.37 -0.69 5.61
N THR A 2 9.78 -0.45 4.44
CA THR A 2 8.44 -0.91 4.01
C THR A 2 8.54 -1.72 2.72
N GLU A 3 7.86 -2.86 2.61
CA GLU A 3 7.95 -3.76 1.44
C GLU A 3 6.63 -3.75 0.63
N ILE A 4 6.73 -3.81 -0.69
CA ILE A 4 5.61 -3.57 -1.63
C ILE A 4 5.66 -4.58 -2.78
N GLU A 5 4.50 -5.07 -3.19
CA GLU A 5 4.33 -5.88 -4.41
C GLU A 5 3.11 -5.39 -5.19
N LEU A 6 3.17 -5.44 -6.53
CA LEU A 6 2.06 -5.09 -7.41
C LEU A 6 1.93 -6.05 -8.59
N GLU A 7 0.70 -6.38 -8.98
CA GLU A 7 0.37 -7.32 -10.06
C GLU A 7 -0.68 -6.75 -11.03
N SER A 8 -0.36 -6.76 -12.32
CA SER A 8 -1.22 -6.34 -13.42
C SER A 8 -2.30 -7.37 -13.77
N LYS A 9 -3.34 -6.95 -14.50
CA LYS A 9 -4.45 -7.80 -14.98
C LYS A 9 -3.98 -8.97 -15.87
N ASN A 10 -2.81 -8.85 -16.49
CA ASN A 10 -2.17 -9.90 -17.30
C ASN A 10 -1.39 -10.95 -16.45
N GLY A 11 -1.28 -10.78 -15.13
CA GLY A 11 -0.54 -11.67 -14.22
C GLY A 11 0.95 -11.36 -14.08
N GLN A 12 1.41 -10.21 -14.60
CA GLN A 12 2.78 -9.73 -14.43
C GLN A 12 2.93 -8.91 -13.17
N ARG A 13 3.97 -9.20 -12.39
CA ARG A 13 4.21 -8.66 -11.04
C ARG A 13 5.65 -8.27 -10.76
N GLU A 14 5.83 -7.27 -9.90
CA GLU A 14 7.13 -6.75 -9.45
C GLU A 14 7.11 -6.37 -7.95
N HIS A 15 8.26 -6.51 -7.30
CA HIS A 15 8.48 -6.17 -5.88
C HIS A 15 9.39 -4.95 -5.71
N TYR A 16 9.08 -4.11 -4.71
CA TYR A 16 9.76 -2.84 -4.39
C TYR A 16 9.96 -2.67 -2.88
N THR A 17 11.02 -1.96 -2.48
CA THR A 17 11.26 -1.55 -1.09
C THR A 17 11.25 -0.03 -0.97
N ALA A 18 10.51 0.50 -0.01
CA ALA A 18 10.39 1.92 0.32
C ALA A 18 11.09 2.25 1.63
N THR A 19 11.87 3.32 1.64
CA THR A 19 12.59 3.85 2.82
C THR A 19 11.66 4.62 3.77
N SER A 20 10.67 5.30 3.20
CA SER A 20 9.69 6.14 3.90
C SER A 20 8.29 6.00 3.31
N GLU A 21 7.26 6.38 4.06
CA GLU A 21 5.85 6.39 3.62
C GLU A 21 5.63 7.25 2.38
N ASP A 22 6.40 8.33 2.22
CA ASP A 22 6.43 9.17 1.01
C ASP A 22 6.92 8.42 -0.24
N GLU A 23 7.86 7.48 -0.10
CA GLU A 23 8.30 6.61 -1.19
C GLU A 23 7.29 5.49 -1.45
N ALA A 24 6.69 4.93 -0.40
CA ALA A 24 5.71 3.85 -0.51
C ALA A 24 4.44 4.29 -1.26
N ARG A 25 3.87 5.44 -0.91
CA ARG A 25 2.70 6.02 -1.60
C ARG A 25 2.97 6.35 -3.07
N LYS A 26 4.21 6.67 -3.42
CA LYS A 26 4.67 6.88 -4.81
C LYS A 26 4.74 5.58 -5.62
N ILE A 27 5.07 4.44 -5.00
CA ILE A 27 4.94 3.13 -5.67
C ILE A 27 3.46 2.79 -5.92
N ILE A 28 2.57 3.13 -4.98
CA ILE A 28 1.13 2.86 -5.09
C ILE A 28 0.51 3.73 -6.19
N GLU A 29 0.76 5.04 -6.19
CA GLU A 29 0.18 5.97 -7.16
C GLU A 29 0.63 5.64 -8.60
N LYS A 30 1.89 5.19 -8.75
CA LYS A 30 2.44 4.75 -10.04
C LYS A 30 1.81 3.44 -10.50
N ALA A 31 1.40 2.59 -9.58
CA ALA A 31 0.72 1.34 -9.91
C ALA A 31 -0.76 1.56 -10.30
N VAL A 32 -1.51 2.35 -9.53
CA VAL A 32 -2.96 2.52 -9.77
C VAL A 32 -3.27 3.24 -11.08
N ARG A 33 -2.41 4.17 -11.51
CA ARG A 33 -2.54 4.87 -12.80
C ARG A 33 -2.27 3.97 -14.02
N ARG A 34 -1.47 2.91 -13.83
CA ARG A 34 -1.10 1.91 -14.85
C ARG A 34 -2.20 0.87 -15.05
N GLY A 35 -3.18 0.81 -14.15
CA GLY A 35 -4.26 -0.18 -14.16
C GLY A 35 -3.88 -1.51 -13.49
N ILE A 36 -2.95 -1.47 -12.53
CA ILE A 36 -2.61 -2.61 -11.66
C ILE A 36 -3.88 -3.15 -10.98
N LYS A 37 -3.96 -4.48 -10.84
CA LYS A 37 -5.14 -5.17 -10.29
C LYS A 37 -5.03 -5.40 -8.78
N ARG A 38 -3.83 -5.79 -8.31
CA ARG A 38 -3.53 -6.14 -6.92
C ARG A 38 -2.29 -5.41 -6.41
N ILE A 39 -2.35 -4.96 -5.16
CA ILE A 39 -1.27 -4.29 -4.41
C ILE A 39 -1.09 -4.97 -3.06
N GLU A 40 0.16 -5.21 -2.65
CA GLU A 40 0.53 -5.72 -1.34
C GLU A 40 1.46 -4.73 -0.65
N LEU A 41 1.32 -4.59 0.67
CA LEU A 41 2.08 -3.67 1.50
C LEU A 41 2.45 -4.33 2.82
N ARG A 42 3.68 -4.13 3.32
CA ARG A 42 4.19 -4.76 4.54
C ARG A 42 5.09 -3.81 5.33
N GLY A 43 4.93 -3.79 6.65
CA GLY A 43 5.60 -2.82 7.53
C GLY A 43 5.10 -1.38 7.38
N ALA A 44 3.84 -1.21 6.98
CA ALA A 44 3.20 0.10 6.85
C ALA A 44 2.85 0.73 8.22
N SER A 45 3.05 2.04 8.34
CA SER A 45 2.53 2.85 9.45
C SER A 45 1.05 3.14 9.20
N GLU A 46 0.23 3.29 10.24
CA GLU A 46 -1.24 3.32 10.05
C GLU A 46 -1.74 4.48 9.18
N GLN A 47 -1.01 5.59 9.12
CA GLN A 47 -1.29 6.73 8.23
C GLN A 47 -1.09 6.39 6.75
N LEU A 48 -0.06 5.61 6.41
CA LEU A 48 0.14 5.06 5.05
C LEU A 48 -0.97 4.07 4.70
N ILE A 49 -1.45 3.30 5.69
CA ILE A 49 -2.58 2.39 5.50
C ILE A 49 -3.87 3.18 5.14
N ARG A 50 -4.16 4.33 5.77
CA ARG A 50 -5.29 5.21 5.35
C ARG A 50 -5.13 5.73 3.93
N ASP A 51 -3.90 6.08 3.55
CA ASP A 51 -3.57 6.64 2.24
C ASP A 51 -3.82 5.65 1.10
N MET A 52 -3.30 4.44 1.28
CA MET A 52 -3.56 3.30 0.41
C MET A 52 -5.05 2.93 0.39
N GLN A 53 -5.74 3.00 1.54
CA GLN A 53 -7.16 2.67 1.65
C GLN A 53 -8.04 3.69 0.90
N GLU A 54 -7.74 4.97 0.99
CA GLU A 54 -8.46 6.04 0.28
C GLU A 54 -8.34 5.89 -1.25
N ILE A 55 -7.20 5.43 -1.75
CA ILE A 55 -7.01 5.13 -3.18
C ILE A 55 -7.77 3.85 -3.55
N ALA A 56 -7.57 2.78 -2.79
CA ALA A 56 -8.06 1.44 -3.12
C ALA A 56 -9.60 1.35 -3.07
N LYS A 57 -10.25 2.11 -2.17
CA LYS A 57 -11.71 2.16 -2.04
C LYS A 57 -12.37 2.93 -3.19
N GLN A 58 -11.69 3.94 -3.73
CA GLN A 58 -12.22 4.76 -4.81
C GLN A 58 -12.12 4.09 -6.19
N ILE A 59 -11.12 3.22 -6.39
CA ILE A 59 -10.88 2.51 -7.67
C ILE A 59 -11.38 1.06 -7.63
N GLY A 60 -11.55 0.49 -6.43
CA GLY A 60 -11.93 -0.92 -6.21
C GLY A 60 -10.78 -1.93 -6.35
N LEU A 61 -9.52 -1.47 -6.30
CA LEU A 61 -8.31 -2.31 -6.37
C LEU A 61 -8.18 -3.27 -5.18
N GLN A 62 -7.55 -4.42 -5.41
CA GLN A 62 -7.29 -5.44 -4.39
C GLN A 62 -6.01 -5.10 -3.62
N TYR A 63 -6.12 -4.25 -2.59
CA TYR A 63 -5.02 -3.93 -1.67
C TYR A 63 -4.93 -4.96 -0.51
N ARG A 64 -3.74 -5.10 0.08
CA ARG A 64 -3.48 -5.87 1.31
C ARG A 64 -2.43 -5.16 2.19
N THR A 65 -2.60 -5.21 3.51
CA THR A 65 -1.60 -4.71 4.47
C THR A 65 -1.14 -5.77 5.49
N ASP A 66 0.17 -5.82 5.70
CA ASP A 66 0.88 -6.54 6.76
C ASP A 66 1.79 -5.57 7.55
N GLY A 67 1.29 -4.35 7.84
CA GLY A 67 1.94 -3.36 8.68
C GLY A 67 1.46 -3.40 10.14
N SER A 68 1.23 -2.22 10.70
CA SER A 68 0.97 -2.03 12.14
C SER A 68 -0.51 -2.09 12.52
N LEU A 69 -0.82 -2.85 13.57
CA LEU A 69 -2.12 -2.88 14.25
C LEU A 69 -1.94 -3.34 15.71
N GLU A 70 -2.63 -2.69 16.64
CA GLU A 70 -2.66 -3.02 18.08
C GLU A 70 -4.08 -3.34 18.59
N HIS A 71 -4.18 -4.10 19.69
CA HIS A 71 -5.44 -4.53 20.31
C HIS A 71 -5.61 -3.93 21.72
N HIS A 72 -6.65 -3.11 21.90
CA HIS A 72 -7.08 -2.53 23.18
C HIS A 72 -8.56 -2.10 23.11
N HIS A 73 -9.24 -2.02 24.27
CA HIS A 73 -10.61 -1.54 24.41
C HIS A 73 -10.75 -0.57 25.59
N HIS A 74 -11.52 0.52 25.39
CA HIS A 74 -11.78 1.57 26.37
C HIS A 74 -13.13 2.27 26.12
N HIS A 75 -13.76 2.78 27.18
CA HIS A 75 -14.95 3.65 27.13
C HIS A 75 -14.95 4.66 28.30
N HIS A 76 -15.57 5.82 28.09
CA HIS A 76 -15.80 6.84 29.12
C HIS A 76 -16.78 6.36 30.21
N GLY A 1 11.46 0.04 7.29
CA GLY A 1 11.10 0.17 5.86
C GLY A 1 9.83 -0.60 5.53
N THR A 2 9.21 -0.26 4.39
CA THR A 2 7.99 -0.91 3.87
C THR A 2 8.31 -1.73 2.61
N GLU A 3 7.81 -2.97 2.53
CA GLU A 3 7.90 -3.79 1.32
C GLU A 3 6.59 -3.70 0.54
N ILE A 4 6.66 -3.58 -0.78
CA ILE A 4 5.52 -3.31 -1.66
C ILE A 4 5.56 -4.28 -2.84
N GLU A 5 4.40 -4.83 -3.17
CA GLU A 5 4.23 -5.72 -4.31
C GLU A 5 2.98 -5.36 -5.10
N LEU A 6 3.01 -5.50 -6.43
CA LEU A 6 1.87 -5.23 -7.31
C LEU A 6 1.75 -6.26 -8.43
N GLU A 7 0.52 -6.58 -8.81
CA GLU A 7 0.18 -7.53 -9.89
C GLU A 7 -0.80 -6.92 -10.90
N SER A 8 -0.48 -7.08 -12.19
CA SER A 8 -1.22 -6.53 -13.33
C SER A 8 -2.34 -7.46 -13.80
N LYS A 9 -3.36 -6.90 -14.48
CA LYS A 9 -4.41 -7.64 -15.20
C LYS A 9 -3.85 -8.58 -16.28
N ASN A 10 -2.63 -8.32 -16.76
CA ASN A 10 -1.89 -9.17 -17.69
C ASN A 10 -1.29 -10.44 -17.03
N GLY A 11 -1.36 -10.59 -15.71
CA GLY A 11 -0.87 -11.78 -14.97
C GLY A 11 0.61 -11.75 -14.59
N GLN A 12 1.22 -10.56 -14.51
CA GLN A 12 2.63 -10.34 -14.15
C GLN A 12 2.75 -9.45 -12.91
N ARG A 13 3.80 -9.63 -12.10
CA ARG A 13 4.01 -8.94 -10.82
C ARG A 13 5.39 -8.30 -10.70
N GLU A 14 5.50 -7.30 -9.84
CA GLU A 14 6.75 -6.62 -9.49
C GLU A 14 6.81 -6.26 -7.99
N HIS A 15 8.01 -6.31 -7.43
CA HIS A 15 8.30 -6.04 -6.01
C HIS A 15 9.27 -4.85 -5.82
N TYR A 16 9.00 -4.01 -4.82
CA TYR A 16 9.69 -2.75 -4.52
C TYR A 16 9.89 -2.55 -3.00
N THR A 17 10.91 -1.80 -2.59
CA THR A 17 11.15 -1.41 -1.19
C THR A 17 11.08 0.12 -1.04
N ALA A 18 10.37 0.59 0.00
CA ALA A 18 10.23 2.00 0.35
C ALA A 18 10.87 2.30 1.72
N THR A 19 11.72 3.33 1.77
CA THR A 19 12.41 3.78 3.00
C THR A 19 11.53 4.63 3.93
N SER A 20 10.48 5.24 3.36
CA SER A 20 9.55 6.16 4.03
C SER A 20 8.14 6.02 3.43
N GLU A 21 7.12 6.41 4.19
CA GLU A 21 5.73 6.56 3.72
C GLU A 21 5.63 7.45 2.48
N ASP A 22 6.50 8.47 2.35
CA ASP A 22 6.59 9.33 1.17
C ASP A 22 7.05 8.57 -0.09
N GLU A 23 7.95 7.59 0.06
CA GLU A 23 8.39 6.73 -1.03
C GLU A 23 7.32 5.67 -1.35
N ALA A 24 6.64 5.15 -0.32
CA ALA A 24 5.59 4.17 -0.49
C ALA A 24 4.41 4.70 -1.31
N ARG A 25 3.88 5.90 -0.99
CA ARG A 25 2.81 6.55 -1.78
C ARG A 25 3.21 6.78 -3.24
N LYS A 26 4.49 7.08 -3.48
CA LYS A 26 5.08 7.27 -4.82
C LYS A 26 5.22 5.97 -5.61
N ILE A 27 5.38 4.82 -4.96
CA ILE A 27 5.29 3.50 -5.62
C ILE A 27 3.82 3.15 -5.93
N ILE A 28 2.89 3.43 -5.01
CA ILE A 28 1.47 3.07 -5.17
C ILE A 28 0.84 3.89 -6.29
N GLU A 29 1.07 5.20 -6.33
CA GLU A 29 0.51 6.09 -7.36
C GLU A 29 1.01 5.73 -8.77
N LYS A 30 2.26 5.25 -8.87
CA LYS A 30 2.87 4.75 -10.11
C LYS A 30 2.34 3.41 -10.56
N ALA A 31 1.77 2.64 -9.64
CA ALA A 31 1.09 1.40 -9.96
C ALA A 31 -0.37 1.61 -10.41
N VAL A 32 -1.16 2.37 -9.64
CA VAL A 32 -2.61 2.54 -9.92
C VAL A 32 -2.87 3.22 -11.26
N ARG A 33 -1.99 4.12 -11.72
CA ARG A 33 -2.05 4.74 -13.04
C ARG A 33 -1.97 3.74 -14.21
N ARG A 34 -1.33 2.58 -13.98
CA ARG A 34 -1.14 1.52 -15.00
C ARG A 34 -2.33 0.58 -15.10
N GLY A 35 -3.28 0.66 -14.16
CA GLY A 35 -4.42 -0.27 -14.06
C GLY A 35 -4.05 -1.59 -13.35
N ILE A 36 -3.05 -1.54 -12.46
CA ILE A 36 -2.69 -2.64 -11.55
C ILE A 36 -3.93 -3.12 -10.79
N LYS A 37 -4.10 -4.44 -10.67
CA LYS A 37 -5.30 -5.07 -10.09
C LYS A 37 -5.20 -5.27 -8.58
N ARG A 38 -3.99 -5.59 -8.11
CA ARG A 38 -3.71 -6.04 -6.74
C ARG A 38 -2.42 -5.42 -6.21
N ILE A 39 -2.43 -4.97 -4.95
CA ILE A 39 -1.32 -4.32 -4.25
C ILE A 39 -1.12 -4.97 -2.88
N GLU A 40 0.14 -5.15 -2.47
CA GLU A 40 0.53 -5.57 -1.13
C GLU A 40 1.43 -4.53 -0.47
N LEU A 41 1.29 -4.38 0.84
CA LEU A 41 2.09 -3.50 1.68
C LEU A 41 2.46 -4.23 2.98
N ARG A 42 3.76 -4.34 3.32
CA ARG A 42 4.26 -5.00 4.54
C ARG A 42 5.16 -4.08 5.34
N GLY A 43 4.98 -4.03 6.66
CA GLY A 43 5.70 -3.09 7.54
C GLY A 43 5.27 -1.62 7.41
N ALA A 44 4.11 -1.37 6.80
CA ALA A 44 3.58 -0.02 6.58
C ALA A 44 3.11 0.67 7.88
N SER A 45 3.17 2.00 7.90
CA SER A 45 2.67 2.85 8.99
C SER A 45 1.18 3.18 8.83
N GLU A 46 0.46 3.42 9.93
CA GLU A 46 -1.00 3.59 9.94
C GLU A 46 -1.51 4.72 9.03
N GLN A 47 -0.75 5.82 8.90
CA GLN A 47 -1.08 6.92 7.99
C GLN A 47 -1.04 6.48 6.52
N LEU A 48 0.03 5.76 6.13
CA LEU A 48 0.20 5.25 4.76
C LEU A 48 -0.86 4.18 4.44
N ILE A 49 -1.17 3.30 5.40
CA ILE A 49 -2.22 2.29 5.25
C ILE A 49 -3.58 2.95 5.02
N ARG A 50 -3.95 3.99 5.79
CA ARG A 50 -5.21 4.73 5.63
C ARG A 50 -5.27 5.51 4.31
N ASP A 51 -4.17 6.12 3.89
CA ASP A 51 -4.07 6.81 2.61
C ASP A 51 -4.19 5.84 1.42
N MET A 52 -3.60 4.65 1.49
CA MET A 52 -3.73 3.63 0.45
C MET A 52 -5.12 2.98 0.46
N GLN A 53 -5.71 2.73 1.63
CA GLN A 53 -7.10 2.28 1.76
C GLN A 53 -8.08 3.27 1.08
N GLU A 54 -7.87 4.58 1.23
CA GLU A 54 -8.70 5.60 0.56
C GLU A 54 -8.56 5.56 -0.97
N ILE A 55 -7.38 5.24 -1.50
CA ILE A 55 -7.16 5.02 -2.94
C ILE A 55 -7.83 3.71 -3.39
N ALA A 56 -7.67 2.63 -2.63
CA ALA A 56 -8.16 1.30 -2.96
C ALA A 56 -9.69 1.23 -2.99
N LYS A 57 -10.37 2.00 -2.13
CA LYS A 57 -11.84 2.09 -2.09
C LYS A 57 -12.43 2.87 -3.26
N GLN A 58 -11.70 3.86 -3.78
CA GLN A 58 -12.12 4.68 -4.93
C GLN A 58 -11.99 3.94 -6.27
N ILE A 59 -10.96 3.08 -6.41
CA ILE A 59 -10.67 2.35 -7.65
C ILE A 59 -11.20 0.90 -7.63
N GLY A 60 -11.37 0.33 -6.44
CA GLY A 60 -11.73 -1.09 -6.25
C GLY A 60 -10.54 -2.06 -6.36
N LEU A 61 -9.30 -1.59 -6.17
CA LEU A 61 -8.09 -2.44 -6.17
C LEU A 61 -8.11 -3.49 -5.05
N GLN A 62 -7.50 -4.64 -5.31
CA GLN A 62 -7.29 -5.70 -4.32
C GLN A 62 -6.05 -5.38 -3.44
N TYR A 63 -6.17 -4.44 -2.51
CA TYR A 63 -5.12 -4.12 -1.55
C TYR A 63 -5.01 -5.17 -0.41
N ARG A 64 -3.83 -5.26 0.19
CA ARG A 64 -3.53 -6.00 1.43
C ARG A 64 -2.55 -5.21 2.29
N THR A 65 -2.80 -5.17 3.60
CA THR A 65 -1.86 -4.65 4.60
C THR A 65 -1.35 -5.75 5.52
N ASP A 66 -0.03 -5.77 5.70
CA ASP A 66 0.73 -6.57 6.67
C ASP A 66 1.68 -5.64 7.46
N GLY A 67 1.22 -4.41 7.74
CA GLY A 67 1.97 -3.38 8.47
C GLY A 67 1.52 -3.22 9.92
N SER A 68 0.29 -2.75 10.14
CA SER A 68 -0.27 -2.53 11.49
C SER A 68 -0.79 -3.82 12.13
N LEU A 69 -0.66 -3.91 13.46
CA LEU A 69 -1.23 -4.95 14.32
C LEU A 69 -1.78 -4.35 15.63
N GLU A 70 -2.32 -3.13 15.55
CA GLU A 70 -2.78 -2.30 16.68
C GLU A 70 -1.67 -2.11 17.75
N HIS A 71 -1.95 -2.36 19.04
CA HIS A 71 -1.04 -2.16 20.19
C HIS A 71 -0.48 -0.71 20.34
N HIS A 72 -1.22 0.28 19.80
CA HIS A 72 -0.89 1.71 19.84
C HIS A 72 -2.17 2.55 20.07
N HIS A 73 -2.02 3.75 20.64
CA HIS A 73 -3.13 4.67 20.88
C HIS A 73 -3.69 5.27 19.56
N HIS A 74 -5.01 5.22 19.39
CA HIS A 74 -5.75 5.71 18.22
C HIS A 74 -7.19 6.09 18.60
N HIS A 75 -7.83 6.99 17.85
CA HIS A 75 -9.19 7.47 18.11
C HIS A 75 -10.10 7.34 16.89
N HIS A 76 -11.38 7.01 17.11
CA HIS A 76 -12.39 6.75 16.07
C HIS A 76 -13.35 7.95 15.88
N GLY A 1 12.46 -0.69 6.20
CA GLY A 1 11.38 0.21 5.77
C GLY A 1 10.09 -0.55 5.51
N THR A 2 9.49 -0.35 4.33
CA THR A 2 8.20 -0.94 3.92
C THR A 2 8.39 -1.73 2.61
N GLU A 3 7.86 -2.96 2.53
CA GLU A 3 7.83 -3.74 1.28
C GLU A 3 6.53 -3.48 0.53
N ILE A 4 6.60 -3.46 -0.81
CA ILE A 4 5.48 -3.17 -1.69
C ILE A 4 5.51 -4.14 -2.86
N GLU A 5 4.37 -4.74 -3.19
CA GLU A 5 4.25 -5.73 -4.25
C GLU A 5 2.97 -5.49 -5.06
N LEU A 6 3.04 -5.57 -6.39
CA LEU A 6 1.94 -5.25 -7.29
C LEU A 6 1.82 -6.22 -8.46
N GLU A 7 0.60 -6.63 -8.80
CA GLU A 7 0.28 -7.51 -9.93
C GLU A 7 -0.76 -6.88 -10.88
N SER A 8 -0.45 -6.90 -12.18
CA SER A 8 -1.24 -6.28 -13.25
C SER A 8 -2.32 -7.22 -13.82
N LYS A 9 -3.34 -6.66 -14.48
CA LYS A 9 -4.48 -7.40 -15.06
C LYS A 9 -4.08 -8.46 -16.09
N ASN A 10 -2.90 -8.32 -16.72
CA ASN A 10 -2.36 -9.27 -17.70
C ASN A 10 -1.57 -10.45 -17.07
N GLY A 11 -1.40 -10.49 -15.75
CA GLY A 11 -0.76 -11.60 -15.03
C GLY A 11 0.74 -11.42 -14.69
N GLN A 12 1.29 -10.20 -14.80
CA GLN A 12 2.69 -9.91 -14.45
C GLN A 12 2.79 -9.13 -13.13
N ARG A 13 3.83 -9.37 -12.33
CA ARG A 13 4.03 -8.75 -11.01
C ARG A 13 5.42 -8.13 -10.83
N GLU A 14 5.48 -7.12 -9.97
CA GLU A 14 6.71 -6.41 -9.58
C GLU A 14 6.78 -6.22 -8.06
N HIS A 15 7.99 -6.22 -7.50
CA HIS A 15 8.27 -6.03 -6.07
C HIS A 15 9.27 -4.88 -5.82
N TYR A 16 9.02 -4.06 -4.80
CA TYR A 16 9.74 -2.83 -4.44
C TYR A 16 9.95 -2.69 -2.93
N THR A 17 10.99 -1.96 -2.52
CA THR A 17 11.23 -1.53 -1.13
C THR A 17 11.20 0.01 -1.03
N ALA A 18 10.50 0.53 -0.02
CA ALA A 18 10.41 1.95 0.32
C ALA A 18 11.10 2.25 1.65
N THR A 19 11.85 3.36 1.70
CA THR A 19 12.59 3.82 2.90
C THR A 19 11.70 4.54 3.91
N SER A 20 10.66 5.20 3.42
CA SER A 20 9.68 5.98 4.18
C SER A 20 8.31 5.98 3.49
N GLU A 21 7.27 6.44 4.19
CA GLU A 21 5.91 6.59 3.66
C GLU A 21 5.85 7.44 2.39
N ASP A 22 6.72 8.44 2.27
CA ASP A 22 6.80 9.31 1.09
C ASP A 22 7.43 8.62 -0.14
N GLU A 23 8.32 7.65 0.06
CA GLU A 23 8.81 6.78 -1.02
C GLU A 23 7.73 5.74 -1.38
N ALA A 24 7.00 5.23 -0.38
CA ALA A 24 6.00 4.19 -0.57
C ALA A 24 4.82 4.65 -1.43
N ARG A 25 4.21 5.80 -1.11
CA ARG A 25 3.11 6.41 -1.90
C ARG A 25 3.48 6.62 -3.37
N LYS A 26 4.75 6.93 -3.65
CA LYS A 26 5.29 7.11 -5.02
C LYS A 26 5.41 5.81 -5.82
N ILE A 27 5.55 4.65 -5.18
CA ILE A 27 5.43 3.33 -5.85
C ILE A 27 3.96 3.01 -6.14
N ILE A 28 3.07 3.34 -5.21
CA ILE A 28 1.65 2.94 -5.26
C ILE A 28 0.88 3.79 -6.25
N GLU A 29 1.16 5.09 -6.33
CA GLU A 29 0.56 5.96 -7.33
C GLU A 29 0.94 5.54 -8.76
N LYS A 30 2.16 5.00 -8.92
CA LYS A 30 2.66 4.40 -10.17
C LYS A 30 1.95 3.09 -10.49
N ALA A 31 1.55 2.35 -9.48
CA ALA A 31 0.78 1.12 -9.65
C ALA A 31 -0.68 1.41 -10.09
N VAL A 32 -1.36 2.35 -9.44
CA VAL A 32 -2.78 2.62 -9.75
C VAL A 32 -2.98 3.27 -11.12
N ARG A 33 -2.03 4.09 -11.58
CA ARG A 33 -2.05 4.69 -12.94
C ARG A 33 -1.69 3.70 -14.05
N ARG A 34 -0.87 2.68 -13.72
CA ARG A 34 -0.52 1.54 -14.58
C ARG A 34 -1.72 0.61 -14.80
N GLY A 35 -2.73 0.71 -13.95
CA GLY A 35 -3.91 -0.15 -13.95
C GLY A 35 -3.71 -1.46 -13.19
N ILE A 36 -2.80 -1.48 -12.20
CA ILE A 36 -2.55 -2.62 -11.31
C ILE A 36 -3.85 -3.11 -10.66
N LYS A 37 -4.00 -4.43 -10.51
CA LYS A 37 -5.20 -5.06 -9.94
C LYS A 37 -5.04 -5.42 -8.47
N ARG A 38 -3.88 -5.95 -8.09
CA ARG A 38 -3.55 -6.34 -6.70
C ARG A 38 -2.36 -5.55 -6.19
N ILE A 39 -2.44 -5.09 -4.95
CA ILE A 39 -1.40 -4.32 -4.24
C ILE A 39 -1.16 -4.92 -2.86
N GLU A 40 0.09 -5.00 -2.44
CA GLU A 40 0.52 -5.44 -1.13
C GLU A 40 1.41 -4.40 -0.47
N LEU A 41 1.16 -4.17 0.81
CA LEU A 41 1.91 -3.29 1.71
C LEU A 41 2.35 -4.12 2.93
N ARG A 42 3.64 -4.18 3.24
CA ARG A 42 4.17 -4.91 4.42
C ARG A 42 5.07 -4.02 5.26
N GLY A 43 4.82 -3.95 6.57
CA GLY A 43 5.50 -3.00 7.47
C GLY A 43 5.09 -1.54 7.25
N ALA A 44 3.85 -1.29 6.80
CA ALA A 44 3.31 0.06 6.59
C ALA A 44 2.95 0.77 7.89
N SER A 45 2.96 2.11 7.89
CA SER A 45 2.50 2.97 9.00
C SER A 45 1.02 3.34 8.86
N GLU A 46 0.32 3.60 9.96
CA GLU A 46 -1.15 3.75 9.99
C GLU A 46 -1.69 4.90 9.13
N GLN A 47 -0.93 5.99 8.98
CA GLN A 47 -1.30 7.12 8.12
C GLN A 47 -1.25 6.70 6.64
N LEU A 48 -0.18 6.02 6.22
CA LEU A 48 -0.06 5.48 4.86
C LEU A 48 -1.14 4.42 4.60
N ILE A 49 -1.41 3.52 5.54
CA ILE A 49 -2.44 2.49 5.40
C ILE A 49 -3.80 3.14 5.12
N ARG A 50 -4.20 4.18 5.86
CA ARG A 50 -5.46 4.90 5.64
C ARG A 50 -5.48 5.68 4.33
N ASP A 51 -4.37 6.32 3.95
CA ASP A 51 -4.25 7.05 2.69
C ASP A 51 -4.39 6.13 1.46
N MET A 52 -3.74 4.96 1.50
CA MET A 52 -3.79 3.98 0.41
C MET A 52 -5.11 3.19 0.39
N GLN A 53 -5.72 2.92 1.56
CA GLN A 53 -7.08 2.37 1.67
C GLN A 53 -8.12 3.28 0.99
N GLU A 54 -8.01 4.60 1.16
CA GLU A 54 -8.92 5.56 0.55
C GLU A 54 -8.84 5.54 -0.99
N ILE A 55 -7.65 5.31 -1.56
CA ILE A 55 -7.47 5.15 -3.01
C ILE A 55 -8.02 3.79 -3.47
N ALA A 56 -7.66 2.71 -2.77
CA ALA A 56 -8.00 1.34 -3.16
C ALA A 56 -9.51 1.08 -3.14
N LYS A 57 -10.22 1.69 -2.18
CA LYS A 57 -11.68 1.57 -2.02
C LYS A 57 -12.45 2.31 -3.12
N GLN A 58 -11.92 3.43 -3.60
CA GLN A 58 -12.52 4.23 -4.68
C GLN A 58 -12.34 3.59 -6.07
N ILE A 59 -11.22 2.91 -6.32
CA ILE A 59 -10.96 2.23 -7.60
C ILE A 59 -11.50 0.79 -7.62
N GLY A 60 -11.59 0.16 -6.44
CA GLY A 60 -11.95 -1.26 -6.30
C GLY A 60 -10.76 -2.23 -6.43
N LEU A 61 -9.52 -1.75 -6.19
CA LEU A 61 -8.30 -2.58 -6.20
C LEU A 61 -8.28 -3.62 -5.07
N GLN A 62 -7.58 -4.74 -5.31
CA GLN A 62 -7.33 -5.80 -4.33
C GLN A 62 -6.08 -5.47 -3.50
N TYR A 63 -6.21 -4.52 -2.58
CA TYR A 63 -5.14 -4.18 -1.62
C TYR A 63 -5.05 -5.21 -0.47
N ARG A 64 -3.85 -5.34 0.11
CA ARG A 64 -3.57 -6.11 1.34
C ARG A 64 -2.55 -5.38 2.18
N THR A 65 -2.82 -5.29 3.48
CA THR A 65 -1.91 -4.70 4.48
C THR A 65 -1.41 -5.78 5.45
N ASP A 66 -0.09 -5.82 5.63
CA ASP A 66 0.64 -6.63 6.63
C ASP A 66 1.61 -5.73 7.43
N GLY A 67 1.06 -4.69 8.05
CA GLY A 67 1.78 -3.65 8.81
C GLY A 67 1.35 -3.50 10.28
N SER A 68 0.80 -4.56 10.89
CA SER A 68 0.31 -4.52 12.28
C SER A 68 1.42 -4.26 13.29
N LEU A 69 1.20 -3.31 14.19
CA LEU A 69 2.07 -2.97 15.32
C LEU A 69 1.24 -2.45 16.51
N GLU A 70 1.49 -2.97 17.70
CA GLU A 70 0.77 -2.60 18.93
C GLU A 70 1.42 -1.39 19.63
N HIS A 71 0.58 -0.51 20.19
CA HIS A 71 0.98 0.71 20.91
C HIS A 71 0.14 0.91 22.19
N HIS A 72 0.71 1.59 23.19
CA HIS A 72 0.05 1.93 24.46
C HIS A 72 0.57 3.27 24.99
N HIS A 73 -0.33 4.10 25.55
CA HIS A 73 -0.05 5.46 26.01
C HIS A 73 -0.81 5.80 27.30
N HIS A 74 -0.19 6.64 28.16
CA HIS A 74 -0.74 7.12 29.44
C HIS A 74 -1.19 5.99 30.40
N HIS A 75 -2.01 6.32 31.40
CA HIS A 75 -2.56 5.36 32.38
C HIS A 75 -3.95 5.77 32.91
N HIS A 76 -4.10 7.04 33.32
CA HIS A 76 -5.26 7.59 34.05
C HIS A 76 -5.61 6.73 35.29
N GLY A 1 11.00 0.42 7.35
CA GLY A 1 10.72 0.50 5.90
C GLY A 1 9.52 -0.36 5.51
N THR A 2 8.90 -0.04 4.37
CA THR A 2 7.74 -0.77 3.81
C THR A 2 8.16 -1.57 2.58
N GLU A 3 7.73 -2.82 2.46
CA GLU A 3 7.91 -3.65 1.25
C GLU A 3 6.59 -3.70 0.48
N ILE A 4 6.63 -3.51 -0.84
CA ILE A 4 5.45 -3.31 -1.69
C ILE A 4 5.51 -4.28 -2.87
N GLU A 5 4.39 -4.94 -3.14
CA GLU A 5 4.20 -5.82 -4.30
C GLU A 5 2.96 -5.37 -5.09
N LEU A 6 3.01 -5.49 -6.41
CA LEU A 6 1.88 -5.20 -7.30
C LEU A 6 1.77 -6.21 -8.44
N GLU A 7 0.54 -6.61 -8.77
CA GLU A 7 0.22 -7.57 -9.84
C GLU A 7 -0.84 -7.02 -10.81
N SER A 8 -0.56 -7.13 -12.11
CA SER A 8 -1.37 -6.59 -13.20
C SER A 8 -2.46 -7.56 -13.68
N LYS A 9 -3.48 -7.03 -14.38
CA LYS A 9 -4.53 -7.81 -15.05
C LYS A 9 -3.98 -8.77 -16.12
N ASN A 10 -2.79 -8.50 -16.66
CA ASN A 10 -2.07 -9.37 -17.61
C ASN A 10 -1.25 -10.50 -16.94
N GLY A 11 -1.38 -10.69 -15.62
CA GLY A 11 -0.79 -11.84 -14.90
C GLY A 11 0.71 -11.72 -14.60
N GLN A 12 1.26 -10.51 -14.53
CA GLN A 12 2.65 -10.24 -14.12
C GLN A 12 2.74 -9.36 -12.87
N ARG A 13 3.81 -9.56 -12.10
CA ARG A 13 4.04 -8.90 -10.80
C ARG A 13 5.44 -8.30 -10.63
N GLU A 14 5.53 -7.25 -9.81
CA GLU A 14 6.78 -6.53 -9.49
C GLU A 14 6.86 -6.15 -8.00
N HIS A 15 8.09 -6.00 -7.47
CA HIS A 15 8.38 -5.75 -6.05
C HIS A 15 9.30 -4.53 -5.83
N TYR A 16 9.02 -3.76 -4.78
CA TYR A 16 9.65 -2.47 -4.44
C TYR A 16 9.85 -2.31 -2.93
N THR A 17 10.85 -1.53 -2.50
CA THR A 17 11.07 -1.15 -1.10
C THR A 17 11.01 0.38 -0.93
N ALA A 18 10.27 0.85 0.08
CA ALA A 18 10.14 2.26 0.45
C ALA A 18 10.73 2.55 1.84
N THR A 19 11.57 3.58 1.95
CA THR A 19 12.19 4.02 3.22
C THR A 19 11.27 4.90 4.08
N SER A 20 10.24 5.49 3.46
CA SER A 20 9.28 6.41 4.08
C SER A 20 7.88 6.20 3.50
N GLU A 21 6.84 6.55 4.27
CA GLU A 21 5.45 6.62 3.81
C GLU A 21 5.31 7.50 2.55
N ASP A 22 6.13 8.55 2.45
CA ASP A 22 6.19 9.47 1.31
C ASP A 22 6.81 8.84 0.06
N GLU A 23 7.70 7.85 0.19
CA GLU A 23 8.19 7.04 -0.93
C GLU A 23 7.19 5.93 -1.28
N ALA A 24 6.55 5.33 -0.27
CA ALA A 24 5.60 4.23 -0.45
C ALA A 24 4.36 4.65 -1.25
N ARG A 25 3.76 5.80 -0.93
CA ARG A 25 2.59 6.34 -1.68
C ARG A 25 2.90 6.60 -3.15
N LYS A 26 4.13 7.00 -3.46
CA LYS A 26 4.64 7.15 -4.84
C LYS A 26 4.77 5.84 -5.60
N ILE A 27 5.10 4.71 -4.94
CA ILE A 27 5.03 3.39 -5.59
C ILE A 27 3.58 3.02 -5.93
N ILE A 28 2.62 3.35 -5.05
CA ILE A 28 1.19 3.02 -5.25
C ILE A 28 0.60 3.85 -6.39
N GLU A 29 0.85 5.17 -6.40
CA GLU A 29 0.31 6.07 -7.43
C GLU A 29 0.88 5.76 -8.83
N LYS A 30 2.14 5.31 -8.88
CA LYS A 30 2.81 4.80 -10.10
C LYS A 30 2.28 3.44 -10.54
N ALA A 31 1.68 2.67 -9.64
CA ALA A 31 1.06 1.40 -9.96
C ALA A 31 -0.38 1.54 -10.47
N VAL A 32 -1.21 2.34 -9.82
CA VAL A 32 -2.64 2.49 -10.19
C VAL A 32 -2.84 3.08 -11.59
N ARG A 33 -1.93 3.94 -12.06
CA ARG A 33 -1.95 4.47 -13.44
C ARG A 33 -1.81 3.38 -14.52
N ARG A 34 -1.12 2.28 -14.18
CA ARG A 34 -0.85 1.12 -15.05
C ARG A 34 -2.02 0.14 -15.11
N GLY A 35 -3.04 0.32 -14.27
CA GLY A 35 -4.21 -0.57 -14.19
C GLY A 35 -3.96 -1.83 -13.35
N ILE A 36 -3.02 -1.76 -12.41
CA ILE A 36 -2.70 -2.83 -11.45
C ILE A 36 -3.97 -3.29 -10.71
N LYS A 37 -4.08 -4.61 -10.50
CA LYS A 37 -5.30 -5.25 -9.95
C LYS A 37 -5.18 -5.49 -8.44
N ARG A 38 -4.01 -5.97 -8.00
CA ARG A 38 -3.68 -6.28 -6.60
C ARG A 38 -2.44 -5.51 -6.16
N ILE A 39 -2.48 -4.97 -4.94
CA ILE A 39 -1.37 -4.29 -4.25
C ILE A 39 -1.18 -4.91 -2.87
N GLU A 40 0.07 -5.17 -2.49
CA GLU A 40 0.46 -5.65 -1.17
C GLU A 40 1.40 -4.64 -0.51
N LEU A 41 1.28 -4.44 0.80
CA LEU A 41 2.16 -3.56 1.58
C LEU A 41 2.49 -4.15 2.96
N ARG A 42 3.78 -4.37 3.24
CA ARG A 42 4.33 -5.09 4.40
C ARG A 42 5.21 -4.19 5.25
N GLY A 43 5.09 -4.29 6.57
CA GLY A 43 5.79 -3.40 7.50
C GLY A 43 5.31 -1.94 7.45
N ALA A 44 4.12 -1.71 6.88
CA ALA A 44 3.57 -0.39 6.65
C ALA A 44 3.10 0.31 7.94
N SER A 45 3.26 1.63 7.99
CA SER A 45 2.78 2.49 9.08
C SER A 45 1.30 2.85 8.90
N GLU A 46 0.59 3.12 10.00
CA GLU A 46 -0.87 3.36 9.99
C GLU A 46 -1.32 4.48 9.03
N GLN A 47 -0.53 5.55 8.89
CA GLN A 47 -0.85 6.65 7.97
C GLN A 47 -0.69 6.23 6.50
N LEU A 48 0.33 5.42 6.16
CA LEU A 48 0.50 4.89 4.80
C LEU A 48 -0.62 3.90 4.46
N ILE A 49 -1.02 3.06 5.42
CA ILE A 49 -2.13 2.12 5.23
C ILE A 49 -3.44 2.89 5.00
N ARG A 50 -3.71 3.97 5.73
CA ARG A 50 -4.88 4.85 5.52
C ARG A 50 -4.83 5.61 4.20
N ASP A 51 -3.66 6.11 3.79
CA ASP A 51 -3.46 6.76 2.51
C ASP A 51 -3.71 5.78 1.34
N MET A 52 -3.24 4.54 1.46
CA MET A 52 -3.45 3.48 0.46
C MET A 52 -4.91 2.99 0.45
N GLN A 53 -5.53 2.82 1.61
CA GLN A 53 -6.95 2.46 1.75
C GLN A 53 -7.89 3.45 1.04
N GLU A 54 -7.60 4.76 1.09
CA GLU A 54 -8.37 5.75 0.35
C GLU A 54 -8.26 5.55 -1.17
N ILE A 55 -7.06 5.32 -1.70
CA ILE A 55 -6.83 5.03 -3.12
C ILE A 55 -7.54 3.73 -3.53
N ALA A 56 -7.43 2.69 -2.71
CA ALA A 56 -8.06 1.39 -2.95
C ALA A 56 -9.59 1.48 -2.97
N LYS A 57 -10.18 2.35 -2.14
CA LYS A 57 -11.62 2.60 -2.06
C LYS A 57 -12.14 3.41 -3.25
N GLN A 58 -11.35 4.35 -3.76
CA GLN A 58 -11.72 5.16 -4.92
C GLN A 58 -11.74 4.35 -6.24
N ILE A 59 -10.85 3.36 -6.38
CA ILE A 59 -10.64 2.61 -7.63
C ILE A 59 -11.21 1.18 -7.57
N GLY A 60 -11.41 0.64 -6.37
CA GLY A 60 -11.81 -0.76 -6.13
C GLY A 60 -10.66 -1.78 -6.21
N LEU A 61 -9.40 -1.34 -6.12
CA LEU A 61 -8.22 -2.22 -6.14
C LEU A 61 -8.23 -3.22 -4.98
N GLN A 62 -7.72 -4.42 -5.22
CA GLN A 62 -7.56 -5.46 -4.19
C GLN A 62 -6.26 -5.21 -3.40
N TYR A 63 -6.30 -4.30 -2.44
CA TYR A 63 -5.19 -4.01 -1.54
C TYR A 63 -5.04 -5.05 -0.42
N ARG A 64 -3.84 -5.17 0.14
CA ARG A 64 -3.53 -5.97 1.32
C ARG A 64 -2.48 -5.33 2.21
N THR A 65 -2.78 -5.18 3.49
CA THR A 65 -1.82 -4.76 4.52
C THR A 65 -1.27 -5.95 5.32
N ASP A 66 0.04 -5.93 5.51
CA ASP A 66 0.83 -6.80 6.40
C ASP A 66 1.80 -5.92 7.23
N GLY A 67 1.34 -4.71 7.61
CA GLY A 67 2.01 -3.77 8.50
C GLY A 67 1.31 -3.69 9.86
N SER A 68 1.11 -2.46 10.33
CA SER A 68 0.52 -2.15 11.64
C SER A 68 -0.51 -1.02 11.55
N LEU A 69 -1.79 -1.35 11.79
CA LEU A 69 -2.91 -0.41 11.87
C LEU A 69 -3.75 -0.74 13.13
N GLU A 70 -3.45 -0.05 14.22
CA GLU A 70 -4.16 -0.18 15.50
C GLU A 70 -5.35 0.81 15.59
N HIS A 71 -6.30 0.53 16.49
CA HIS A 71 -7.45 1.41 16.77
C HIS A 71 -7.71 1.54 18.28
N HIS A 72 -7.70 2.77 18.78
CA HIS A 72 -8.14 3.16 20.12
C HIS A 72 -8.54 4.65 20.14
N HIS A 73 -9.65 4.98 20.80
CA HIS A 73 -10.14 6.35 21.00
C HIS A 73 -10.71 6.53 22.41
N HIS A 74 -10.45 7.69 23.01
CA HIS A 74 -10.94 8.09 24.34
C HIS A 74 -11.09 9.63 24.42
N HIS A 75 -12.07 10.10 25.21
CA HIS A 75 -12.45 11.52 25.34
C HIS A 75 -12.83 12.20 23.99
N HIS A 76 -13.04 13.51 24.01
CA HIS A 76 -13.21 14.40 22.86
C HIS A 76 -12.16 15.54 22.85
#